data_5N9U
#
_entry.id   5N9U
#
loop_
_entity.id
_entity.type
_entity.pdbx_description
1 polymer 'Dehydroascorbate reductase family protein'
2 non-polymer GLUTATHIONE
#
_entity_poly.entity_id   1
_entity_poly.type   'polypeptide(L)'
_entity_poly.pdbx_seq_one_letter_code
;MALEICVKAAVGAPNILGDCPFCQRVLLSLEEKKIPYKSHLINLGDKPQWFLEISPEGKVPVVKIDDKWVADSDVIVGIL
EEKNPEPPLATPPEFASVGSKIFPSFVKFLKSKDPNDGTEQALLEELKALDGHLKVHGPFIAGEKITAVDLSLAPKLYHL
EVALGHFKNWPIPDNLTHVLNYIKLLFSRESFKKTRAAEEHVIAGWEPKVNAHHHHHH
;
_entity_poly.pdbx_strand_id   A
#
# COMPACT_ATOMS: atom_id res chain seq x y z
N MET A 1 21.09 2.66 15.41
CA MET A 1 19.94 2.25 16.27
C MET A 1 18.65 2.76 15.66
N ALA A 2 17.52 2.15 16.07
CA ALA A 2 16.15 2.58 15.76
C ALA A 2 15.80 2.64 14.27
N LEU A 3 14.57 3.08 13.99
CA LEU A 3 13.92 3.11 12.67
C LEU A 3 13.44 4.55 12.38
N GLU A 4 13.96 5.16 11.32
CA GLU A 4 13.51 6.45 10.80
C GLU A 4 12.95 6.29 9.39
N ILE A 5 11.78 6.84 9.09
CA ILE A 5 11.07 6.63 7.82
C ILE A 5 10.69 7.97 7.17
N CYS A 6 10.90 8.08 5.86
CA CYS A 6 10.56 9.26 5.07
C CYS A 6 9.42 8.93 4.11
N VAL A 7 8.32 9.67 4.22
CA VAL A 7 7.03 9.34 3.59
C VAL A 7 6.36 10.55 2.97
N LYS A 8 5.41 10.32 2.05
CA LYS A 8 4.65 11.36 1.35
C LYS A 8 3.92 12.30 2.32
N ALA A 9 4.29 13.58 2.27
CA ALA A 9 3.41 14.66 2.70
C ALA A 9 2.31 14.93 1.66
N ALA A 10 1.14 15.37 2.10
CA ALA A 10 0.04 15.75 1.21
C ALA A 10 0.37 17.00 0.37
N VAL A 11 -0.23 17.07 -0.82
CA VAL A 11 -0.12 18.24 -1.71
C VAL A 11 -0.79 19.45 -1.05
N GLY A 12 -0.06 20.55 -0.88
CA GLY A 12 -0.52 21.77 -0.19
C GLY A 12 -0.63 21.68 1.35
N ALA A 13 -0.66 20.47 1.93
CA ALA A 13 -0.85 20.25 3.36
C ALA A 13 0.31 19.42 3.97
N PRO A 14 1.52 20.00 4.13
CA PRO A 14 2.74 19.24 4.44
C PRO A 14 2.74 18.52 5.80
N ASN A 15 1.81 18.86 6.71
CA ASN A 15 1.69 18.28 8.04
C ASN A 15 0.89 16.96 8.11
N ILE A 16 0.36 16.44 6.99
CA ILE A 16 -0.41 15.18 6.92
C ILE A 16 0.03 14.30 5.74
N LEU A 17 -0.38 13.03 5.75
CA LEU A 17 -0.16 12.08 4.64
C LEU A 17 -1.10 12.38 3.46
N GLY A 18 -0.61 12.14 2.24
CA GLY A 18 -1.41 12.10 1.00
C GLY A 18 -1.07 10.89 0.12
N ASP A 19 -1.37 10.94 -1.18
CA ASP A 19 -1.10 9.83 -2.12
C ASP A 19 0.39 9.44 -2.22
N CYS A 20 0.73 8.39 -1.48
CA CYS A 20 1.69 7.35 -1.86
C CYS A 20 1.31 6.04 -1.13
N PRO A 21 0.56 5.10 -1.76
CA PRO A 21 0.19 3.84 -1.10
C PRO A 21 1.40 2.96 -0.82
N PHE A 22 2.53 3.18 -1.51
CA PHE A 22 3.82 2.54 -1.24
C PHE A 22 4.42 2.94 0.13
N CYS A 23 4.26 4.20 0.56
CA CYS A 23 4.59 4.61 1.93
C CYS A 23 3.69 3.94 2.97
N GLN A 24 2.41 3.79 2.63
CA GLN A 24 1.41 3.22 3.53
C GLN A 24 1.67 1.73 3.86
N ARG A 25 2.36 0.99 2.96
CA ARG A 25 2.90 -0.36 3.22
C ARG A 25 3.86 -0.40 4.42
N VAL A 26 4.76 0.59 4.50
CA VAL A 26 5.83 0.65 5.51
C VAL A 26 5.25 0.99 6.89
N LEU A 27 4.27 1.90 6.95
CA LEU A 27 3.50 2.16 8.16
C LEU A 27 2.73 0.91 8.63
N LEU A 28 2.15 0.16 7.69
CA LEU A 28 1.37 -1.06 7.94
C LEU A 28 2.19 -2.16 8.62
N SER A 29 3.40 -2.49 8.16
CA SER A 29 4.21 -3.54 8.81
C SER A 29 4.79 -3.10 10.16
N LEU A 30 5.16 -1.82 10.31
CA LEU A 30 5.60 -1.25 11.60
C LEU A 30 4.49 -1.29 12.65
N GLU A 31 3.25 -0.98 12.26
CA GLU A 31 2.10 -0.97 13.17
C GLU A 31 1.49 -2.36 13.43
N GLU A 32 1.68 -3.34 12.54
CA GLU A 32 1.44 -4.77 12.84
C GLU A 32 2.41 -5.30 13.91
N LYS A 33 3.70 -4.95 13.78
CA LYS A 33 4.73 -5.22 14.80
C LYS A 33 4.53 -4.38 16.06
N LYS A 34 3.85 -3.23 15.98
CA LYS A 34 3.74 -2.20 17.04
C LYS A 34 5.11 -1.63 17.45
N ILE A 35 6.12 -1.80 16.60
CA ILE A 35 7.52 -1.49 16.86
C ILE A 35 7.75 0.04 16.85
N PRO A 36 8.55 0.64 17.74
CA PRO A 36 8.77 2.09 17.74
C PRO A 36 9.52 2.55 16.48
N TYR A 37 9.01 3.60 15.85
CA TYR A 37 9.59 4.27 14.68
C TYR A 37 9.40 5.80 14.76
N LYS A 38 10.06 6.53 13.87
CA LYS A 38 10.00 8.00 13.73
C LYS A 38 9.75 8.35 12.27
N SER A 39 8.73 9.18 12.00
CA SER A 39 8.24 9.47 10.64
C SER A 39 8.47 10.92 10.22
N HIS A 40 8.89 11.11 8.97
CA HIS A 40 9.34 12.38 8.39
C HIS A 40 8.54 12.64 7.12
N LEU A 41 7.64 13.63 7.17
CA LEU A 41 6.78 14.00 6.05
C LEU A 41 7.58 14.81 5.01
N ILE A 42 7.88 14.18 3.87
CA ILE A 42 8.58 14.80 2.74
C ILE A 42 7.56 15.42 1.77
N ASN A 43 7.64 16.73 1.56
CA ASN A 43 7.02 17.36 0.40
C ASN A 43 7.79 16.93 -0.87
N LEU A 44 7.06 16.40 -1.86
CA LEU A 44 7.67 15.99 -3.13
C LEU A 44 7.71 17.12 -4.17
N GLY A 45 6.91 18.19 -4.00
CA GLY A 45 6.98 19.39 -4.84
C GLY A 45 8.14 20.34 -4.48
N ASP A 46 8.68 20.24 -3.26
CA ASP A 46 9.84 20.98 -2.77
C ASP A 46 10.60 20.10 -1.78
N LYS A 47 11.56 19.33 -2.32
CA LYS A 47 12.28 18.27 -1.59
C LYS A 47 13.47 18.88 -0.82
N PRO A 48 13.69 18.51 0.46
CA PRO A 48 14.90 18.89 1.18
C PRO A 48 16.16 18.40 0.49
N GLN A 49 17.23 19.20 0.46
CA GLN A 49 18.47 18.85 -0.25
C GLN A 49 19.13 17.56 0.28
N TRP A 50 19.13 17.38 1.60
CA TRP A 50 19.61 16.17 2.27
C TRP A 50 18.77 14.91 1.98
N PHE A 51 17.57 15.04 1.42
CA PHE A 51 16.74 13.88 1.10
C PHE A 51 17.34 13.00 -0.01
N LEU A 52 18.15 13.60 -0.90
CA LEU A 52 18.89 12.87 -1.93
C LEU A 52 20.06 12.03 -1.36
N GLU A 53 20.55 12.36 -0.16
CA GLU A 53 21.53 11.55 0.59
C GLU A 53 20.91 10.27 1.19
N ILE A 54 19.57 10.22 1.27
CA ILE A 54 18.80 9.07 1.77
C ILE A 54 18.19 8.27 0.61
N SER A 55 17.63 8.95 -0.40
CA SER A 55 16.99 8.36 -1.57
C SER A 55 17.62 8.91 -2.86
N PRO A 56 18.48 8.15 -3.57
CA PRO A 56 19.18 8.64 -4.76
C PRO A 56 18.26 8.90 -5.97
N GLU A 57 17.06 8.30 -6.00
CA GLU A 57 16.01 8.63 -6.97
C GLU A 57 15.15 9.85 -6.55
N GLY A 58 15.34 10.38 -5.34
CA GLY A 58 14.50 11.43 -4.76
C GLY A 58 13.08 10.99 -4.41
N LYS A 59 12.81 9.67 -4.38
CA LYS A 59 11.48 9.09 -4.13
C LYS A 59 11.23 8.79 -2.65
N VAL A 60 9.95 8.73 -2.28
CA VAL A 60 9.42 8.06 -1.08
C VAL A 60 8.62 6.79 -1.45
N PRO A 61 8.48 5.82 -0.53
CA PRO A 61 9.18 5.71 0.74
C PRO A 61 10.68 5.47 0.59
N VAL A 62 11.40 5.90 1.62
CA VAL A 62 12.74 5.46 1.95
C VAL A 62 12.85 5.41 3.47
N VAL A 63 13.61 4.46 4.01
CA VAL A 63 13.80 4.30 5.45
C VAL A 63 15.27 4.29 5.80
N LYS A 64 15.59 4.49 7.08
CA LYS A 64 16.83 4.07 7.71
C LYS A 64 16.57 2.93 8.70
N ILE A 65 17.21 1.79 8.50
CA ILE A 65 17.25 0.66 9.43
C ILE A 65 18.65 0.62 10.06
N ASP A 66 18.71 0.85 11.37
CA ASP A 66 19.96 1.12 12.10
C ASP A 66 20.80 2.28 11.51
N ASP A 67 20.12 3.38 11.15
CA ASP A 67 20.66 4.54 10.41
C ASP A 67 21.07 4.26 8.93
N LYS A 68 21.09 3.01 8.44
CA LYS A 68 21.48 2.68 7.06
C LYS A 68 20.27 2.65 6.12
N TRP A 69 20.36 3.38 5.00
CA TRP A 69 19.19 3.65 4.16
C TRP A 69 18.76 2.43 3.32
N VAL A 70 17.45 2.32 3.07
CA VAL A 70 16.81 1.35 2.17
C VAL A 70 15.67 2.05 1.43
N ALA A 71 15.67 1.98 0.10
CA ALA A 71 14.65 2.55 -0.78
C ALA A 71 13.82 1.45 -1.47
N ASP A 72 12.69 1.84 -2.07
CA ASP A 72 11.71 1.00 -2.77
C ASP A 72 10.94 0.03 -1.84
N SER A 73 9.63 0.24 -1.71
CA SER A 73 8.81 -0.33 -0.64
C SER A 73 8.70 -1.85 -0.64
N ASP A 74 8.79 -2.53 -1.78
CA ASP A 74 8.87 -4.01 -1.81
C ASP A 74 10.24 -4.53 -1.29
N VAL A 75 11.33 -3.77 -1.46
CA VAL A 75 12.64 -4.06 -0.85
C VAL A 75 12.66 -3.72 0.64
N ILE A 76 12.07 -2.58 1.02
CA ILE A 76 11.93 -2.14 2.43
C ILE A 76 11.12 -3.16 3.23
N VAL A 77 9.98 -3.63 2.69
CA VAL A 77 9.16 -4.70 3.27
C VAL A 77 9.95 -6.03 3.34
N GLY A 78 10.67 -6.39 2.29
CA GLY A 78 11.51 -7.59 2.27
C GLY A 78 12.56 -7.62 3.40
N ILE A 79 13.23 -6.49 3.66
CA ILE A 79 14.22 -6.38 4.74
C ILE A 79 13.57 -6.26 6.13
N LEU A 80 12.49 -5.48 6.29
CA LEU A 80 11.77 -5.37 7.58
C LEU A 80 11.17 -6.70 8.04
N GLU A 81 10.67 -7.50 7.10
CA GLU A 81 10.05 -8.79 7.39
C GLU A 81 11.03 -9.97 7.38
N GLU A 82 12.33 -9.69 7.31
CA GLU A 82 13.41 -10.69 7.43
C GLU A 82 14.41 -10.35 8.57
N LYS A 83 14.79 -9.07 8.70
CA LYS A 83 15.90 -8.59 9.54
C LYS A 83 15.45 -7.49 10.51
N ASN A 84 14.58 -7.85 11.45
CA ASN A 84 14.10 -6.96 12.52
C ASN A 84 13.96 -7.75 13.86
N PRO A 85 13.82 -7.09 15.03
CA PRO A 85 13.79 -7.77 16.34
C PRO A 85 12.47 -8.50 16.66
N GLU A 86 11.34 -8.05 16.12
CA GLU A 86 10.07 -8.79 16.18
C GLU A 86 10.08 -9.93 15.14
N PRO A 87 9.21 -10.96 15.25
CA PRO A 87 9.24 -12.11 14.35
C PRO A 87 9.21 -11.75 12.84
N PRO A 88 9.99 -12.45 12.00
CA PRO A 88 10.00 -12.25 10.55
C PRO A 88 8.69 -12.75 9.91
N LEU A 89 8.26 -12.09 8.85
CA LEU A 89 7.01 -12.38 8.13
C LEU A 89 7.19 -12.48 6.60
N ALA A 90 8.43 -12.50 6.09
CA ALA A 90 8.78 -12.52 4.66
C ALA A 90 8.52 -13.88 3.96
N THR A 91 7.38 -14.52 4.25
CA THR A 91 6.94 -15.78 3.63
C THR A 91 5.80 -15.51 2.63
N PRO A 92 6.07 -15.53 1.31
CA PRO A 92 5.04 -15.40 0.27
C PRO A 92 4.43 -16.78 -0.10
N PRO A 93 3.15 -17.04 0.21
CA PRO A 93 2.43 -18.24 -0.24
C PRO A 93 1.88 -18.08 -1.68
N GLU A 94 1.04 -19.02 -2.11
CA GLU A 94 0.41 -19.11 -3.44
C GLU A 94 -0.32 -17.82 -3.84
N PHE A 95 -0.89 -17.12 -2.87
CA PHE A 95 -1.57 -15.83 -3.04
C PHE A 95 -0.67 -14.73 -3.63
N ALA A 96 0.66 -14.83 -3.50
CA ALA A 96 1.61 -13.92 -4.16
C ALA A 96 1.60 -14.06 -5.70
N SER A 97 1.26 -15.23 -6.25
CA SER A 97 1.19 -15.45 -7.70
C SER A 97 0.10 -14.61 -8.37
N VAL A 98 -1.12 -14.61 -7.82
CA VAL A 98 -2.24 -13.77 -8.27
C VAL A 98 -2.08 -12.32 -7.78
N GLY A 99 -1.59 -12.13 -6.55
CA GLY A 99 -1.37 -10.82 -5.96
C GLY A 99 -0.31 -9.97 -6.68
N SER A 100 0.71 -10.60 -7.28
CA SER A 100 1.71 -9.92 -8.11
C SER A 100 1.18 -9.48 -9.49
N LYS A 101 0.02 -9.99 -9.94
CA LYS A 101 -0.73 -9.48 -11.11
C LYS A 101 -1.68 -8.33 -10.75
N ILE A 102 -2.35 -8.44 -9.59
CA ILE A 102 -3.20 -7.40 -8.99
C ILE A 102 -2.38 -6.14 -8.64
N PHE A 103 -1.15 -6.33 -8.17
CA PHE A 103 -0.23 -5.27 -7.74
C PHE A 103 -0.01 -4.15 -8.78
N PRO A 104 0.40 -4.44 -10.03
CA PRO A 104 0.45 -3.44 -11.10
C PRO A 104 -0.92 -3.18 -11.74
N SER A 105 -1.82 -4.17 -11.87
CA SER A 105 -3.09 -3.99 -12.60
C SER A 105 -4.03 -2.99 -11.90
N PHE A 106 -3.98 -2.91 -10.56
CA PHE A 106 -4.71 -1.90 -9.77
C PHE A 106 -4.02 -0.52 -9.76
N VAL A 107 -2.71 -0.41 -10.04
CA VAL A 107 -2.09 0.89 -10.38
C VAL A 107 -2.51 1.35 -11.78
N LYS A 108 -2.61 0.42 -12.73
CA LYS A 108 -3.07 0.71 -14.09
C LYS A 108 -4.55 1.07 -14.17
N PHE A 109 -5.38 0.57 -13.24
CA PHE A 109 -6.77 0.96 -13.04
C PHE A 109 -6.90 2.47 -12.73
N LEU A 110 -6.01 2.99 -11.89
CA LEU A 110 -5.85 4.42 -11.56
C LEU A 110 -5.07 5.24 -12.61
N LYS A 111 -4.68 4.63 -13.75
CA LYS A 111 -3.98 5.22 -14.91
C LYS A 111 -4.58 4.72 -16.24
N SER A 112 -5.90 4.54 -16.24
CA SER A 112 -6.69 3.88 -17.28
C SER A 112 -7.05 4.79 -18.46
N LYS A 113 -6.01 5.35 -19.10
CA LYS A 113 -6.09 5.93 -20.45
C LYS A 113 -6.47 4.86 -21.47
N ASP A 114 -5.80 3.73 -21.35
CA ASP A 114 -6.21 2.38 -21.77
C ASP A 114 -7.44 1.98 -20.91
N PRO A 115 -8.63 1.70 -21.49
CA PRO A 115 -9.89 1.75 -20.74
C PRO A 115 -9.96 0.84 -19.50
N ASN A 116 -10.47 1.41 -18.41
CA ASN A 116 -10.81 0.66 -17.18
C ASN A 116 -12.00 -0.29 -17.41
N ASP A 117 -12.95 0.08 -18.26
CA ASP A 117 -14.10 -0.75 -18.67
C ASP A 117 -13.71 -2.09 -19.33
N GLY A 118 -12.57 -2.12 -20.04
CA GLY A 118 -11.98 -3.34 -20.58
C GLY A 118 -11.04 -4.05 -19.61
N THR A 119 -10.30 -3.27 -18.80
CA THR A 119 -9.35 -3.79 -17.78
C THR A 119 -10.08 -4.56 -16.67
N GLU A 120 -11.23 -4.06 -16.22
CA GLU A 120 -12.07 -4.61 -15.15
C GLU A 120 -12.56 -6.05 -15.45
N GLN A 121 -12.69 -6.41 -16.72
CA GLN A 121 -13.05 -7.76 -17.16
C GLN A 121 -11.94 -8.79 -16.90
N ALA A 122 -10.69 -8.36 -16.68
CA ALA A 122 -9.63 -9.17 -16.12
C ALA A 122 -9.53 -9.06 -14.59
N LEU A 123 -9.79 -7.88 -14.01
CA LEU A 123 -9.67 -7.65 -12.57
C LEU A 123 -10.69 -8.44 -11.74
N LEU A 124 -11.91 -8.65 -12.26
CA LEU A 124 -12.91 -9.50 -11.60
C LEU A 124 -12.44 -10.96 -11.51
N GLU A 125 -11.73 -11.46 -12.53
CA GLU A 125 -11.22 -12.84 -12.54
C GLU A 125 -9.90 -12.99 -11.75
N GLU A 126 -9.08 -11.94 -11.69
CA GLU A 126 -7.95 -11.82 -10.75
C GLU A 126 -8.43 -11.86 -9.29
N LEU A 127 -9.46 -11.08 -8.96
CA LEU A 127 -10.07 -11.09 -7.62
C LEU A 127 -10.73 -12.43 -7.31
N LYS A 128 -11.43 -13.08 -8.25
CA LYS A 128 -12.02 -14.43 -8.03
C LYS A 128 -10.96 -15.49 -7.77
N ALA A 129 -9.85 -15.48 -8.51
CA ALA A 129 -8.76 -16.44 -8.35
C ALA A 129 -8.08 -16.33 -6.98
N LEU A 130 -7.95 -15.11 -6.45
CA LEU A 130 -7.47 -14.85 -5.09
C LEU A 130 -8.54 -15.25 -4.04
N ASP A 131 -9.75 -14.70 -4.17
CA ASP A 131 -10.87 -14.81 -3.24
C ASP A 131 -11.38 -16.25 -3.05
N GLY A 132 -11.38 -17.05 -4.12
CA GLY A 132 -11.80 -18.46 -4.08
C GLY A 132 -10.97 -19.33 -3.14
N HIS A 133 -9.68 -19.03 -2.99
CA HIS A 133 -8.80 -19.69 -2.02
C HIS A 133 -8.67 -18.91 -0.69
N LEU A 134 -8.80 -17.58 -0.69
CA LEU A 134 -8.81 -16.78 0.55
C LEU A 134 -10.02 -17.08 1.45
N LYS A 135 -11.19 -17.40 0.88
CA LYS A 135 -12.38 -17.84 1.63
C LYS A 135 -12.21 -19.19 2.34
N VAL A 136 -11.15 -19.95 2.05
CA VAL A 136 -10.77 -21.15 2.81
C VAL A 136 -9.92 -20.81 4.05
N HIS A 137 -9.16 -19.71 4.00
CA HIS A 137 -8.23 -19.28 5.06
C HIS A 137 -8.86 -18.26 6.02
N GLY A 138 -9.69 -17.34 5.52
CA GLY A 138 -10.57 -16.47 6.31
C GLY A 138 -10.25 -14.96 6.31
N PRO A 139 -9.15 -14.50 6.94
CA PRO A 139 -9.05 -13.11 7.41
C PRO A 139 -8.21 -12.11 6.56
N PHE A 140 -7.13 -12.53 5.90
CA PHE A 140 -6.15 -11.62 5.30
C PHE A 140 -5.76 -12.02 3.87
N ILE A 141 -5.28 -11.08 3.05
CA ILE A 141 -4.98 -11.29 1.62
C ILE A 141 -3.75 -12.19 1.36
N ALA A 142 -2.93 -12.47 2.36
CA ALA A 142 -1.92 -13.53 2.33
C ALA A 142 -2.36 -14.86 2.99
N GLY A 143 -3.58 -14.97 3.55
CA GLY A 143 -4.09 -16.18 4.20
C GLY A 143 -4.51 -15.97 5.68
N GLU A 144 -4.12 -16.90 6.55
CA GLU A 144 -4.49 -16.89 7.98
C GLU A 144 -3.98 -15.67 8.76
N LYS A 145 -2.89 -15.05 8.30
CA LYS A 145 -2.26 -13.87 8.91
C LYS A 145 -1.71 -12.94 7.83
N ILE A 146 -1.41 -11.70 8.22
CA ILE A 146 -0.68 -10.74 7.38
C ILE A 146 0.73 -11.27 7.06
N THR A 147 1.05 -11.41 5.77
CA THR A 147 2.43 -11.50 5.24
C THR A 147 2.52 -10.70 3.94
N ALA A 148 3.52 -10.97 3.10
CA ALA A 148 3.90 -10.11 1.98
C ALA A 148 2.73 -9.69 1.05
N VAL A 149 1.70 -10.51 0.84
CA VAL A 149 0.61 -10.17 -0.11
C VAL A 149 -0.30 -9.05 0.40
N ASP A 150 -0.60 -9.01 1.70
CA ASP A 150 -1.24 -7.84 2.35
C ASP A 150 -0.35 -6.60 2.27
N LEU A 151 0.95 -6.76 2.55
CA LEU A 151 1.93 -5.68 2.44
C LEU A 151 2.09 -5.19 0.99
N SER A 152 1.86 -6.04 0.00
CA SER A 152 1.84 -5.64 -1.41
C SER A 152 0.57 -4.89 -1.83
N LEU A 153 -0.59 -5.17 -1.22
CA LEU A 153 -1.91 -4.79 -1.78
C LEU A 153 -2.83 -3.97 -0.87
N ALA A 154 -2.83 -4.17 0.45
CA ALA A 154 -3.82 -3.62 1.38
C ALA A 154 -4.04 -2.09 1.25
N PRO A 155 -2.99 -1.23 1.26
CA PRO A 155 -3.17 0.21 1.07
C PRO A 155 -3.62 0.59 -0.35
N LYS A 156 -3.31 -0.25 -1.36
CA LYS A 156 -3.72 -0.02 -2.75
C LYS A 156 -5.21 -0.26 -2.97
N LEU A 157 -5.82 -1.17 -2.20
CA LEU A 157 -7.26 -1.42 -2.22
C LEU A 157 -8.06 -0.26 -1.59
N TYR A 158 -7.60 0.27 -0.45
CA TYR A 158 -8.16 1.49 0.13
C TYR A 158 -7.95 2.73 -0.76
N HIS A 159 -6.79 2.84 -1.40
CA HIS A 159 -6.54 3.89 -2.39
C HIS A 159 -7.46 3.78 -3.62
N LEU A 160 -7.81 2.57 -4.06
CA LEU A 160 -8.79 2.38 -5.14
C LEU A 160 -10.20 2.79 -4.69
N GLU A 161 -10.63 2.33 -3.52
CA GLU A 161 -11.91 2.67 -2.89
C GLU A 161 -12.14 4.19 -2.80
N VAL A 162 -11.11 4.94 -2.38
CA VAL A 162 -11.14 6.41 -2.33
C VAL A 162 -11.01 7.07 -3.70
N ALA A 163 -9.92 6.82 -4.44
CA ALA A 163 -9.58 7.61 -5.63
C ALA A 163 -10.38 7.21 -6.88
N LEU A 164 -10.68 5.92 -7.05
CA LEU A 164 -11.60 5.48 -8.11
C LEU A 164 -13.05 5.82 -7.77
N GLY A 165 -13.40 5.85 -6.47
CA GLY A 165 -14.68 6.35 -5.95
C GLY A 165 -15.04 7.77 -6.39
N HIS A 166 -14.03 8.61 -6.66
CA HIS A 166 -14.21 9.98 -7.15
C HIS A 166 -14.80 10.10 -8.58
N PHE A 167 -14.73 9.05 -9.42
CA PHE A 167 -15.23 9.10 -10.80
C PHE A 167 -15.93 7.83 -11.30
N LYS A 168 -15.59 6.66 -10.76
CA LYS A 168 -16.18 5.36 -11.08
C LYS A 168 -16.13 4.45 -9.86
N ASN A 169 -17.09 4.63 -8.95
CA ASN A 169 -17.22 3.89 -7.69
C ASN A 169 -17.53 2.39 -7.92
N TRP A 170 -16.52 1.62 -8.32
CA TRP A 170 -16.61 0.25 -8.82
C TRP A 170 -16.95 -0.75 -7.70
N PRO A 171 -18.14 -1.39 -7.71
CA PRO A 171 -18.59 -2.24 -6.62
C PRO A 171 -17.89 -3.61 -6.64
N ILE A 172 -17.49 -4.08 -5.46
CA ILE A 172 -17.10 -5.47 -5.21
C ILE A 172 -18.35 -6.29 -4.84
N PRO A 173 -18.81 -7.27 -5.66
CA PRO A 173 -19.99 -8.08 -5.33
C PRO A 173 -19.71 -9.05 -4.18
N ASP A 174 -20.75 -9.47 -3.45
CA ASP A 174 -20.67 -10.42 -2.32
C ASP A 174 -20.19 -11.84 -2.69
N ASN A 175 -20.15 -12.17 -3.97
CA ASN A 175 -19.46 -13.36 -4.49
C ASN A 175 -17.95 -13.34 -4.23
N LEU A 176 -17.33 -12.15 -4.19
CA LEU A 176 -15.97 -11.89 -3.71
C LEU A 176 -15.96 -11.71 -2.18
N THR A 177 -16.45 -12.74 -1.50
CA THR A 177 -16.91 -12.66 -0.09
C THR A 177 -15.76 -12.43 0.90
N HIS A 178 -14.51 -12.76 0.56
CA HIS A 178 -13.35 -12.30 1.31
C HIS A 178 -13.06 -10.82 1.00
N VAL A 179 -12.94 -10.44 -0.29
CA VAL A 179 -12.55 -9.07 -0.69
C VAL A 179 -13.50 -7.99 -0.14
N LEU A 180 -14.81 -8.20 -0.25
CA LEU A 180 -15.83 -7.25 0.23
C LEU A 180 -15.81 -7.07 1.76
N ASN A 181 -15.38 -8.07 2.51
CA ASN A 181 -15.26 -7.98 3.97
C ASN A 181 -13.86 -7.56 4.44
N TYR A 182 -12.82 -7.89 3.69
CA TYR A 182 -11.45 -7.47 3.91
C TYR A 182 -11.26 -5.95 3.77
N ILE A 183 -11.96 -5.32 2.83
CA ILE A 183 -11.98 -3.84 2.70
C ILE A 183 -12.53 -3.18 3.98
N LYS A 184 -13.53 -3.78 4.63
CA LYS A 184 -14.07 -3.32 5.93
C LYS A 184 -13.04 -3.49 7.07
N LEU A 185 -12.13 -4.47 6.98
CA LEU A 185 -11.01 -4.63 7.92
C LEU A 185 -9.93 -3.55 7.78
N LEU A 186 -9.82 -2.86 6.65
CA LEU A 186 -8.87 -1.75 6.48
C LEU A 186 -9.18 -0.54 7.38
N PHE A 187 -10.43 -0.43 7.84
CA PHE A 187 -10.89 0.51 8.87
C PHE A 187 -10.68 -0.01 10.32
N SER A 188 -9.80 -1.00 10.51
CA SER A 188 -9.54 -1.71 11.79
C SER A 188 -8.05 -2.07 11.98
N ARG A 189 -7.72 -2.69 13.12
CA ARG A 189 -6.35 -2.94 13.62
C ARG A 189 -5.53 -1.67 13.84
N GLU A 190 -4.35 -1.83 14.44
CA GLU A 190 -3.25 -0.87 14.36
C GLU A 190 -2.73 -0.77 12.92
N SER A 191 -2.50 -1.94 12.30
CA SER A 191 -1.82 -2.13 11.02
C SER A 191 -2.48 -1.47 9.82
N PHE A 192 -3.82 -1.47 9.72
CA PHE A 192 -4.51 -0.77 8.63
C PHE A 192 -4.99 0.62 9.08
N LYS A 193 -5.74 0.72 10.18
CA LYS A 193 -6.46 1.95 10.54
C LYS A 193 -5.56 3.16 10.81
N LYS A 194 -4.39 2.98 11.45
CA LYS A 194 -3.44 4.08 11.71
C LYS A 194 -2.85 4.69 10.44
N THR A 195 -2.85 3.91 9.35
CA THR A 195 -2.21 4.28 8.08
C THR A 195 -3.14 5.03 7.11
N ARG A 196 -4.43 5.14 7.46
CA ARG A 196 -5.49 5.76 6.64
C ARG A 196 -5.17 7.25 6.37
N ALA A 197 -4.92 7.58 5.11
CA ALA A 197 -4.74 8.96 4.65
C ALA A 197 -6.05 9.79 4.70
N ALA A 198 -5.93 11.12 4.65
CA ALA A 198 -7.08 12.01 4.49
C ALA A 198 -7.58 11.99 3.02
N GLU A 199 -8.86 11.71 2.81
CA GLU A 199 -9.38 11.15 1.55
C GLU A 199 -9.44 12.13 0.37
N GLU A 200 -9.68 13.40 0.66
CA GLU A 200 -9.51 14.52 -0.27
C GLU A 200 -8.05 14.68 -0.70
N HIS A 201 -7.13 14.42 0.24
CA HIS A 201 -5.69 14.53 0.06
C HIS A 201 -5.05 13.27 -0.57
N VAL A 202 -5.83 12.19 -0.71
CA VAL A 202 -5.56 11.10 -1.67
C VAL A 202 -5.97 11.52 -3.08
N ILE A 203 -7.21 12.01 -3.26
CA ILE A 203 -7.77 12.38 -4.56
C ILE A 203 -6.98 13.52 -5.23
N ALA A 204 -6.70 14.59 -4.48
CA ALA A 204 -5.87 15.73 -4.91
C ALA A 204 -4.36 15.42 -4.96
N GLY A 205 -3.94 14.23 -4.50
CA GLY A 205 -2.61 13.69 -4.78
C GLY A 205 -2.56 12.84 -6.06
N TRP A 206 -3.66 12.14 -6.36
CA TRP A 206 -3.80 11.18 -7.47
C TRP A 206 -4.11 11.81 -8.83
N GLU A 207 -4.85 12.93 -8.90
CA GLU A 207 -5.24 13.55 -10.19
C GLU A 207 -4.08 13.74 -11.19
N PRO A 208 -2.96 14.41 -10.84
CA PRO A 208 -1.86 14.58 -11.78
C PRO A 208 -1.11 13.26 -12.04
N LYS A 209 -1.24 12.28 -11.14
CA LYS A 209 -0.72 10.91 -11.27
C LYS A 209 -1.64 9.96 -12.04
N VAL A 210 -2.78 10.42 -12.57
CA VAL A 210 -3.41 9.82 -13.77
C VAL A 210 -2.51 10.03 -15.00
N ASN A 211 -1.75 11.13 -15.03
CA ASN A 211 -0.82 11.47 -16.10
C ASN A 211 0.63 11.04 -15.85
N ALA A 212 1.19 11.42 -14.70
CA ALA A 212 2.58 11.18 -14.27
C ALA A 212 2.77 9.81 -13.61
N MET A 1 21.57 2.30 13.21
CA MET A 1 20.73 1.70 14.28
C MET A 1 19.29 2.19 14.16
N ALA A 2 18.34 1.42 14.71
CA ALA A 2 16.91 1.77 14.75
C ALA A 2 16.28 1.98 13.36
N LEU A 3 15.13 2.66 13.29
CA LEU A 3 14.30 2.79 12.09
C LEU A 3 13.72 4.21 11.99
N GLU A 4 13.76 4.76 10.78
CA GLU A 4 13.03 5.96 10.37
C GLU A 4 12.48 5.75 8.96
N ILE A 5 11.37 6.41 8.63
CA ILE A 5 10.73 6.35 7.30
C ILE A 5 10.41 7.77 6.83
N CYS A 6 10.61 8.03 5.54
CA CYS A 6 10.20 9.27 4.89
C CYS A 6 9.09 8.98 3.87
N VAL A 7 7.95 9.63 4.06
CA VAL A 7 6.67 9.28 3.42
C VAL A 7 5.96 10.54 2.92
N LYS A 8 5.04 10.39 1.95
CA LYS A 8 4.32 11.52 1.37
C LYS A 8 3.56 12.31 2.45
N ALA A 9 3.96 13.56 2.66
CA ALA A 9 3.07 14.58 3.19
C ALA A 9 2.17 15.16 2.09
N ALA A 10 0.98 15.61 2.44
CA ALA A 10 0.08 16.25 1.50
C ALA A 10 0.67 17.55 0.89
N VAL A 11 0.25 17.87 -0.33
CA VAL A 11 0.50 19.19 -0.93
C VAL A 11 -0.38 20.22 -0.21
N GLY A 12 0.18 21.38 0.14
CA GLY A 12 -0.51 22.42 0.91
C GLY A 12 -0.61 22.14 2.42
N ALA A 13 -0.77 20.88 2.83
CA ALA A 13 -0.87 20.45 4.23
C ALA A 13 0.25 19.47 4.65
N PRO A 14 1.53 19.93 4.73
CA PRO A 14 2.67 19.05 5.01
C PRO A 14 2.66 18.42 6.43
N ASN A 15 1.74 18.83 7.30
CA ASN A 15 1.51 18.25 8.62
C ASN A 15 0.65 16.96 8.62
N ILE A 16 0.19 16.49 7.45
CA ILE A 16 -0.57 15.24 7.29
C ILE A 16 -0.03 14.38 6.13
N LEU A 17 -0.38 13.09 6.11
CA LEU A 17 -0.15 12.21 4.95
C LEU A 17 -0.95 12.67 3.73
N GLY A 18 -0.43 12.37 2.53
CA GLY A 18 -1.14 12.45 1.24
C GLY A 18 -0.86 11.23 0.36
N ASP A 19 -1.20 11.28 -0.93
CA ASP A 19 -1.02 10.15 -1.87
C ASP A 19 0.43 9.62 -1.95
N CYS A 20 0.61 8.42 -1.35
CA CYS A 20 1.44 7.35 -1.90
C CYS A 20 1.01 6.00 -1.28
N PRO A 21 0.28 5.14 -1.98
CA PRO A 21 -0.11 3.82 -1.44
C PRO A 21 1.09 2.90 -1.20
N PHE A 22 2.22 3.17 -1.84
CA PHE A 22 3.49 2.49 -1.58
C PHE A 22 4.09 2.84 -0.19
N CYS A 23 3.77 4.01 0.38
CA CYS A 23 4.12 4.36 1.77
C CYS A 23 3.23 3.63 2.78
N GLN A 24 1.95 3.46 2.46
CA GLN A 24 0.99 2.75 3.30
C GLN A 24 1.36 1.28 3.54
N ARG A 25 2.10 0.64 2.61
CA ARG A 25 2.70 -0.70 2.79
C ARG A 25 3.63 -0.76 4.02
N VAL A 26 4.45 0.28 4.19
CA VAL A 26 5.46 0.39 5.25
C VAL A 26 4.83 0.74 6.60
N LEU A 27 3.85 1.66 6.60
CA LEU A 27 3.05 1.96 7.79
C LEU A 27 2.31 0.71 8.31
N LEU A 28 1.73 -0.08 7.39
CA LEU A 28 0.96 -1.28 7.71
C LEU A 28 1.77 -2.33 8.48
N SER A 29 2.97 -2.70 7.99
CA SER A 29 3.74 -3.78 8.62
C SER A 29 4.42 -3.36 9.92
N LEU A 30 4.94 -2.12 10.00
CA LEU A 30 5.60 -1.63 11.22
C LEU A 30 4.60 -1.48 12.36
N GLU A 31 3.37 -1.01 12.08
CA GLU A 31 2.30 -0.92 13.08
C GLU A 31 1.62 -2.25 13.39
N GLU A 32 1.62 -3.23 12.48
CA GLU A 32 1.19 -4.59 12.79
C GLU A 32 2.15 -5.28 13.77
N LYS A 33 3.45 -5.20 13.46
CA LYS A 33 4.57 -5.70 14.29
C LYS A 33 4.91 -4.82 15.51
N LYS A 34 4.20 -3.69 15.70
CA LYS A 34 4.41 -2.72 16.81
C LYS A 34 5.84 -2.12 16.88
N ILE A 35 6.58 -2.16 15.77
CA ILE A 35 7.95 -1.62 15.67
C ILE A 35 7.88 -0.09 15.74
N PRO A 36 8.66 0.59 16.60
CA PRO A 36 8.75 2.05 16.61
C PRO A 36 9.60 2.58 15.44
N TYR A 37 9.16 3.69 14.84
CA TYR A 37 9.85 4.40 13.77
C TYR A 37 9.61 5.91 13.91
N LYS A 38 10.55 6.75 13.44
CA LYS A 38 10.21 8.14 13.12
C LYS A 38 9.48 8.19 11.78
N SER A 39 8.35 8.91 11.71
CA SER A 39 7.59 9.13 10.48
C SER A 39 7.81 10.55 9.96
N HIS A 40 8.77 10.70 9.05
CA HIS A 40 9.09 11.97 8.42
C HIS A 40 8.11 12.25 7.28
N LEU A 41 7.09 13.08 7.57
CA LEU A 41 6.19 13.61 6.57
C LEU A 41 6.96 14.56 5.64
N ILE A 42 7.19 14.15 4.39
CA ILE A 42 7.86 14.95 3.35
C ILE A 42 6.92 15.14 2.17
N ASN A 43 6.49 16.38 1.90
CA ASN A 43 5.86 16.70 0.63
C ASN A 43 6.96 16.81 -0.45
N LEU A 44 7.27 15.70 -1.13
CA LEU A 44 8.43 15.60 -2.04
C LEU A 44 8.46 16.57 -3.24
N GLY A 45 7.41 17.34 -3.51
CA GLY A 45 7.48 18.48 -4.42
C GLY A 45 8.37 19.60 -3.87
N ASP A 46 8.26 19.79 -2.56
CA ASP A 46 9.00 20.72 -1.70
C ASP A 46 10.04 19.98 -0.83
N LYS A 47 10.83 19.10 -1.48
CA LYS A 47 11.78 18.21 -0.80
C LYS A 47 13.02 18.98 -0.30
N PRO A 48 13.38 18.89 1.00
CA PRO A 48 14.64 19.41 1.50
C PRO A 48 15.83 18.57 1.01
N GLN A 49 17.03 19.14 1.02
CA GLN A 49 18.26 18.43 0.63
C GLN A 49 18.58 17.22 1.52
N TRP A 50 18.19 17.26 2.78
CA TRP A 50 18.19 16.11 3.72
C TRP A 50 17.40 14.89 3.22
N PHE A 51 16.29 15.11 2.51
CA PHE A 51 15.53 14.04 1.88
C PHE A 51 16.16 13.55 0.57
N LEU A 52 16.78 14.45 -0.22
CA LEU A 52 17.53 14.09 -1.42
C LEU A 52 18.86 13.37 -1.15
N GLU A 53 19.41 13.50 0.07
CA GLU A 53 20.49 12.64 0.56
C GLU A 53 20.00 11.20 0.73
N ILE A 54 18.85 11.01 1.39
CA ILE A 54 18.24 9.70 1.66
C ILE A 54 17.65 9.07 0.38
N SER A 55 17.13 9.88 -0.55
CA SER A 55 16.41 9.48 -1.78
C SER A 55 16.86 10.35 -2.96
N PRO A 56 18.00 10.03 -3.62
CA PRO A 56 18.52 10.81 -4.74
C PRO A 56 17.60 10.82 -5.97
N GLU A 57 16.72 9.83 -6.14
CA GLU A 57 15.62 9.85 -7.11
C GLU A 57 14.45 10.77 -6.71
N GLY A 58 14.43 11.26 -5.46
CA GLY A 58 13.44 12.20 -4.93
C GLY A 58 12.07 11.60 -4.62
N LYS A 59 11.99 10.28 -4.39
CA LYS A 59 10.75 9.49 -4.29
C LYS A 59 10.46 8.96 -2.90
N VAL A 60 9.19 8.64 -2.65
CA VAL A 60 8.69 7.97 -1.44
C VAL A 60 7.96 6.66 -1.77
N PRO A 61 7.88 5.69 -0.83
CA PRO A 61 8.64 5.65 0.43
C PRO A 61 10.15 5.54 0.21
N VAL A 62 10.87 6.05 1.20
CA VAL A 62 12.28 5.74 1.43
C VAL A 62 12.48 5.59 2.93
N VAL A 63 13.35 4.69 3.35
CA VAL A 63 13.47 4.27 4.76
C VAL A 63 14.92 4.19 5.19
N LYS A 64 15.13 4.18 6.50
CA LYS A 64 16.43 4.22 7.18
C LYS A 64 16.56 3.01 8.10
N ILE A 65 16.57 1.82 7.50
CA ILE A 65 16.59 0.53 8.23
C ILE A 65 18.00 0.32 8.80
N ASP A 66 18.12 0.17 10.13
CA ASP A 66 19.40 0.30 10.81
C ASP A 66 20.08 1.66 10.50
N ASP A 67 19.28 2.73 10.37
CA ASP A 67 19.66 4.08 9.88
C ASP A 67 20.05 4.15 8.38
N LYS A 68 20.21 3.01 7.70
CA LYS A 68 20.72 2.90 6.32
C LYS A 68 19.61 3.12 5.29
N TRP A 69 19.91 3.93 4.29
CA TRP A 69 18.96 4.43 3.29
C TRP A 69 18.57 3.34 2.29
N VAL A 70 17.26 3.14 2.09
CA VAL A 70 16.69 2.16 1.13
C VAL A 70 15.43 2.75 0.49
N ALA A 71 15.37 2.73 -0.85
CA ALA A 71 14.20 3.10 -1.65
C ALA A 71 13.49 1.85 -2.21
N ASP A 72 12.34 2.08 -2.88
CA ASP A 72 11.47 1.10 -3.54
C ASP A 72 10.77 0.11 -2.59
N SER A 73 9.44 0.28 -2.43
CA SER A 73 8.64 -0.38 -1.41
C SER A 73 8.61 -1.91 -1.47
N ASP A 74 8.86 -2.52 -2.63
CA ASP A 74 9.03 -3.97 -2.75
C ASP A 74 10.38 -4.47 -2.19
N VAL A 75 11.46 -3.71 -2.39
CA VAL A 75 12.78 -3.95 -1.76
C VAL A 75 12.73 -3.68 -0.26
N ILE A 76 12.02 -2.63 0.15
CA ILE A 76 11.81 -2.28 1.56
C ILE A 76 11.02 -3.37 2.29
N VAL A 77 9.96 -3.91 1.70
CA VAL A 77 9.22 -5.09 2.21
C VAL A 77 10.13 -6.33 2.27
N GLY A 78 10.95 -6.55 1.25
CA GLY A 78 11.96 -7.62 1.21
C GLY A 78 13.08 -7.52 2.26
N ILE A 79 13.22 -6.38 2.95
CA ILE A 79 14.08 -6.25 4.14
C ILE A 79 13.25 -6.27 5.43
N LEU A 80 12.23 -5.42 5.54
CA LEU A 80 11.46 -5.22 6.78
C LEU A 80 10.74 -6.48 7.26
N GLU A 81 10.28 -7.33 6.35
CA GLU A 81 9.47 -8.50 6.66
C GLU A 81 10.29 -9.77 6.93
N GLU A 82 11.62 -9.70 6.78
CA GLU A 82 12.57 -10.76 7.15
C GLU A 82 13.54 -10.31 8.26
N LYS A 83 14.23 -9.19 8.06
CA LYS A 83 15.42 -8.78 8.83
C LYS A 83 15.05 -7.85 9.99
N ASN A 84 14.20 -8.35 10.89
CA ASN A 84 13.76 -7.69 12.12
C ASN A 84 13.78 -8.67 13.31
N PRO A 85 13.74 -8.18 14.57
CA PRO A 85 13.59 -9.06 15.75
C PRO A 85 12.17 -9.64 15.86
N GLU A 86 11.17 -8.98 15.27
CA GLU A 86 9.78 -9.43 15.21
C GLU A 86 9.59 -10.59 14.20
N PRO A 87 8.67 -11.54 14.43
CA PRO A 87 8.53 -12.74 13.59
C PRO A 87 8.23 -12.43 12.11
N PRO A 88 8.91 -13.09 11.16
CA PRO A 88 8.89 -12.69 9.76
C PRO A 88 7.51 -12.80 9.09
N LEU A 89 7.19 -11.77 8.31
CA LEU A 89 6.03 -11.70 7.40
C LEU A 89 6.46 -11.88 5.93
N ALA A 90 7.76 -12.05 5.67
CA ALA A 90 8.34 -12.60 4.45
C ALA A 90 8.15 -14.13 4.40
N THR A 91 6.90 -14.55 4.58
CA THR A 91 6.47 -15.94 4.79
C THR A 91 5.32 -16.26 3.84
N PRO A 92 5.56 -16.19 2.51
CA PRO A 92 4.49 -15.95 1.53
C PRO A 92 3.73 -17.26 1.21
N PRO A 93 2.41 -17.30 1.40
CA PRO A 93 1.57 -18.40 0.90
C PRO A 93 1.40 -18.31 -0.62
N GLU A 94 0.72 -19.31 -1.21
CA GLU A 94 0.48 -19.40 -2.66
C GLU A 94 -0.28 -18.20 -3.27
N PHE A 95 -1.01 -17.44 -2.44
CA PHE A 95 -1.59 -16.13 -2.77
C PHE A 95 -0.58 -15.12 -3.31
N ALA A 96 0.72 -15.23 -3.01
CA ALA A 96 1.77 -14.39 -3.58
C ALA A 96 1.90 -14.53 -5.12
N SER A 97 1.60 -15.72 -5.66
CA SER A 97 1.56 -16.00 -7.11
C SER A 97 0.40 -15.29 -7.82
N VAL A 98 -0.68 -14.99 -7.09
CA VAL A 98 -1.84 -14.23 -7.57
C VAL A 98 -1.62 -12.72 -7.34
N GLY A 99 -1.12 -12.36 -6.16
CA GLY A 99 -0.85 -10.98 -5.75
C GLY A 99 0.22 -10.28 -6.59
N SER A 100 1.19 -11.01 -7.14
CA SER A 100 2.17 -10.46 -8.10
C SER A 100 1.56 -10.05 -9.45
N LYS A 101 0.36 -10.56 -9.80
CA LYS A 101 -0.43 -10.15 -10.98
C LYS A 101 -1.49 -9.10 -10.62
N ILE A 102 -2.07 -9.17 -9.43
CA ILE A 102 -3.03 -8.16 -8.92
C ILE A 102 -2.33 -6.80 -8.67
N PHE A 103 -1.09 -6.80 -8.16
CA PHE A 103 -0.36 -5.56 -7.87
C PHE A 103 -0.15 -4.63 -9.08
N PRO A 104 0.30 -5.10 -10.26
CA PRO A 104 0.36 -4.28 -11.47
C PRO A 104 -1.01 -4.05 -12.13
N SER A 105 -1.99 -4.96 -12.05
CA SER A 105 -3.32 -4.70 -12.60
C SER A 105 -4.12 -3.66 -11.79
N PHE A 106 -3.87 -3.56 -10.48
CA PHE A 106 -4.25 -2.38 -9.67
C PHE A 106 -3.55 -1.09 -10.12
N VAL A 107 -2.25 -1.12 -10.47
CA VAL A 107 -1.56 0.09 -10.98
C VAL A 107 -2.15 0.53 -12.33
N LYS A 108 -2.54 -0.41 -13.20
CA LYS A 108 -3.28 -0.11 -14.44
C LYS A 108 -4.70 0.42 -14.18
N PHE A 109 -5.40 -0.09 -13.16
CA PHE A 109 -6.73 0.35 -12.74
C PHE A 109 -6.71 1.75 -12.09
N LEU A 110 -5.60 2.10 -11.43
CA LEU A 110 -5.28 3.44 -10.93
C LEU A 110 -4.65 4.37 -11.98
N LYS A 111 -4.46 3.95 -13.24
CA LYS A 111 -3.81 4.71 -14.33
C LYS A 111 -4.41 4.41 -15.72
N SER A 112 -5.72 4.23 -15.80
CA SER A 112 -6.39 3.56 -16.94
C SER A 112 -6.48 4.37 -18.24
N LYS A 113 -5.33 4.70 -18.83
CA LYS A 113 -5.19 5.21 -20.22
C LYS A 113 -5.53 4.12 -21.25
N ASP A 114 -5.16 2.87 -20.95
CA ASP A 114 -5.83 1.67 -21.45
C ASP A 114 -7.08 1.44 -20.56
N PRO A 115 -8.31 1.45 -21.11
CA PRO A 115 -9.52 1.81 -20.37
C PRO A 115 -9.79 1.04 -19.08
N ASN A 116 -10.48 1.70 -18.15
CA ASN A 116 -10.72 1.19 -16.80
C ASN A 116 -11.63 -0.04 -16.80
N ASP A 117 -12.70 -0.05 -17.60
CA ASP A 117 -13.68 -1.15 -17.67
C ASP A 117 -13.14 -2.39 -18.40
N GLY A 118 -12.14 -2.22 -19.27
CA GLY A 118 -11.38 -3.33 -19.87
C GLY A 118 -10.29 -3.85 -18.93
N THR A 119 -9.67 -2.96 -18.17
CA THR A 119 -8.75 -3.31 -17.07
C THR A 119 -9.46 -3.99 -15.90
N GLU A 120 -10.76 -3.72 -15.71
CA GLU A 120 -11.59 -4.27 -14.66
C GLU A 120 -11.66 -5.80 -14.74
N GLN A 121 -11.83 -6.36 -15.93
CA GLN A 121 -11.86 -7.81 -16.14
C GLN A 121 -10.46 -8.44 -15.94
N ALA A 122 -9.40 -7.75 -16.38
CA ALA A 122 -8.01 -8.16 -16.13
C ALA A 122 -7.56 -8.05 -14.65
N LEU A 123 -8.31 -7.32 -13.83
CA LEU A 123 -8.16 -7.28 -12.37
C LEU A 123 -9.08 -8.32 -11.68
N LEU A 124 -10.31 -8.47 -12.16
CA LEU A 124 -11.34 -9.34 -11.58
C LEU A 124 -10.99 -10.82 -11.62
N GLU A 125 -10.44 -11.37 -12.71
CA GLU A 125 -10.18 -12.82 -12.77
C GLU A 125 -9.12 -13.26 -11.76
N GLU A 126 -8.12 -12.42 -11.50
CA GLU A 126 -7.12 -12.64 -10.45
C GLU A 126 -7.69 -12.39 -9.03
N LEU A 127 -8.57 -11.40 -8.85
CA LEU A 127 -9.28 -11.23 -7.57
C LEU A 127 -10.25 -12.38 -7.27
N LYS A 128 -10.92 -12.96 -8.27
CA LYS A 128 -11.77 -14.17 -8.11
C LYS A 128 -10.93 -15.38 -7.72
N ALA A 129 -9.77 -15.56 -8.34
CA ALA A 129 -8.83 -16.62 -8.01
C ALA A 129 -8.28 -16.48 -6.57
N LEU A 130 -8.02 -15.25 -6.13
CA LEU A 130 -7.64 -14.95 -4.74
C LEU A 130 -8.79 -15.25 -3.75
N ASP A 131 -9.99 -14.72 -4.02
CA ASP A 131 -11.16 -14.78 -3.12
C ASP A 131 -11.70 -16.20 -2.94
N GLY A 132 -11.71 -17.00 -4.02
CA GLY A 132 -12.15 -18.40 -3.97
C GLY A 132 -11.31 -19.29 -3.06
N HIS A 133 -10.00 -19.06 -2.98
CA HIS A 133 -9.10 -19.77 -2.07
C HIS A 133 -9.03 -19.11 -0.68
N LEU A 134 -9.15 -17.78 -0.58
CA LEU A 134 -9.10 -17.05 0.70
C LEU A 134 -10.21 -17.46 1.67
N LYS A 135 -11.42 -17.76 1.15
CA LYS A 135 -12.57 -18.26 1.94
C LYS A 135 -12.37 -19.64 2.56
N VAL A 136 -11.22 -20.30 2.31
CA VAL A 136 -10.77 -21.53 3.00
C VAL A 136 -9.66 -21.27 4.04
N HIS A 137 -8.84 -20.22 3.85
CA HIS A 137 -7.61 -20.01 4.63
C HIS A 137 -7.78 -19.10 5.86
N GLY A 138 -8.39 -17.92 5.71
CA GLY A 138 -8.49 -16.95 6.81
C GLY A 138 -8.72 -15.50 6.37
N PRO A 139 -8.98 -14.59 7.33
CA PRO A 139 -9.58 -13.28 7.09
C PRO A 139 -8.66 -12.23 6.43
N PHE A 140 -7.34 -12.45 6.40
CA PHE A 140 -6.38 -11.54 5.75
C PHE A 140 -6.16 -11.91 4.28
N ILE A 141 -5.52 -11.05 3.46
CA ILE A 141 -5.26 -11.32 2.03
C ILE A 141 -4.21 -12.43 1.81
N ALA A 142 -3.49 -12.82 2.86
CA ALA A 142 -2.67 -14.03 2.90
C ALA A 142 -3.33 -15.22 3.63
N GLY A 143 -4.51 -15.07 4.24
CA GLY A 143 -5.15 -16.11 5.05
C GLY A 143 -5.17 -15.78 6.55
N GLU A 144 -4.61 -16.66 7.38
CA GLU A 144 -4.76 -16.62 8.85
C GLU A 144 -4.01 -15.44 9.52
N LYS A 145 -3.04 -14.84 8.81
CA LYS A 145 -2.22 -13.72 9.27
C LYS A 145 -1.97 -12.73 8.12
N ILE A 146 -1.69 -11.47 8.45
CA ILE A 146 -1.09 -10.49 7.53
C ILE A 146 0.31 -10.98 7.11
N THR A 147 0.59 -11.02 5.81
CA THR A 147 1.95 -11.23 5.27
C THR A 147 2.33 -10.18 4.22
N ALA A 148 3.50 -10.30 3.59
CA ALA A 148 3.92 -9.45 2.46
C ALA A 148 2.91 -9.38 1.28
N VAL A 149 1.97 -10.34 1.16
CA VAL A 149 0.87 -10.29 0.18
C VAL A 149 -0.16 -9.21 0.53
N ASP A 150 -0.55 -9.09 1.80
CA ASP A 150 -1.37 -7.98 2.33
C ASP A 150 -0.68 -6.63 2.15
N LEU A 151 0.62 -6.56 2.47
CA LEU A 151 1.41 -5.34 2.29
C LEU A 151 1.48 -4.89 0.82
N SER A 152 1.23 -5.79 -0.13
CA SER A 152 1.19 -5.47 -1.55
C SER A 152 -0.18 -4.97 -2.00
N LEU A 153 -1.27 -5.61 -1.56
CA LEU A 153 -2.62 -5.39 -2.09
C LEU A 153 -3.50 -4.43 -1.25
N ALA A 154 -3.34 -4.42 0.08
CA ALA A 154 -4.21 -3.67 1.00
C ALA A 154 -4.29 -2.15 0.75
N PRO A 155 -3.18 -1.41 0.59
CA PRO A 155 -3.27 0.03 0.33
C PRO A 155 -3.74 0.35 -1.09
N LYS A 156 -3.56 -0.58 -2.05
CA LYS A 156 -4.12 -0.42 -3.40
C LYS A 156 -5.64 -0.57 -3.42
N LEU A 157 -6.22 -1.42 -2.55
CA LEU A 157 -7.66 -1.48 -2.32
C LEU A 157 -8.23 -0.21 -1.66
N TYR A 158 -7.55 0.35 -0.65
CA TYR A 158 -7.90 1.67 -0.09
C TYR A 158 -7.85 2.77 -1.16
N HIS A 159 -6.86 2.72 -2.05
CA HIS A 159 -6.74 3.69 -3.15
C HIS A 159 -7.82 3.52 -4.25
N LEU A 160 -8.43 2.33 -4.39
CA LEU A 160 -9.63 2.17 -5.22
C LEU A 160 -10.87 2.81 -4.57
N GLU A 161 -11.13 2.49 -3.30
CA GLU A 161 -12.32 2.96 -2.57
C GLU A 161 -12.29 4.49 -2.36
N VAL A 162 -11.10 5.09 -2.30
CA VAL A 162 -10.88 6.53 -2.15
C VAL A 162 -10.68 7.25 -3.50
N ALA A 163 -9.53 7.06 -4.14
CA ALA A 163 -9.04 8.00 -5.16
C ALA A 163 -9.68 7.80 -6.53
N LEU A 164 -9.72 6.55 -7.00
CA LEU A 164 -10.56 6.19 -8.14
C LEU A 164 -12.06 6.32 -7.80
N GLY A 165 -12.44 6.02 -6.54
CA GLY A 165 -13.80 6.10 -6.03
C GLY A 165 -14.49 7.45 -6.19
N HIS A 166 -13.73 8.55 -6.16
CA HIS A 166 -14.21 9.91 -6.43
C HIS A 166 -14.72 10.13 -7.87
N PHE A 167 -14.23 9.35 -8.84
CA PHE A 167 -14.58 9.48 -10.28
C PHE A 167 -15.28 8.25 -10.85
N LYS A 168 -15.01 7.06 -10.29
CA LYS A 168 -15.73 5.79 -10.50
C LYS A 168 -15.73 5.04 -9.16
N ASN A 169 -16.80 5.23 -8.38
CA ASN A 169 -17.11 4.41 -7.21
C ASN A 169 -17.48 2.97 -7.62
N TRP A 170 -16.45 2.17 -7.90
CA TRP A 170 -16.57 0.84 -8.48
C TRP A 170 -17.18 -0.15 -7.47
N PRO A 171 -18.37 -0.73 -7.74
CA PRO A 171 -18.96 -1.72 -6.85
C PRO A 171 -18.16 -3.02 -6.89
N ILE A 172 -17.42 -3.29 -5.82
CA ILE A 172 -16.77 -4.59 -5.56
C ILE A 172 -17.85 -5.68 -5.55
N PRO A 173 -17.84 -6.65 -6.50
CA PRO A 173 -18.92 -7.63 -6.60
C PRO A 173 -18.99 -8.52 -5.35
N ASP A 174 -20.20 -8.93 -4.95
CA ASP A 174 -20.43 -9.84 -3.81
C ASP A 174 -19.84 -11.26 -3.99
N ASN A 175 -19.52 -11.63 -5.23
CA ASN A 175 -18.72 -12.80 -5.59
C ASN A 175 -17.28 -12.73 -5.02
N LEU A 176 -16.70 -11.53 -4.97
CA LEU A 176 -15.48 -11.20 -4.22
C LEU A 176 -15.79 -10.95 -2.74
N THR A 177 -16.50 -11.90 -2.13
CA THR A 177 -17.06 -11.78 -0.78
C THR A 177 -15.97 -11.52 0.26
N HIS A 178 -14.79 -12.10 0.06
CA HIS A 178 -13.64 -11.94 0.95
C HIS A 178 -12.89 -10.63 0.72
N VAL A 179 -12.73 -10.16 -0.53
CA VAL A 179 -12.16 -8.83 -0.82
C VAL A 179 -13.05 -7.71 -0.28
N LEU A 180 -14.38 -7.84 -0.40
CA LEU A 180 -15.33 -6.87 0.15
C LEU A 180 -15.28 -6.81 1.69
N ASN A 181 -15.18 -7.96 2.38
CA ASN A 181 -14.94 -8.01 3.83
C ASN A 181 -13.57 -7.43 4.21
N TYR A 182 -12.52 -7.78 3.46
CA TYR A 182 -11.15 -7.34 3.70
C TYR A 182 -10.97 -5.82 3.55
N ILE A 183 -11.72 -5.19 2.63
CA ILE A 183 -11.78 -3.72 2.52
C ILE A 183 -12.28 -3.07 3.82
N LYS A 184 -13.15 -3.74 4.59
CA LYS A 184 -13.62 -3.24 5.89
C LYS A 184 -12.66 -3.56 7.05
N LEU A 185 -11.67 -4.44 6.84
CA LEU A 185 -10.49 -4.52 7.70
C LEU A 185 -9.50 -3.35 7.49
N LEU A 186 -9.56 -2.61 6.38
CA LEU A 186 -8.64 -1.48 6.10
C LEU A 186 -8.78 -0.29 7.06
N PHE A 187 -9.87 -0.24 7.83
CA PHE A 187 -10.11 0.77 8.88
C PHE A 187 -9.94 0.21 10.30
N SER A 188 -9.41 -1.01 10.43
CA SER A 188 -9.33 -1.81 11.66
C SER A 188 -7.89 -2.04 12.17
N ARG A 189 -7.78 -2.73 13.32
CA ARG A 189 -6.53 -2.94 14.08
C ARG A 189 -5.88 -1.59 14.46
N GLU A 190 -4.63 -1.64 14.90
CA GLU A 190 -3.75 -0.48 14.93
C GLU A 190 -3.17 -0.22 13.52
N SER A 191 -2.93 -1.29 12.77
CA SER A 191 -2.08 -1.33 11.58
C SER A 191 -2.73 -0.71 10.34
N PHE A 192 -3.80 -1.29 9.79
CA PHE A 192 -4.50 -0.70 8.64
C PHE A 192 -5.09 0.67 8.97
N LYS A 193 -5.67 0.80 10.17
CA LYS A 193 -6.26 2.05 10.68
C LYS A 193 -5.28 3.24 10.71
N LYS A 194 -3.98 2.99 10.86
CA LYS A 194 -2.93 4.03 10.81
C LYS A 194 -2.39 4.34 9.41
N THR A 195 -2.70 3.56 8.37
CA THR A 195 -2.30 3.93 7.00
C THR A 195 -3.16 5.06 6.41
N ARG A 196 -4.31 5.38 7.02
CA ARG A 196 -5.26 6.38 6.53
C ARG A 196 -4.62 7.78 6.41
N ALA A 197 -4.88 8.45 5.29
CA ALA A 197 -4.59 9.87 5.07
C ALA A 197 -5.89 10.68 5.00
N ALA A 198 -5.82 12.02 4.87
CA ALA A 198 -7.02 12.80 4.55
C ALA A 198 -7.44 12.51 3.10
N GLU A 199 -8.60 11.87 2.89
CA GLU A 199 -8.99 11.30 1.59
C GLU A 199 -9.03 12.32 0.43
N GLU A 200 -9.34 13.59 0.72
CA GLU A 200 -9.27 14.71 -0.25
C GLU A 200 -7.85 14.90 -0.80
N HIS A 201 -6.86 14.78 0.08
CA HIS A 201 -5.42 14.91 -0.21
C HIS A 201 -4.79 13.61 -0.72
N VAL A 202 -5.57 12.52 -0.77
CA VAL A 202 -5.27 11.31 -1.56
C VAL A 202 -5.79 11.47 -2.98
N ILE A 203 -7.05 11.90 -3.15
CA ILE A 203 -7.68 12.16 -4.47
C ILE A 203 -6.90 13.22 -5.27
N ALA A 204 -6.62 14.37 -4.65
CA ALA A 204 -5.84 15.46 -5.25
C ALA A 204 -4.35 15.14 -5.42
N GLY A 205 -3.84 14.08 -4.79
CA GLY A 205 -2.49 13.57 -5.01
C GLY A 205 -2.40 12.54 -6.14
N TRP A 206 -3.46 11.75 -6.34
CA TRP A 206 -3.58 10.69 -7.32
C TRP A 206 -3.91 11.17 -8.74
N GLU A 207 -4.72 12.22 -8.88
CA GLU A 207 -5.13 12.75 -10.19
C GLU A 207 -3.95 13.04 -11.16
N PRO A 208 -2.85 13.71 -10.75
CA PRO A 208 -1.67 13.85 -11.60
C PRO A 208 -0.89 12.53 -11.79
N LYS A 209 -0.97 11.58 -10.85
CA LYS A 209 -0.34 10.24 -10.98
C LYS A 209 -1.09 9.28 -11.91
N VAL A 210 -2.32 9.60 -12.32
CA VAL A 210 -2.95 8.99 -13.52
C VAL A 210 -2.11 9.24 -14.78
N ASN A 211 -1.28 10.30 -14.78
CA ASN A 211 -0.38 10.64 -15.87
C ASN A 211 1.12 10.32 -15.66
N ALA A 212 1.54 9.90 -14.46
CA ALA A 212 2.94 9.64 -14.10
C ALA A 212 3.21 8.16 -13.78
N MET A 1 21.02 1.47 14.62
CA MET A 1 20.01 1.29 15.68
C MET A 1 18.71 1.95 15.26
N ALA A 2 17.58 1.32 15.60
CA ALA A 2 16.21 1.84 15.44
C ALA A 2 15.81 2.17 13.97
N LEU A 3 14.61 2.75 13.82
CA LEU A 3 13.94 3.00 12.55
C LEU A 3 13.57 4.49 12.40
N GLU A 4 13.96 5.09 11.28
CA GLU A 4 13.35 6.32 10.75
C GLU A 4 12.77 6.02 9.36
N ILE A 5 11.63 6.61 9.01
CA ILE A 5 10.99 6.49 7.69
C ILE A 5 10.66 7.87 7.13
N CYS A 6 10.71 8.01 5.81
CA CYS A 6 10.35 9.22 5.08
C CYS A 6 9.22 8.89 4.11
N VAL A 7 8.09 9.59 4.26
CA VAL A 7 6.82 9.28 3.60
C VAL A 7 6.17 10.53 2.99
N LYS A 8 5.25 10.35 2.05
CA LYS A 8 4.54 11.45 1.38
C LYS A 8 3.71 12.27 2.36
N ALA A 9 4.04 13.55 2.49
CA ALA A 9 3.14 14.56 3.05
C ALA A 9 2.07 14.99 2.03
N ALA A 10 0.90 15.43 2.50
CA ALA A 10 -0.19 15.88 1.64
C ALA A 10 0.17 17.16 0.85
N VAL A 11 -0.27 17.20 -0.40
CA VAL A 11 -0.14 18.38 -1.27
C VAL A 11 -1.02 19.50 -0.70
N GLY A 12 -0.41 20.64 -0.38
CA GLY A 12 -1.04 21.77 0.29
C GLY A 12 -1.20 21.65 1.82
N ALA A 13 -1.04 20.45 2.39
CA ALA A 13 -1.17 20.19 3.83
C ALA A 13 0.00 19.34 4.37
N PRO A 14 1.25 19.83 4.31
CA PRO A 14 2.44 19.03 4.62
C PRO A 14 2.55 18.56 6.09
N ASN A 15 1.65 19.02 6.95
CA ASN A 15 1.47 18.56 8.34
C ASN A 15 0.72 17.21 8.48
N ILE A 16 0.25 16.58 7.39
CA ILE A 16 -0.43 15.27 7.40
C ILE A 16 0.06 14.36 6.25
N LEU A 17 -0.25 13.06 6.33
CA LEU A 17 -0.03 12.09 5.26
C LEU A 17 -0.83 12.45 4.00
N GLY A 18 -0.25 12.17 2.82
CA GLY A 18 -0.88 12.35 1.50
C GLY A 18 -0.86 11.12 0.61
N ASP A 19 -1.32 11.27 -0.64
CA ASP A 19 -1.37 10.17 -1.60
C ASP A 19 0.01 9.59 -1.96
N CYS A 20 0.28 8.38 -1.41
CA CYS A 20 1.28 7.43 -1.90
C CYS A 20 1.00 6.05 -1.27
N PRO A 21 0.27 5.14 -1.94
CA PRO A 21 -0.01 3.81 -1.39
C PRO A 21 1.24 2.97 -1.15
N PHE A 22 2.35 3.25 -1.84
CA PHE A 22 3.66 2.67 -1.54
C PHE A 22 4.21 3.05 -0.14
N CYS A 23 3.90 4.25 0.37
CA CYS A 23 4.26 4.65 1.74
C CYS A 23 3.39 3.94 2.78
N GLN A 24 2.11 3.74 2.46
CA GLN A 24 1.18 3.04 3.34
C GLN A 24 1.56 1.56 3.57
N ARG A 25 2.35 0.93 2.67
CA ARG A 25 2.97 -0.41 2.89
C ARG A 25 3.86 -0.44 4.14
N VAL A 26 4.67 0.61 4.33
CA VAL A 26 5.65 0.72 5.43
C VAL A 26 4.99 1.17 6.73
N LEU A 27 4.00 2.06 6.65
CA LEU A 27 3.15 2.39 7.80
C LEU A 27 2.40 1.14 8.32
N LEU A 28 1.89 0.31 7.40
CA LEU A 28 1.17 -0.92 7.73
C LEU A 28 2.04 -1.92 8.51
N SER A 29 3.23 -2.26 8.01
CA SER A 29 4.04 -3.32 8.64
C SER A 29 4.74 -2.89 9.93
N LEU A 30 5.16 -1.63 10.06
CA LEU A 30 5.78 -1.15 11.29
C LEU A 30 4.77 -0.97 12.44
N GLU A 31 3.51 -0.64 12.12
CA GLU A 31 2.41 -0.66 13.09
C GLU A 31 1.91 -2.08 13.41
N GLU A 32 1.93 -3.02 12.46
CA GLU A 32 1.61 -4.43 12.72
C GLU A 32 2.67 -5.13 13.60
N LYS A 33 3.95 -4.87 13.32
CA LYS A 33 5.07 -5.21 14.22
C LYS A 33 5.17 -4.30 15.44
N LYS A 34 4.26 -3.33 15.63
CA LYS A 34 4.14 -2.40 16.77
C LYS A 34 5.48 -1.74 17.21
N ILE A 35 6.44 -1.68 16.30
CA ILE A 35 7.86 -1.40 16.60
C ILE A 35 8.12 0.11 16.49
N PRO A 36 8.77 0.76 17.47
CA PRO A 36 8.89 2.22 17.46
C PRO A 36 9.72 2.72 16.27
N TYR A 37 9.09 3.53 15.43
CA TYR A 37 9.68 4.21 14.28
C TYR A 37 9.35 5.72 14.29
N LYS A 38 10.22 6.51 13.66
CA LYS A 38 10.04 7.96 13.49
C LYS A 38 9.55 8.25 12.07
N SER A 39 8.38 8.89 11.93
CA SER A 39 7.80 9.24 10.62
C SER A 39 8.13 10.69 10.21
N HIS A 40 8.94 10.85 9.16
CA HIS A 40 9.19 12.13 8.49
C HIS A 40 8.16 12.33 7.36
N LEU A 41 7.31 13.34 7.51
CA LEU A 41 6.46 13.87 6.44
C LEU A 41 7.31 14.69 5.45
N ILE A 42 7.52 14.17 4.23
CA ILE A 42 8.26 14.87 3.17
C ILE A 42 7.28 15.51 2.18
N ASN A 43 7.34 16.84 2.08
CA ASN A 43 6.57 17.66 1.12
C ASN A 43 7.17 17.61 -0.31
N LEU A 44 7.39 16.42 -0.86
CA LEU A 44 8.43 16.13 -1.88
C LEU A 44 8.44 16.90 -3.22
N GLY A 45 7.51 17.84 -3.47
CA GLY A 45 7.74 18.87 -4.50
C GLY A 45 8.84 19.84 -4.08
N ASP A 46 8.81 20.22 -2.81
CA ASP A 46 9.86 20.91 -2.05
C ASP A 46 10.66 19.90 -1.20
N LYS A 47 11.33 18.96 -1.88
CA LYS A 47 12.14 17.91 -1.20
C LYS A 47 13.49 18.48 -0.75
N PRO A 48 13.90 18.31 0.53
CA PRO A 48 15.21 18.73 1.01
C PRO A 48 16.38 18.01 0.32
N GLN A 49 17.55 18.66 0.29
CA GLN A 49 18.80 18.04 -0.18
C GLN A 49 19.19 16.79 0.63
N TRP A 50 19.06 16.84 1.96
CA TRP A 50 19.35 15.70 2.85
C TRP A 50 18.39 14.52 2.67
N PHE A 51 17.21 14.72 2.06
CA PHE A 51 16.31 13.62 1.72
C PHE A 51 16.79 12.85 0.47
N LEU A 52 17.49 13.50 -0.47
CA LEU A 52 18.17 12.82 -1.59
C LEU A 52 19.37 11.98 -1.12
N GLU A 53 19.99 12.39 -0.01
CA GLU A 53 21.06 11.65 0.67
C GLU A 53 20.56 10.41 1.44
N ILE A 54 19.22 10.19 1.45
CA ILE A 54 18.55 8.97 1.93
C ILE A 54 17.90 8.23 0.75
N SER A 55 17.24 8.94 -0.17
CA SER A 55 16.63 8.39 -1.40
C SER A 55 17.30 8.98 -2.65
N PRO A 56 18.29 8.31 -3.26
CA PRO A 56 18.99 8.83 -4.45
C PRO A 56 18.07 8.96 -5.67
N GLU A 57 16.99 8.18 -5.73
CA GLU A 57 15.92 8.27 -6.73
C GLU A 57 14.94 9.45 -6.50
N GLY A 58 15.05 10.13 -5.35
CA GLY A 58 14.08 11.14 -4.89
C GLY A 58 12.69 10.58 -4.50
N LYS A 59 12.51 9.25 -4.54
CA LYS A 59 11.25 8.55 -4.25
C LYS A 59 10.95 8.47 -2.75
N VAL A 60 9.67 8.41 -2.43
CA VAL A 60 9.11 7.86 -1.17
C VAL A 60 8.28 6.59 -1.45
N PRO A 61 8.18 5.65 -0.49
CA PRO A 61 8.88 5.64 0.79
C PRO A 61 10.39 5.44 0.63
N VAL A 62 11.11 5.90 1.65
CA VAL A 62 12.48 5.51 1.92
C VAL A 62 12.65 5.37 3.44
N VAL A 63 13.46 4.43 3.89
CA VAL A 63 13.63 4.14 5.32
C VAL A 63 15.10 4.14 5.72
N LYS A 64 15.38 4.22 7.02
CA LYS A 64 16.71 4.12 7.62
C LYS A 64 16.75 2.95 8.62
N ILE A 65 16.80 1.72 8.09
CA ILE A 65 16.86 0.50 8.91
C ILE A 65 18.21 0.46 9.63
N ASP A 66 18.18 0.45 10.97
CA ASP A 66 19.38 0.57 11.79
C ASP A 66 20.18 1.86 11.51
N ASP A 67 19.50 2.97 11.19
CA ASP A 67 20.04 4.25 10.69
C ASP A 67 20.58 4.22 9.24
N LYS A 68 20.55 3.08 8.53
CA LYS A 68 21.12 2.94 7.17
C LYS A 68 20.04 2.83 6.09
N TRP A 69 20.18 3.64 5.04
CA TRP A 69 19.08 3.92 4.11
C TRP A 69 18.74 2.73 3.19
N VAL A 70 17.45 2.59 2.86
CA VAL A 70 16.89 1.59 1.93
C VAL A 70 15.73 2.22 1.15
N ALA A 71 15.72 2.07 -0.17
CA ALA A 71 14.78 2.69 -1.12
C ALA A 71 14.00 1.65 -1.94
N ASP A 72 12.90 2.09 -2.55
CA ASP A 72 11.84 1.30 -3.23
C ASP A 72 11.14 0.26 -2.33
N SER A 73 9.82 0.38 -2.24
CA SER A 73 9.01 -0.24 -1.18
C SER A 73 8.98 -1.77 -1.18
N ASP A 74 9.21 -2.45 -2.31
CA ASP A 74 9.38 -3.91 -2.36
C ASP A 74 10.69 -4.39 -1.71
N VAL A 75 11.80 -3.64 -1.87
CA VAL A 75 13.07 -3.94 -1.17
C VAL A 75 12.96 -3.62 0.32
N ILE A 76 12.27 -2.53 0.66
CA ILE A 76 12.01 -2.11 2.04
C ILE A 76 11.16 -3.16 2.77
N VAL A 77 10.06 -3.63 2.16
CA VAL A 77 9.23 -4.72 2.69
C VAL A 77 10.01 -6.02 2.78
N GLY A 78 10.85 -6.35 1.79
CA GLY A 78 11.73 -7.53 1.85
C GLY A 78 12.64 -7.56 3.08
N ILE A 79 13.33 -6.46 3.38
CA ILE A 79 14.21 -6.38 4.55
C ILE A 79 13.42 -6.29 5.87
N LEU A 80 12.33 -5.52 5.93
CA LEU A 80 11.52 -5.41 7.16
C LEU A 80 10.83 -6.73 7.54
N GLU A 81 10.43 -7.52 6.56
CA GLU A 81 9.72 -8.78 6.79
C GLU A 81 10.63 -10.01 6.89
N GLU A 82 11.92 -9.90 6.55
CA GLU A 82 12.95 -10.90 6.85
C GLU A 82 13.72 -10.59 8.15
N LYS A 83 14.04 -9.30 8.40
CA LYS A 83 15.04 -8.86 9.38
C LYS A 83 14.48 -7.74 10.27
N ASN A 84 13.78 -8.15 11.32
CA ASN A 84 13.39 -7.33 12.48
C ASN A 84 13.55 -8.13 13.79
N PRO A 85 13.58 -7.46 14.97
CA PRO A 85 13.57 -8.14 16.26
C PRO A 85 12.18 -8.69 16.64
N GLU A 86 11.10 -8.08 16.12
CA GLU A 86 9.77 -8.68 16.06
C GLU A 86 9.66 -9.60 14.82
N PRO A 87 8.82 -10.66 14.83
CA PRO A 87 8.95 -11.80 13.90
C PRO A 87 8.90 -11.49 12.40
N PRO A 88 9.56 -12.32 11.56
CA PRO A 88 9.50 -12.23 10.11
C PRO A 88 8.14 -12.67 9.54
N LEU A 89 7.73 -12.02 8.44
CA LEU A 89 6.56 -12.36 7.62
C LEU A 89 6.87 -12.35 6.10
N ALA A 90 8.15 -12.48 5.74
CA ALA A 90 8.63 -12.71 4.37
C ALA A 90 8.33 -14.14 3.88
N THR A 91 7.08 -14.57 4.01
CA THR A 91 6.60 -15.92 3.71
C THR A 91 5.42 -15.86 2.72
N PRO A 92 5.65 -15.54 1.42
CA PRO A 92 4.57 -15.39 0.45
C PRO A 92 3.97 -16.76 0.08
N PRO A 93 2.68 -17.01 0.36
CA PRO A 93 2.00 -18.25 -0.02
C PRO A 93 1.55 -18.21 -1.49
N GLU A 94 0.74 -19.19 -1.91
CA GLU A 94 0.20 -19.31 -3.28
C GLU A 94 -0.49 -18.04 -3.81
N PHE A 95 -1.15 -17.28 -2.91
CA PHE A 95 -1.76 -15.97 -3.17
C PHE A 95 -0.80 -14.94 -3.80
N ALA A 96 0.50 -15.03 -3.53
CA ALA A 96 1.51 -14.15 -4.12
C ALA A 96 1.60 -14.27 -5.65
N SER A 97 1.28 -15.45 -6.21
CA SER A 97 1.27 -15.71 -7.66
C SER A 97 0.12 -15.03 -8.42
N VAL A 98 -0.88 -14.52 -7.68
CA VAL A 98 -2.05 -13.79 -8.21
C VAL A 98 -2.04 -12.33 -7.75
N GLY A 99 -1.62 -12.08 -6.50
CA GLY A 99 -1.38 -10.75 -5.96
C GLY A 99 -0.30 -9.95 -6.69
N SER A 100 0.72 -10.62 -7.24
CA SER A 100 1.73 -10.00 -8.11
C SER A 100 1.19 -9.46 -9.44
N LYS A 101 0.04 -9.98 -9.91
CA LYS A 101 -0.70 -9.47 -11.09
C LYS A 101 -1.65 -8.32 -10.71
N ILE A 102 -2.30 -8.43 -9.56
CA ILE A 102 -3.25 -7.43 -9.03
C ILE A 102 -2.52 -6.14 -8.63
N PHE A 103 -1.31 -6.27 -8.08
CA PHE A 103 -0.46 -5.16 -7.64
C PHE A 103 -0.17 -4.10 -8.73
N PRO A 104 0.18 -4.46 -9.99
CA PRO A 104 0.25 -3.53 -11.10
C PRO A 104 -1.09 -3.27 -11.81
N SER A 105 -2.02 -4.23 -11.87
CA SER A 105 -3.29 -4.01 -12.62
C SER A 105 -4.24 -3.03 -11.93
N PHE A 106 -4.17 -2.90 -10.60
CA PHE A 106 -4.75 -1.75 -9.89
C PHE A 106 -4.13 -0.41 -10.32
N VAL A 107 -2.80 -0.35 -10.55
CA VAL A 107 -2.14 0.88 -11.03
C VAL A 107 -2.54 1.22 -12.47
N LYS A 108 -2.79 0.23 -13.34
CA LYS A 108 -3.41 0.45 -14.65
C LYS A 108 -4.84 1.00 -14.51
N PHE A 109 -5.66 0.41 -13.65
CA PHE A 109 -7.05 0.78 -13.44
C PHE A 109 -7.22 2.20 -12.90
N LEU A 110 -6.36 2.61 -11.96
CA LEU A 110 -6.23 3.98 -11.45
C LEU A 110 -5.50 4.97 -12.39
N LYS A 111 -5.01 4.52 -13.56
CA LYS A 111 -4.37 5.34 -14.61
C LYS A 111 -4.90 4.97 -16.01
N SER A 112 -6.20 4.72 -16.11
CA SER A 112 -6.91 4.03 -17.19
C SER A 112 -7.06 4.83 -18.50
N LYS A 113 -5.92 5.30 -19.03
CA LYS A 113 -5.75 5.75 -20.43
C LYS A 113 -5.99 4.61 -21.43
N ASP A 114 -5.61 3.40 -21.04
CA ASP A 114 -6.14 2.14 -21.57
C ASP A 114 -7.39 1.78 -20.73
N PRO A 115 -8.63 1.83 -21.31
CA PRO A 115 -9.86 2.05 -20.55
C PRO A 115 -10.12 1.13 -19.35
N ASN A 116 -10.83 1.70 -18.38
CA ASN A 116 -11.21 1.08 -17.13
C ASN A 116 -12.20 -0.09 -17.33
N ASP A 117 -13.27 0.08 -18.11
CA ASP A 117 -14.29 -0.97 -18.33
C ASP A 117 -13.74 -2.25 -19.00
N GLY A 118 -12.67 -2.13 -19.80
CA GLY A 118 -11.95 -3.29 -20.35
C GLY A 118 -10.94 -3.91 -19.36
N THR A 119 -10.25 -3.07 -18.59
CA THR A 119 -9.30 -3.49 -17.54
C THR A 119 -9.97 -4.18 -16.35
N GLU A 120 -11.19 -3.75 -16.00
CA GLU A 120 -12.00 -4.28 -14.89
C GLU A 120 -12.36 -5.75 -15.08
N GLN A 121 -12.64 -6.18 -16.31
CA GLN A 121 -13.00 -7.57 -16.63
C GLN A 121 -11.84 -8.53 -16.35
N ALA A 122 -10.62 -8.17 -16.75
CA ALA A 122 -9.42 -8.94 -16.42
C ALA A 122 -9.08 -8.90 -14.91
N LEU A 123 -9.34 -7.78 -14.24
CA LEU A 123 -9.12 -7.64 -12.80
C LEU A 123 -10.07 -8.54 -11.98
N LEU A 124 -11.34 -8.66 -12.36
CA LEU A 124 -12.31 -9.48 -11.63
C LEU A 124 -11.97 -10.98 -11.68
N GLU A 125 -11.41 -11.50 -12.77
CA GLU A 125 -11.04 -12.92 -12.86
C GLU A 125 -9.79 -13.26 -12.01
N GLU A 126 -8.80 -12.38 -11.93
CA GLU A 126 -7.68 -12.54 -10.99
C GLU A 126 -8.09 -12.30 -9.53
N LEU A 127 -9.02 -11.38 -9.26
CA LEU A 127 -9.61 -11.22 -7.93
C LEU A 127 -10.43 -12.45 -7.50
N LYS A 128 -11.13 -13.14 -8.41
CA LYS A 128 -11.77 -14.45 -8.13
C LYS A 128 -10.73 -15.53 -7.84
N ALA A 129 -9.64 -15.58 -8.59
CA ALA A 129 -8.56 -16.56 -8.39
C ALA A 129 -7.89 -16.40 -7.01
N LEU A 130 -7.79 -15.17 -6.51
CA LEU A 130 -7.36 -14.87 -5.14
C LEU A 130 -8.47 -15.23 -4.12
N ASP A 131 -9.66 -14.63 -4.27
CA ASP A 131 -10.76 -14.66 -3.31
C ASP A 131 -11.37 -16.06 -3.09
N GLY A 132 -11.43 -16.88 -4.14
CA GLY A 132 -11.91 -18.26 -4.08
C GLY A 132 -11.11 -19.13 -3.09
N HIS A 133 -9.79 -18.93 -3.04
CA HIS A 133 -8.91 -19.62 -2.09
C HIS A 133 -8.77 -18.87 -0.76
N LEU A 134 -8.96 -17.55 -0.72
CA LEU A 134 -9.00 -16.77 0.53
C LEU A 134 -10.22 -17.11 1.40
N LYS A 135 -11.35 -17.47 0.80
CA LYS A 135 -12.54 -17.97 1.52
C LYS A 135 -12.34 -19.35 2.16
N VAL A 136 -11.25 -20.05 1.86
CA VAL A 136 -10.80 -21.26 2.57
C VAL A 136 -9.93 -20.92 3.79
N HIS A 137 -9.16 -19.84 3.72
CA HIS A 137 -8.16 -19.45 4.75
C HIS A 137 -8.69 -18.43 5.78
N GLY A 138 -9.62 -17.55 5.39
CA GLY A 138 -10.30 -16.61 6.28
C GLY A 138 -9.79 -15.16 6.21
N PRO A 139 -9.10 -14.67 7.27
CA PRO A 139 -9.16 -13.26 7.69
C PRO A 139 -8.31 -12.25 6.90
N PHE A 140 -7.20 -12.65 6.27
CA PHE A 140 -6.23 -11.74 5.65
C PHE A 140 -5.87 -12.16 4.22
N ILE A 141 -5.29 -11.26 3.41
CA ILE A 141 -5.10 -11.46 1.96
C ILE A 141 -3.92 -12.38 1.62
N ALA A 142 -3.10 -12.74 2.61
CA ALA A 142 -2.22 -13.91 2.57
C ALA A 142 -2.81 -15.17 3.24
N GLY A 143 -4.00 -15.12 3.82
CA GLY A 143 -4.65 -16.25 4.47
C GLY A 143 -4.92 -16.03 5.97
N GLU A 144 -4.33 -16.88 6.82
CA GLU A 144 -4.56 -16.93 8.26
C GLU A 144 -4.00 -15.70 9.01
N LYS A 145 -2.99 -15.05 8.44
CA LYS A 145 -2.28 -13.90 8.98
C LYS A 145 -1.93 -12.90 7.87
N ILE A 146 -1.46 -11.73 8.29
CA ILE A 146 -0.84 -10.72 7.41
C ILE A 146 0.53 -11.23 6.93
N THR A 147 0.87 -11.03 5.65
CA THR A 147 2.25 -11.17 5.14
C THR A 147 2.60 -10.07 4.12
N ALA A 148 3.76 -10.18 3.47
CA ALA A 148 4.15 -9.32 2.35
C ALA A 148 3.10 -9.20 1.19
N VAL A 149 2.14 -10.12 1.07
CA VAL A 149 1.01 -10.00 0.11
C VAL A 149 -0.01 -8.94 0.55
N ASP A 150 -0.37 -8.90 1.84
CA ASP A 150 -1.15 -7.80 2.44
C ASP A 150 -0.42 -6.47 2.38
N LEU A 151 0.89 -6.48 2.68
CA LEU A 151 1.76 -5.30 2.54
C LEU A 151 1.92 -4.83 1.09
N SER A 152 1.47 -5.60 0.11
CA SER A 152 1.43 -5.21 -1.30
C SER A 152 0.04 -4.71 -1.73
N LEU A 153 -1.03 -5.41 -1.35
CA LEU A 153 -2.39 -5.17 -1.85
C LEU A 153 -3.23 -4.24 -0.97
N ALA A 154 -3.10 -4.29 0.37
CA ALA A 154 -3.96 -3.58 1.30
C ALA A 154 -4.01 -2.05 1.10
N PRO A 155 -2.88 -1.33 0.96
CA PRO A 155 -2.93 0.11 0.70
C PRO A 155 -3.40 0.45 -0.71
N LYS A 156 -3.22 -0.45 -1.69
CA LYS A 156 -3.76 -0.27 -3.03
C LYS A 156 -5.28 -0.48 -3.09
N LEU A 157 -5.85 -1.34 -2.23
CA LEU A 157 -7.30 -1.43 -2.02
C LEU A 157 -7.87 -0.17 -1.34
N TYR A 158 -7.16 0.43 -0.38
CA TYR A 158 -7.58 1.72 0.22
C TYR A 158 -7.56 2.86 -0.82
N HIS A 159 -6.44 3.03 -1.52
CA HIS A 159 -6.29 4.02 -2.58
C HIS A 159 -7.26 3.77 -3.76
N LEU A 160 -7.70 2.53 -4.00
CA LEU A 160 -8.77 2.21 -4.96
C LEU A 160 -10.16 2.64 -4.47
N GLU A 161 -10.58 2.24 -3.26
CA GLU A 161 -11.89 2.63 -2.71
C GLU A 161 -12.07 4.16 -2.62
N VAL A 162 -10.98 4.87 -2.33
CA VAL A 162 -10.95 6.33 -2.22
C VAL A 162 -10.83 7.03 -3.59
N ALA A 163 -9.72 6.80 -4.31
CA ALA A 163 -9.35 7.65 -5.45
C ALA A 163 -10.05 7.25 -6.75
N LEU A 164 -10.30 5.95 -6.99
CA LEU A 164 -11.15 5.52 -8.09
C LEU A 164 -12.64 5.75 -7.78
N GLY A 165 -13.03 5.56 -6.51
CA GLY A 165 -14.38 5.82 -6.02
C GLY A 165 -14.91 7.25 -6.25
N HIS A 166 -14.00 8.22 -6.35
CA HIS A 166 -14.30 9.62 -6.70
C HIS A 166 -14.97 9.81 -8.08
N PHE A 167 -14.66 8.96 -9.07
CA PHE A 167 -15.21 9.07 -10.45
C PHE A 167 -15.91 7.79 -10.94
N LYS A 168 -15.59 6.64 -10.34
CA LYS A 168 -16.06 5.30 -10.69
C LYS A 168 -16.16 4.50 -9.37
N ASN A 169 -17.27 4.66 -8.67
CA ASN A 169 -17.59 3.84 -7.49
C ASN A 169 -17.84 2.38 -7.91
N TRP A 170 -16.76 1.62 -8.01
CA TRP A 170 -16.70 0.29 -8.61
C TRP A 170 -17.14 -0.79 -7.60
N PRO A 171 -18.28 -1.47 -7.80
CA PRO A 171 -18.78 -2.45 -6.85
C PRO A 171 -17.89 -3.70 -6.86
N ILE A 172 -17.26 -4.01 -5.73
CA ILE A 172 -16.77 -5.35 -5.42
C ILE A 172 -17.98 -6.27 -5.24
N PRO A 173 -18.23 -7.28 -6.10
CA PRO A 173 -19.41 -8.13 -5.99
C PRO A 173 -19.35 -8.97 -4.72
N ASP A 174 -20.51 -9.40 -4.20
CA ASP A 174 -20.63 -10.22 -2.99
C ASP A 174 -19.98 -11.62 -3.12
N ASN A 175 -19.80 -12.10 -4.36
CA ASN A 175 -19.03 -13.30 -4.68
C ASN A 175 -17.52 -13.16 -4.42
N LEU A 176 -16.96 -11.94 -4.39
CA LEU A 176 -15.63 -11.62 -3.86
C LEU A 176 -15.67 -11.39 -2.34
N THR A 177 -16.20 -12.39 -1.63
CA THR A 177 -16.70 -12.26 -0.26
C THR A 177 -15.59 -11.99 0.75
N HIS A 178 -14.35 -12.42 0.49
CA HIS A 178 -13.20 -11.99 1.28
C HIS A 178 -12.85 -10.53 0.95
N VAL A 179 -12.67 -10.16 -0.32
CA VAL A 179 -12.19 -8.82 -0.73
C VAL A 179 -13.13 -7.72 -0.24
N LEU A 180 -14.45 -7.93 -0.32
CA LEU A 180 -15.48 -7.00 0.16
C LEU A 180 -15.37 -6.72 1.66
N ASN A 181 -15.13 -7.76 2.47
CA ASN A 181 -14.92 -7.63 3.92
C ASN A 181 -13.52 -7.10 4.27
N TYR A 182 -12.49 -7.50 3.52
CA TYR A 182 -11.10 -7.11 3.73
C TYR A 182 -10.87 -5.61 3.56
N ILE A 183 -11.57 -4.98 2.61
CA ILE A 183 -11.59 -3.51 2.47
C ILE A 183 -12.11 -2.82 3.74
N LYS A 184 -13.06 -3.41 4.47
CA LYS A 184 -13.56 -2.89 5.74
C LYS A 184 -12.68 -3.25 6.94
N LEU A 185 -11.76 -4.22 6.80
CA LEU A 185 -10.64 -4.41 7.75
C LEU A 185 -9.55 -3.33 7.63
N LEU A 186 -9.49 -2.57 6.53
CA LEU A 186 -8.52 -1.47 6.37
C LEU A 186 -8.75 -0.30 7.36
N PHE A 187 -9.96 -0.19 7.90
CA PHE A 187 -10.33 0.78 8.95
C PHE A 187 -10.20 0.20 10.38
N SER A 188 -9.58 -0.98 10.53
CA SER A 188 -9.41 -1.75 11.77
C SER A 188 -7.93 -1.97 12.12
N ARG A 189 -7.67 -2.57 13.30
CA ARG A 189 -6.34 -2.71 13.91
C ARG A 189 -5.70 -1.34 14.20
N GLU A 190 -4.53 -1.34 14.80
CA GLU A 190 -3.56 -0.26 14.67
C GLU A 190 -2.93 -0.26 13.27
N SER A 191 -2.60 -1.45 12.74
CA SER A 191 -1.83 -1.65 11.50
C SER A 191 -2.40 -0.93 10.27
N PHE A 192 -3.55 -1.35 9.75
CA PHE A 192 -4.18 -0.72 8.59
C PHE A 192 -4.73 0.67 8.90
N LYS A 193 -5.41 0.81 10.05
CA LYS A 193 -6.13 2.04 10.41
C LYS A 193 -5.22 3.27 10.49
N LYS A 194 -3.95 3.09 10.89
CA LYS A 194 -2.97 4.18 10.99
C LYS A 194 -2.31 4.56 9.66
N THR A 195 -2.53 3.82 8.57
CA THR A 195 -2.10 4.26 7.22
C THR A 195 -3.02 5.33 6.62
N ARG A 196 -4.22 5.55 7.17
CA ARG A 196 -5.31 6.35 6.58
C ARG A 196 -4.96 7.83 6.40
N ALA A 197 -4.32 8.16 5.27
CA ALA A 197 -4.18 9.52 4.77
C ALA A 197 -5.56 10.09 4.38
N ALA A 198 -5.82 11.36 4.72
CA ALA A 198 -7.14 11.98 4.58
C ALA A 198 -7.61 11.98 3.11
N GLU A 199 -8.83 11.48 2.88
CA GLU A 199 -9.32 11.04 1.57
C GLU A 199 -9.32 12.14 0.50
N GLU A 200 -9.60 13.39 0.87
CA GLU A 200 -9.54 14.55 -0.04
C GLU A 200 -8.12 14.82 -0.56
N HIS A 201 -7.10 14.66 0.30
CA HIS A 201 -5.69 14.72 -0.08
C HIS A 201 -5.13 13.40 -0.66
N VAL A 202 -5.90 12.31 -0.64
CA VAL A 202 -5.64 11.13 -1.46
C VAL A 202 -6.13 11.35 -2.90
N ILE A 203 -7.35 11.86 -3.07
CA ILE A 203 -7.95 12.18 -4.39
C ILE A 203 -7.18 13.29 -5.11
N ALA A 204 -6.96 14.43 -4.44
CA ALA A 204 -6.19 15.57 -4.97
C ALA A 204 -4.68 15.27 -5.11
N GLY A 205 -4.20 14.16 -4.53
CA GLY A 205 -2.86 13.64 -4.79
C GLY A 205 -2.79 12.66 -5.96
N TRP A 206 -3.85 11.87 -6.19
CA TRP A 206 -3.98 10.87 -7.26
C TRP A 206 -4.25 11.49 -8.64
N GLU A 207 -5.03 12.58 -8.72
CA GLU A 207 -5.46 13.17 -10.00
C GLU A 207 -4.30 13.45 -11.00
N PRO A 208 -3.20 14.15 -10.62
CA PRO A 208 -2.06 14.31 -11.53
C PRO A 208 -1.30 13.01 -11.82
N LYS A 209 -1.37 12.00 -10.92
CA LYS A 209 -0.81 10.67 -11.15
C LYS A 209 -1.62 9.80 -12.11
N VAL A 210 -2.81 10.21 -12.54
CA VAL A 210 -3.44 9.65 -13.76
C VAL A 210 -2.56 9.92 -14.99
N ASN A 211 -1.75 10.99 -14.96
CA ASN A 211 -0.80 11.31 -16.01
C ASN A 211 0.67 10.98 -15.68
N ALA A 212 1.08 11.12 -14.42
CA ALA A 212 2.43 10.83 -13.94
C ALA A 212 2.54 9.48 -13.17
N MET A 1 21.24 2.47 14.46
CA MET A 1 20.29 1.86 15.42
C MET A 1 18.88 2.37 15.18
N ALA A 2 17.89 1.48 15.25
CA ALA A 2 16.46 1.76 15.11
C ALA A 2 16.02 2.32 13.73
N LEU A 3 14.73 2.63 13.59
CA LEU A 3 14.04 2.94 12.34
C LEU A 3 13.73 4.45 12.20
N GLU A 4 13.95 4.97 11.00
CA GLU A 4 13.31 6.20 10.48
C GLU A 4 12.64 5.89 9.14
N ILE A 5 11.50 6.50 8.84
CA ILE A 5 10.80 6.38 7.54
C ILE A 5 10.46 7.77 7.00
N CYS A 6 10.67 7.98 5.70
CA CYS A 6 10.29 9.19 4.99
C CYS A 6 9.12 8.88 4.03
N VAL A 7 8.02 9.62 4.19
CA VAL A 7 6.71 9.32 3.61
C VAL A 7 6.06 10.57 3.03
N LYS A 8 5.06 10.41 2.16
CA LYS A 8 4.40 11.54 1.51
C LYS A 8 3.66 12.44 2.52
N ALA A 9 4.04 13.71 2.56
CA ALA A 9 3.18 14.78 3.07
C ALA A 9 2.11 15.18 2.03
N ALA A 10 0.91 15.50 2.48
CA ALA A 10 -0.16 16.01 1.61
C ALA A 10 0.24 17.35 0.97
N VAL A 11 -0.08 17.50 -0.33
CA VAL A 11 0.09 18.78 -1.03
C VAL A 11 -0.93 19.78 -0.49
N GLY A 12 -0.51 21.01 -0.23
CA GLY A 12 -1.33 22.04 0.44
C GLY A 12 -1.45 21.88 1.96
N ALA A 13 -1.45 20.64 2.48
CA ALA A 13 -1.53 20.33 3.90
C ALA A 13 -0.34 19.46 4.40
N PRO A 14 0.93 19.91 4.30
CA PRO A 14 2.10 19.07 4.58
C PRO A 14 2.27 18.61 6.05
N ASN A 15 1.40 19.07 6.95
CA ASN A 15 1.29 18.56 8.33
C ASN A 15 0.65 17.16 8.45
N ILE A 16 0.10 16.59 7.37
CA ILE A 16 -0.57 15.27 7.35
C ILE A 16 -0.08 14.38 6.20
N LEU A 17 -0.36 13.07 6.31
CA LEU A 17 -0.12 12.09 5.24
C LEU A 17 -0.96 12.39 3.99
N GLY A 18 -0.34 12.24 2.81
CA GLY A 18 -1.00 12.36 1.50
C GLY A 18 -0.89 11.10 0.63
N ASP A 19 -1.25 11.23 -0.64
CA ASP A 19 -1.11 10.14 -1.64
C ASP A 19 0.35 9.69 -1.85
N CYS A 20 0.65 8.51 -1.26
CA CYS A 20 1.51 7.51 -1.86
C CYS A 20 1.17 6.12 -1.25
N PRO A 21 0.44 5.22 -1.93
CA PRO A 21 0.05 3.92 -1.37
C PRO A 21 1.26 3.00 -1.11
N PHE A 22 2.39 3.25 -1.78
CA PHE A 22 3.66 2.59 -1.49
C PHE A 22 4.25 2.95 -0.10
N CYS A 23 3.97 4.15 0.43
CA CYS A 23 4.32 4.51 1.82
C CYS A 23 3.44 3.77 2.83
N GLN A 24 2.16 3.59 2.48
CA GLN A 24 1.17 2.94 3.32
C GLN A 24 1.46 1.44 3.53
N ARG A 25 2.24 0.80 2.64
CA ARG A 25 2.82 -0.55 2.85
C ARG A 25 3.73 -0.60 4.09
N VAL A 26 4.59 0.41 4.25
CA VAL A 26 5.57 0.50 5.33
C VAL A 26 4.89 0.85 6.66
N LEU A 27 3.94 1.80 6.63
CA LEU A 27 3.10 2.10 7.81
C LEU A 27 2.34 0.87 8.30
N LEU A 28 1.75 0.09 7.37
CA LEU A 28 1.05 -1.16 7.67
C LEU A 28 1.96 -2.20 8.33
N SER A 29 3.15 -2.46 7.77
CA SER A 29 4.04 -3.53 8.26
C SER A 29 4.71 -3.22 9.60
N LEU A 30 5.08 -1.95 9.85
CA LEU A 30 5.66 -1.52 11.12
C LEU A 30 4.59 -1.47 12.23
N GLU A 31 3.40 -0.95 11.93
CA GLU A 31 2.28 -0.91 12.88
C GLU A 31 1.55 -2.25 13.06
N GLU A 32 1.75 -3.24 12.18
CA GLU A 32 1.37 -4.63 12.47
C GLU A 32 2.35 -5.30 13.43
N LYS A 33 3.65 -5.17 13.18
CA LYS A 33 4.70 -5.72 14.06
C LYS A 33 4.92 -4.95 15.36
N LYS A 34 4.37 -3.72 15.49
CA LYS A 34 4.45 -2.80 16.64
C LYS A 34 5.87 -2.26 16.93
N ILE A 35 6.85 -2.50 16.05
CA ILE A 35 8.21 -1.97 16.15
C ILE A 35 8.20 -0.43 15.97
N PRO A 36 8.84 0.37 16.86
CA PRO A 36 8.78 1.82 16.80
C PRO A 36 9.66 2.41 15.68
N TYR A 37 9.20 3.54 15.12
CA TYR A 37 9.85 4.26 14.02
C TYR A 37 9.61 5.77 14.16
N LYS A 38 10.55 6.59 13.65
CA LYS A 38 10.27 8.00 13.31
C LYS A 38 9.56 8.07 11.95
N SER A 39 8.67 9.03 11.75
CA SER A 39 7.99 9.26 10.46
C SER A 39 8.13 10.71 10.01
N HIS A 40 8.80 10.90 8.88
CA HIS A 40 9.14 12.21 8.31
C HIS A 40 8.22 12.50 7.12
N LEU A 41 7.32 13.48 7.29
CA LEU A 41 6.41 13.97 6.25
C LEU A 41 7.19 14.82 5.22
N ILE A 42 7.42 14.27 4.02
CA ILE A 42 8.14 14.94 2.94
C ILE A 42 7.16 15.64 1.99
N ASN A 43 7.24 16.97 1.91
CA ASN A 43 6.48 17.83 0.99
C ASN A 43 7.03 17.80 -0.45
N LEU A 44 7.25 16.60 -1.02
CA LEU A 44 8.31 16.30 -2.00
C LEU A 44 8.35 17.05 -3.36
N GLY A 45 7.46 18.01 -3.63
CA GLY A 45 7.74 19.04 -4.65
C GLY A 45 8.84 20.01 -4.20
N ASP A 46 8.85 20.32 -2.91
CA ASP A 46 9.94 20.93 -2.15
C ASP A 46 10.67 19.84 -1.33
N LYS A 47 11.36 18.92 -2.03
CA LYS A 47 12.06 17.79 -1.40
C LYS A 47 13.43 18.21 -0.83
N PRO A 48 13.68 18.09 0.50
CA PRO A 48 14.92 18.54 1.11
C PRO A 48 16.18 17.83 0.61
N GLN A 49 17.32 18.50 0.71
CA GLN A 49 18.65 17.94 0.39
C GLN A 49 19.04 16.76 1.30
N TRP A 50 18.78 16.87 2.60
CA TRP A 50 18.98 15.77 3.56
C TRP A 50 18.06 14.56 3.29
N PHE A 51 16.92 14.76 2.63
CA PHE A 51 16.04 13.66 2.20
C PHE A 51 16.52 13.02 0.88
N LEU A 52 17.14 13.78 -0.02
CA LEU A 52 17.82 13.24 -1.22
C LEU A 52 19.10 12.45 -0.87
N GLU A 53 19.74 12.76 0.26
CA GLU A 53 20.81 11.94 0.85
C GLU A 53 20.32 10.59 1.42
N ILE A 54 19.00 10.42 1.61
CA ILE A 54 18.34 9.16 2.00
C ILE A 54 17.74 8.47 0.75
N SER A 55 17.05 9.22 -0.12
CA SER A 55 16.44 8.74 -1.36
C SER A 55 17.15 9.36 -2.58
N PRO A 56 18.06 8.63 -3.25
CA PRO A 56 18.79 9.16 -4.41
C PRO A 56 17.89 9.39 -5.65
N GLU A 57 16.71 8.77 -5.71
CA GLU A 57 15.67 9.07 -6.72
C GLU A 57 14.75 10.24 -6.31
N GLY A 58 14.85 10.71 -5.05
CA GLY A 58 13.94 11.68 -4.46
C GLY A 58 12.49 11.18 -4.31
N LYS A 59 12.28 9.86 -4.35
CA LYS A 59 10.99 9.19 -4.13
C LYS A 59 10.73 8.94 -2.65
N VAL A 60 9.46 8.81 -2.29
CA VAL A 60 8.95 8.12 -1.11
C VAL A 60 8.20 6.84 -1.52
N PRO A 61 8.11 5.82 -0.64
CA PRO A 61 8.83 5.70 0.61
C PRO A 61 10.34 5.57 0.42
N VAL A 62 11.05 5.98 1.46
CA VAL A 62 12.41 5.52 1.75
C VAL A 62 12.52 5.34 3.27
N VAL A 63 13.33 4.39 3.72
CA VAL A 63 13.52 4.12 5.16
C VAL A 63 14.99 4.15 5.51
N LYS A 64 15.30 4.21 6.80
CA LYS A 64 16.64 4.04 7.36
C LYS A 64 16.61 2.90 8.38
N ILE A 65 17.01 1.71 7.95
CA ILE A 65 17.03 0.50 8.80
C ILE A 65 18.36 0.44 9.55
N ASP A 66 18.28 0.41 10.87
CA ASP A 66 19.42 0.68 11.77
C ASP A 66 20.13 2.02 11.45
N ASP A 67 19.33 3.03 11.10
CA ASP A 67 19.74 4.35 10.60
C ASP A 67 20.46 4.38 9.22
N LYS A 68 20.37 3.31 8.41
CA LYS A 68 21.03 3.21 7.09
C LYS A 68 20.01 3.07 5.96
N TRP A 69 20.10 3.90 4.92
CA TRP A 69 19.00 4.08 3.96
C TRP A 69 18.71 2.85 3.10
N VAL A 70 17.43 2.66 2.77
CA VAL A 70 16.89 1.62 1.86
C VAL A 70 15.71 2.21 1.09
N ALA A 71 15.72 2.08 -0.24
CA ALA A 71 14.72 2.61 -1.17
C ALA A 71 13.93 1.50 -1.89
N ASP A 72 12.80 1.90 -2.51
CA ASP A 72 11.82 1.06 -3.23
C ASP A 72 11.05 0.07 -2.32
N SER A 73 9.74 0.27 -2.21
CA SER A 73 8.90 -0.38 -1.18
C SER A 73 8.86 -1.90 -1.23
N ASP A 74 9.08 -2.54 -2.38
CA ASP A 74 9.25 -4.00 -2.46
C ASP A 74 10.59 -4.50 -1.88
N VAL A 75 11.68 -3.74 -2.05
CA VAL A 75 12.98 -4.02 -1.39
C VAL A 75 12.92 -3.71 0.10
N ILE A 76 12.24 -2.63 0.49
CA ILE A 76 12.03 -2.24 1.89
C ILE A 76 11.22 -3.30 2.64
N VAL A 77 10.09 -3.78 2.08
CA VAL A 77 9.29 -4.89 2.63
C VAL A 77 10.08 -6.21 2.63
N GLY A 78 10.90 -6.45 1.60
CA GLY A 78 11.82 -7.59 1.51
C GLY A 78 12.94 -7.61 2.55
N ILE A 79 13.18 -6.50 3.28
CA ILE A 79 14.03 -6.47 4.48
C ILE A 79 13.18 -6.44 5.75
N LEU A 80 12.17 -5.58 5.85
CA LEU A 80 11.42 -5.34 7.10
C LEU A 80 10.66 -6.57 7.61
N GLU A 81 10.26 -7.49 6.74
CA GLU A 81 9.55 -8.71 7.15
C GLU A 81 10.48 -9.91 7.44
N GLU A 82 11.79 -9.74 7.30
CA GLU A 82 12.79 -10.82 7.46
C GLU A 82 13.95 -10.45 8.40
N LYS A 83 14.26 -9.15 8.56
CA LYS A 83 15.34 -8.61 9.39
C LYS A 83 14.83 -7.55 10.37
N ASN A 84 14.13 -8.01 11.40
CA ASN A 84 13.72 -7.23 12.58
C ASN A 84 13.83 -8.12 13.85
N PRO A 85 13.80 -7.55 15.07
CA PRO A 85 13.96 -8.33 16.32
C PRO A 85 12.73 -9.21 16.64
N GLU A 86 11.54 -8.83 16.20
CA GLU A 86 10.35 -9.68 16.23
C GLU A 86 10.36 -10.79 15.13
N PRO A 87 9.55 -11.86 15.27
CA PRO A 87 9.55 -12.96 14.31
C PRO A 87 9.17 -12.54 12.87
N PRO A 88 9.76 -13.16 11.83
CA PRO A 88 9.57 -12.77 10.44
C PRO A 88 8.15 -13.05 9.90
N LEU A 89 7.69 -12.14 9.03
CA LEU A 89 6.47 -12.28 8.21
C LEU A 89 6.78 -12.49 6.72
N ALA A 90 8.06 -12.67 6.36
CA ALA A 90 8.56 -13.02 5.03
C ALA A 90 8.25 -14.48 4.62
N THR A 91 6.99 -14.89 4.74
CA THR A 91 6.46 -16.16 4.22
C THR A 91 5.33 -15.90 3.23
N PRO A 92 5.61 -15.46 1.98
CA PRO A 92 4.57 -15.25 0.97
C PRO A 92 3.98 -16.61 0.55
N PRO A 93 2.68 -16.86 0.76
CA PRO A 93 2.00 -18.09 0.35
C PRO A 93 1.69 -18.09 -1.16
N GLU A 94 0.95 -19.11 -1.61
CA GLU A 94 0.45 -19.31 -2.97
C GLU A 94 -0.30 -18.09 -3.55
N PHE A 95 -0.98 -17.32 -2.67
CA PHE A 95 -1.63 -16.05 -3.00
C PHE A 95 -0.70 -15.01 -3.64
N ALA A 96 0.62 -15.07 -3.41
CA ALA A 96 1.61 -14.20 -4.05
C ALA A 96 1.68 -14.37 -5.59
N SER A 97 1.38 -15.56 -6.10
CA SER A 97 1.31 -15.84 -7.56
C SER A 97 0.14 -15.14 -8.27
N VAL A 98 -0.86 -14.68 -7.52
CA VAL A 98 -2.04 -13.95 -8.02
C VAL A 98 -1.99 -12.48 -7.60
N GLY A 99 -1.57 -12.20 -6.37
CA GLY A 99 -1.38 -10.86 -5.83
C GLY A 99 -0.30 -10.05 -6.55
N SER A 100 0.73 -10.69 -7.09
CA SER A 100 1.73 -10.05 -7.97
C SER A 100 1.19 -9.59 -9.33
N LYS A 101 0.03 -10.10 -9.79
CA LYS A 101 -0.72 -9.60 -10.96
C LYS A 101 -1.69 -8.48 -10.59
N ILE A 102 -2.34 -8.62 -9.42
CA ILE A 102 -3.30 -7.64 -8.89
C ILE A 102 -2.60 -6.33 -8.50
N PHE A 103 -1.37 -6.42 -7.95
CA PHE A 103 -0.55 -5.31 -7.51
C PHE A 103 -0.25 -4.24 -8.59
N PRO A 104 0.14 -4.58 -9.84
CA PRO A 104 0.24 -3.62 -10.93
C PRO A 104 -1.11 -3.31 -11.61
N SER A 105 -2.04 -4.26 -11.70
CA SER A 105 -3.31 -4.02 -12.42
C SER A 105 -4.30 -3.10 -11.68
N PHE A 106 -4.21 -3.00 -10.35
CA PHE A 106 -4.79 -1.88 -9.59
C PHE A 106 -4.21 -0.53 -10.03
N VAL A 107 -2.89 -0.44 -10.26
CA VAL A 107 -2.24 0.80 -10.69
C VAL A 107 -2.56 1.14 -12.15
N LYS A 108 -2.77 0.13 -13.02
CA LYS A 108 -3.30 0.34 -14.38
C LYS A 108 -4.72 0.93 -14.33
N PHE A 109 -5.60 0.36 -13.51
CA PHE A 109 -6.99 0.82 -13.36
C PHE A 109 -7.09 2.23 -12.79
N LEU A 110 -6.24 2.55 -11.81
CA LEU A 110 -6.00 3.92 -11.30
C LEU A 110 -5.29 4.87 -12.29
N LYS A 111 -4.95 4.42 -13.50
CA LYS A 111 -4.31 5.21 -14.57
C LYS A 111 -4.83 4.83 -15.97
N SER A 112 -6.12 4.52 -16.09
CA SER A 112 -6.72 3.88 -17.28
C SER A 112 -6.82 4.77 -18.54
N LYS A 113 -5.66 5.20 -19.05
CA LYS A 113 -5.46 5.66 -20.44
C LYS A 113 -5.69 4.51 -21.44
N ASP A 114 -5.34 3.30 -21.02
CA ASP A 114 -5.86 2.03 -21.56
C ASP A 114 -7.17 1.69 -20.82
N PRO A 115 -8.34 1.62 -21.50
CA PRO A 115 -9.66 1.74 -20.87
C PRO A 115 -9.95 0.83 -19.67
N ASN A 116 -10.79 1.36 -18.78
CA ASN A 116 -11.10 0.79 -17.48
C ASN A 116 -11.93 -0.50 -17.58
N ASP A 117 -13.00 -0.56 -18.39
CA ASP A 117 -13.90 -1.73 -18.40
C ASP A 117 -13.28 -3.03 -18.95
N GLY A 118 -12.27 -2.92 -19.82
CA GLY A 118 -11.44 -4.08 -20.24
C GLY A 118 -10.40 -4.49 -19.20
N THR A 119 -9.86 -3.51 -18.46
CA THR A 119 -8.95 -3.72 -17.33
C THR A 119 -9.65 -4.33 -16.11
N GLU A 120 -10.92 -3.95 -15.87
CA GLU A 120 -11.77 -4.46 -14.80
C GLU A 120 -12.07 -5.95 -14.97
N GLN A 121 -12.31 -6.43 -16.20
CA GLN A 121 -12.51 -7.86 -16.46
C GLN A 121 -11.25 -8.68 -16.17
N ALA A 122 -10.08 -8.22 -16.63
CA ALA A 122 -8.79 -8.88 -16.34
C ALA A 122 -8.44 -8.88 -14.84
N LEU A 123 -8.77 -7.80 -14.13
CA LEU A 123 -8.61 -7.68 -12.68
C LEU A 123 -9.56 -8.61 -11.90
N LEU A 124 -10.83 -8.72 -12.32
CA LEU A 124 -11.85 -9.51 -11.62
C LEU A 124 -11.57 -11.01 -11.65
N GLU A 125 -11.07 -11.57 -12.75
CA GLU A 125 -10.77 -13.01 -12.83
C GLU A 125 -9.58 -13.42 -11.94
N GLU A 126 -8.55 -12.57 -11.83
CA GLU A 126 -7.46 -12.79 -10.86
C GLU A 126 -7.89 -12.51 -9.41
N LEU A 127 -8.79 -11.54 -9.17
CA LEU A 127 -9.42 -11.37 -7.86
C LEU A 127 -10.29 -12.58 -7.45
N LYS A 128 -10.97 -13.26 -8.38
CA LYS A 128 -11.66 -14.53 -8.10
C LYS A 128 -10.68 -15.65 -7.76
N ALA A 129 -9.55 -15.74 -8.45
CA ALA A 129 -8.52 -16.75 -8.18
C ALA A 129 -7.89 -16.57 -6.78
N LEU A 130 -7.72 -15.32 -6.33
CA LEU A 130 -7.33 -14.98 -4.95
C LEU A 130 -8.45 -15.30 -3.94
N ASP A 131 -9.63 -14.72 -4.16
CA ASP A 131 -10.76 -14.75 -3.22
C ASP A 131 -11.38 -16.14 -3.02
N GLY A 132 -11.41 -16.97 -4.08
CA GLY A 132 -11.89 -18.34 -4.03
C GLY A 132 -11.13 -19.23 -3.05
N HIS A 133 -9.82 -18.99 -2.89
CA HIS A 133 -8.99 -19.67 -1.90
C HIS A 133 -8.95 -18.92 -0.55
N LEU A 134 -9.07 -17.59 -0.51
CA LEU A 134 -9.17 -16.82 0.74
C LEU A 134 -10.42 -17.15 1.56
N LYS A 135 -11.55 -17.46 0.91
CA LYS A 135 -12.77 -17.96 1.56
C LYS A 135 -12.61 -19.34 2.24
N VAL A 136 -11.48 -20.03 2.05
CA VAL A 136 -11.09 -21.23 2.82
C VAL A 136 -10.08 -20.90 3.93
N HIS A 137 -9.18 -19.95 3.71
CA HIS A 137 -8.06 -19.63 4.63
C HIS A 137 -8.42 -18.63 5.74
N GLY A 138 -9.38 -17.73 5.51
CA GLY A 138 -9.71 -16.65 6.43
C GLY A 138 -8.81 -15.41 6.28
N PRO A 139 -8.72 -14.60 7.36
CA PRO A 139 -9.13 -13.19 7.37
C PRO A 139 -8.21 -12.17 6.69
N PHE A 140 -7.00 -12.55 6.29
CA PHE A 140 -6.03 -11.65 5.66
C PHE A 140 -5.81 -12.00 4.18
N ILE A 141 -5.27 -11.09 3.38
CA ILE A 141 -5.05 -11.33 1.93
C ILE A 141 -3.93 -12.35 1.65
N ALA A 142 -3.15 -12.73 2.67
CA ALA A 142 -2.31 -13.93 2.68
C ALA A 142 -2.93 -15.15 3.43
N GLY A 143 -4.11 -15.04 4.03
CA GLY A 143 -4.77 -16.10 4.80
C GLY A 143 -4.77 -15.86 6.32
N GLU A 144 -4.00 -16.65 7.07
CA GLU A 144 -4.08 -16.72 8.54
C GLU A 144 -3.51 -15.50 9.26
N LYS A 145 -2.55 -14.81 8.62
CA LYS A 145 -1.88 -13.60 9.10
C LYS A 145 -1.63 -12.61 7.95
N ILE A 146 -1.27 -11.37 8.30
CA ILE A 146 -0.66 -10.42 7.37
C ILE A 146 0.73 -10.92 6.94
N THR A 147 0.99 -10.94 5.63
CA THR A 147 2.33 -11.11 5.05
C THR A 147 2.57 -10.10 3.92
N ALA A 148 3.68 -10.24 3.18
CA ALA A 148 4.01 -9.40 2.04
C ALA A 148 2.91 -9.28 0.95
N VAL A 149 1.94 -10.21 0.89
CA VAL A 149 0.79 -10.10 -0.03
C VAL A 149 -0.24 -9.04 0.44
N ASP A 150 -0.56 -8.99 1.73
CA ASP A 150 -1.32 -7.88 2.35
C ASP A 150 -0.59 -6.55 2.23
N LEU A 151 0.71 -6.55 2.53
CA LEU A 151 1.57 -5.37 2.39
C LEU A 151 1.68 -4.89 0.95
N SER A 152 1.33 -5.72 -0.04
CA SER A 152 1.23 -5.31 -1.45
C SER A 152 -0.15 -4.74 -1.79
N LEU A 153 -1.22 -5.44 -1.45
CA LEU A 153 -2.57 -5.13 -1.96
C LEU A 153 -3.38 -4.16 -1.08
N ALA A 154 -3.22 -4.18 0.24
CA ALA A 154 -4.09 -3.44 1.17
C ALA A 154 -4.15 -1.92 0.94
N PRO A 155 -3.03 -1.18 0.81
CA PRO A 155 -3.11 0.26 0.54
C PRO A 155 -3.56 0.58 -0.88
N LYS A 156 -3.42 -0.35 -1.82
CA LYS A 156 -3.96 -0.20 -3.19
C LYS A 156 -5.47 -0.45 -3.24
N LEU A 157 -6.03 -1.28 -2.36
CA LEU A 157 -7.48 -1.37 -2.12
C LEU A 157 -8.05 -0.12 -1.42
N TYR A 158 -7.33 0.45 -0.45
CA TYR A 158 -7.71 1.74 0.17
C TYR A 158 -7.75 2.87 -0.87
N HIS A 159 -6.70 2.94 -1.70
CA HIS A 159 -6.63 3.88 -2.82
C HIS A 159 -7.68 3.62 -3.91
N LEU A 160 -8.22 2.40 -4.03
CA LEU A 160 -9.28 2.07 -4.99
C LEU A 160 -10.67 2.50 -4.49
N GLU A 161 -11.03 2.23 -3.22
CA GLU A 161 -12.29 2.72 -2.63
C GLU A 161 -12.32 4.26 -2.56
N VAL A 162 -11.17 4.88 -2.25
CA VAL A 162 -11.04 6.35 -2.10
C VAL A 162 -10.92 7.08 -3.45
N ALA A 163 -9.84 6.84 -4.20
CA ALA A 163 -9.43 7.74 -5.28
C ALA A 163 -10.22 7.47 -6.57
N LEU A 164 -10.26 6.20 -7.01
CA LEU A 164 -11.05 5.78 -8.16
C LEU A 164 -12.56 6.03 -7.92
N GLY A 165 -13.00 5.87 -6.66
CA GLY A 165 -14.37 6.10 -6.22
C GLY A 165 -14.93 7.50 -6.49
N HIS A 166 -14.06 8.52 -6.60
CA HIS A 166 -14.45 9.89 -6.94
C HIS A 166 -15.04 10.06 -8.36
N PHE A 167 -14.69 9.18 -9.31
CA PHE A 167 -15.22 9.20 -10.69
C PHE A 167 -15.82 7.87 -11.16
N LYS A 168 -15.49 6.76 -10.49
CA LYS A 168 -15.93 5.39 -10.79
C LYS A 168 -16.01 4.63 -9.45
N ASN A 169 -17.10 4.83 -8.71
CA ASN A 169 -17.42 4.08 -7.49
C ASN A 169 -17.65 2.59 -7.82
N TRP A 170 -16.57 1.81 -7.79
CA TRP A 170 -16.49 0.49 -8.41
C TRP A 170 -16.96 -0.62 -7.46
N PRO A 171 -18.03 -1.36 -7.78
CA PRO A 171 -18.52 -2.44 -6.92
C PRO A 171 -17.58 -3.66 -7.00
N ILE A 172 -16.90 -3.95 -5.90
CA ILE A 172 -16.31 -5.27 -5.63
C ILE A 172 -17.48 -6.23 -5.32
N PRO A 173 -17.84 -7.19 -6.21
CA PRO A 173 -19.11 -7.90 -6.07
C PRO A 173 -19.13 -8.84 -4.86
N ASP A 174 -20.32 -9.23 -4.42
CA ASP A 174 -20.57 -10.09 -3.24
C ASP A 174 -19.89 -11.48 -3.32
N ASN A 175 -19.69 -11.99 -4.55
CA ASN A 175 -18.95 -13.22 -4.84
C ASN A 175 -17.44 -13.13 -4.56
N LEU A 176 -16.85 -11.93 -4.54
CA LEU A 176 -15.51 -11.66 -4.00
C LEU A 176 -15.57 -11.43 -2.48
N THR A 177 -16.20 -12.39 -1.78
CA THR A 177 -16.74 -12.21 -0.43
C THR A 177 -15.65 -11.90 0.60
N HIS A 178 -14.43 -12.40 0.40
CA HIS A 178 -13.30 -12.04 1.26
C HIS A 178 -12.76 -10.65 0.94
N VAL A 179 -12.52 -10.34 -0.35
CA VAL A 179 -11.98 -9.03 -0.78
C VAL A 179 -12.91 -7.88 -0.38
N LEU A 180 -14.24 -8.07 -0.51
CA LEU A 180 -15.24 -7.08 -0.11
C LEU A 180 -15.25 -6.80 1.41
N ASN A 181 -15.15 -7.84 2.24
CA ASN A 181 -15.02 -7.68 3.70
C ASN A 181 -13.65 -7.12 4.12
N TYR A 182 -12.59 -7.46 3.39
CA TYR A 182 -11.23 -6.96 3.63
C TYR A 182 -11.10 -5.44 3.46
N ILE A 183 -11.95 -4.82 2.62
CA ILE A 183 -12.08 -3.35 2.54
C ILE A 183 -12.41 -2.73 3.91
N LYS A 184 -13.20 -3.41 4.74
CA LYS A 184 -13.59 -2.92 6.06
C LYS A 184 -12.65 -3.35 7.19
N LEU A 185 -11.65 -4.20 6.89
CA LEU A 185 -10.43 -4.30 7.69
C LEU A 185 -9.47 -3.12 7.51
N LEU A 186 -9.53 -2.37 6.39
CA LEU A 186 -8.64 -1.23 6.12
C LEU A 186 -8.78 -0.09 7.14
N PHE A 187 -9.95 -0.01 7.81
CA PHE A 187 -10.22 0.98 8.86
C PHE A 187 -9.99 0.43 10.28
N SER A 188 -9.41 -0.77 10.40
CA SER A 188 -9.31 -1.59 11.62
C SER A 188 -7.85 -1.90 12.03
N ARG A 189 -7.71 -2.61 13.17
CA ARG A 189 -6.43 -2.78 13.90
C ARG A 189 -5.80 -1.42 14.21
N GLU A 190 -4.55 -1.39 14.67
CA GLU A 190 -3.72 -0.19 14.60
C GLU A 190 -3.13 -0.04 13.19
N SER A 191 -2.83 -1.16 12.55
CA SER A 191 -1.94 -1.28 11.41
C SER A 191 -2.52 -0.72 10.10
N PHE A 192 -3.69 -1.20 9.66
CA PHE A 192 -4.39 -0.59 8.52
C PHE A 192 -4.93 0.81 8.87
N LYS A 193 -5.55 0.96 10.04
CA LYS A 193 -6.17 2.20 10.52
C LYS A 193 -5.22 3.41 10.51
N LYS A 194 -3.93 3.22 10.78
CA LYS A 194 -2.90 4.27 10.75
C LYS A 194 -2.39 4.63 9.34
N THR A 195 -2.64 3.83 8.31
CA THR A 195 -2.22 4.19 6.93
C THR A 195 -3.17 5.17 6.24
N ARG A 196 -4.27 5.57 6.90
CA ARG A 196 -5.35 6.40 6.37
C ARG A 196 -4.90 7.85 6.13
N ALA A 197 -4.15 8.06 5.04
CA ALA A 197 -3.94 9.40 4.46
C ALA A 197 -5.30 10.01 4.06
N ALA A 198 -5.55 11.26 4.44
CA ALA A 198 -6.89 11.86 4.39
C ALA A 198 -7.46 11.89 2.96
N GLU A 199 -8.69 11.42 2.80
CA GLU A 199 -9.25 10.98 1.53
C GLU A 199 -9.27 12.06 0.42
N GLU A 200 -9.60 13.30 0.77
CA GLU A 200 -9.55 14.45 -0.14
C GLU A 200 -8.12 14.74 -0.66
N HIS A 201 -7.13 14.58 0.21
CA HIS A 201 -5.71 14.74 -0.10
C HIS A 201 -5.06 13.47 -0.69
N VAL A 202 -5.80 12.36 -0.74
CA VAL A 202 -5.49 11.20 -1.60
C VAL A 202 -6.03 11.46 -3.02
N ILE A 203 -7.27 11.92 -3.17
CA ILE A 203 -7.90 12.24 -4.47
C ILE A 203 -7.15 13.36 -5.20
N ALA A 204 -6.90 14.49 -4.53
CA ALA A 204 -6.14 15.61 -5.05
C ALA A 204 -4.63 15.33 -5.21
N GLY A 205 -4.13 14.24 -4.59
CA GLY A 205 -2.78 13.72 -4.85
C GLY A 205 -2.72 12.84 -6.09
N TRP A 206 -3.75 12.04 -6.32
CA TRP A 206 -3.86 11.03 -7.37
C TRP A 206 -4.16 11.60 -8.75
N GLU A 207 -4.96 12.67 -8.86
CA GLU A 207 -5.36 13.24 -10.16
C GLU A 207 -4.19 13.50 -11.14
N PRO A 208 -3.10 14.22 -10.77
CA PRO A 208 -1.95 14.36 -11.65
C PRO A 208 -1.18 13.06 -11.89
N LYS A 209 -1.26 12.08 -10.98
CA LYS A 209 -0.69 10.73 -11.15
C LYS A 209 -1.53 9.81 -12.02
N VAL A 210 -2.74 10.19 -12.44
CA VAL A 210 -3.40 9.58 -13.62
C VAL A 210 -2.58 9.84 -14.89
N ASN A 211 -1.86 10.97 -14.96
CA ASN A 211 -0.98 11.30 -16.08
C ASN A 211 0.50 10.92 -15.88
N ALA A 212 1.05 11.01 -14.67
CA ALA A 212 2.40 10.54 -14.34
C ALA A 212 2.48 9.00 -14.14
N MET A 1 21.46 2.74 14.26
CA MET A 1 20.56 2.05 15.20
C MET A 1 19.16 2.57 15.12
N ALA A 2 18.17 1.66 15.22
CA ALA A 2 16.73 1.93 15.15
C ALA A 2 16.24 2.48 13.78
N LEU A 3 14.92 2.70 13.66
CA LEU A 3 14.24 3.04 12.41
C LEU A 3 13.92 4.54 12.26
N GLU A 4 14.06 5.03 11.03
CA GLU A 4 13.41 6.24 10.52
C GLU A 4 12.73 5.91 9.18
N ILE A 5 11.58 6.53 8.88
CA ILE A 5 10.88 6.42 7.59
C ILE A 5 10.54 7.81 7.07
N CYS A 6 10.74 8.04 5.78
CA CYS A 6 10.35 9.26 5.07
C CYS A 6 9.23 8.91 4.08
N VAL A 7 8.07 9.55 4.28
CA VAL A 7 6.79 9.19 3.65
C VAL A 7 6.06 10.42 3.12
N LYS A 8 5.08 10.21 2.24
CA LYS A 8 4.35 11.30 1.57
C LYS A 8 3.60 12.19 2.57
N ALA A 9 3.92 13.48 2.57
CA ALA A 9 3.05 14.53 3.10
C ALA A 9 1.95 14.90 2.10
N ALA A 10 0.78 15.32 2.59
CA ALA A 10 -0.29 15.86 1.77
C ALA A 10 0.09 17.19 1.10
N VAL A 11 -0.21 17.29 -0.20
CA VAL A 11 -0.03 18.54 -0.95
C VAL A 11 -1.03 19.58 -0.42
N GLY A 12 -0.54 20.75 -0.04
CA GLY A 12 -1.31 21.80 0.63
C GLY A 12 -1.51 21.61 2.14
N ALA A 13 -1.26 20.41 2.69
CA ALA A 13 -1.42 20.10 4.11
C ALA A 13 -0.25 19.25 4.65
N PRO A 14 1.01 19.75 4.63
CA PRO A 14 2.19 18.93 4.86
C PRO A 14 2.33 18.32 6.28
N ASN A 15 1.46 18.70 7.23
CA ASN A 15 1.39 18.14 8.58
C ASN A 15 0.63 16.79 8.66
N ILE A 16 0.09 16.28 7.55
CA ILE A 16 -0.60 14.97 7.48
C ILE A 16 -0.11 14.11 6.29
N LEU A 17 -0.42 12.81 6.31
CA LEU A 17 -0.17 11.89 5.19
C LEU A 17 -0.96 12.28 3.94
N GLY A 18 -0.37 12.09 2.76
CA GLY A 18 -1.00 12.29 1.45
C GLY A 18 -0.87 11.09 0.51
N ASP A 19 -1.31 11.24 -0.75
CA ASP A 19 -1.30 10.13 -1.72
C ASP A 19 0.09 9.54 -2.02
N CYS A 20 0.30 8.34 -1.48
CA CYS A 20 1.27 7.36 -1.96
C CYS A 20 0.96 5.99 -1.32
N PRO A 21 0.25 5.08 -2.00
CA PRO A 21 -0.06 3.75 -1.45
C PRO A 21 1.19 2.91 -1.17
N PHE A 22 2.33 3.22 -1.81
CA PHE A 22 3.63 2.61 -1.51
C PHE A 22 4.17 2.98 -0.12
N CYS A 23 3.84 4.17 0.43
CA CYS A 23 4.16 4.54 1.82
C CYS A 23 3.30 3.77 2.83
N GLN A 24 2.02 3.56 2.49
CA GLN A 24 1.09 2.83 3.33
C GLN A 24 1.49 1.36 3.55
N ARG A 25 2.28 0.75 2.66
CA ARG A 25 2.90 -0.58 2.86
C ARG A 25 3.78 -0.63 4.11
N VAL A 26 4.64 0.38 4.27
CA VAL A 26 5.62 0.49 5.36
C VAL A 26 4.95 0.86 6.68
N LEU A 27 3.97 1.77 6.64
CA LEU A 27 3.14 2.12 7.80
C LEU A 27 2.34 0.90 8.30
N LEU A 28 1.77 0.12 7.39
CA LEU A 28 1.02 -1.10 7.71
C LEU A 28 1.88 -2.14 8.41
N SER A 29 3.08 -2.46 7.88
CA SER A 29 3.91 -3.54 8.43
C SER A 29 4.52 -3.21 9.79
N LEU A 30 5.04 -1.99 9.97
CA LEU A 30 5.64 -1.55 11.23
C LEU A 30 4.60 -1.43 12.35
N GLU A 31 3.40 -0.92 12.05
CA GLU A 31 2.30 -0.83 13.02
C GLU A 31 1.54 -2.14 13.24
N GLU A 32 1.61 -3.11 12.33
CA GLU A 32 1.16 -4.47 12.60
C GLU A 32 2.09 -5.17 13.60
N LYS A 33 3.39 -5.09 13.33
CA LYS A 33 4.50 -5.58 14.18
C LYS A 33 4.70 -4.77 15.48
N LYS A 34 4.04 -3.61 15.63
CA LYS A 34 4.16 -2.67 16.76
C LYS A 34 5.56 -2.06 16.96
N ILE A 35 6.41 -2.09 15.94
CA ILE A 35 7.79 -1.57 16.01
C ILE A 35 7.76 -0.03 15.97
N PRO A 36 8.47 0.69 16.86
CA PRO A 36 8.57 2.15 16.79
C PRO A 36 9.50 2.62 15.66
N TYR A 37 9.14 3.74 15.03
CA TYR A 37 9.89 4.41 13.97
C TYR A 37 9.70 5.93 14.07
N LYS A 38 10.68 6.72 13.62
CA LYS A 38 10.46 8.15 13.34
C LYS A 38 9.75 8.30 11.98
N SER A 39 8.67 9.07 11.92
CA SER A 39 7.90 9.27 10.67
C SER A 39 8.04 10.70 10.17
N HIS A 40 8.75 10.86 9.06
CA HIS A 40 9.06 12.16 8.44
C HIS A 40 8.12 12.40 7.25
N LEU A 41 7.23 13.37 7.37
CA LEU A 41 6.34 13.81 6.30
C LEU A 41 7.10 14.67 5.29
N ILE A 42 7.28 14.17 4.07
CA ILE A 42 7.99 14.86 2.99
C ILE A 42 7.00 15.46 1.98
N ASN A 43 6.98 16.78 1.86
CA ASN A 43 6.21 17.53 0.87
C ASN A 43 6.87 17.49 -0.53
N LEU A 44 7.08 16.30 -1.07
CA LEU A 44 8.12 15.98 -2.07
C LEU A 44 8.15 16.72 -3.43
N GLY A 45 7.30 17.72 -3.68
CA GLY A 45 7.63 18.74 -4.68
C GLY A 45 8.77 19.63 -4.20
N ASP A 46 8.66 20.07 -2.95
CA ASP A 46 9.67 20.72 -2.12
C ASP A 46 10.42 19.68 -1.26
N LYS A 47 11.14 18.77 -1.93
CA LYS A 47 11.89 17.68 -1.26
C LYS A 47 13.24 18.20 -0.72
N PRO A 48 13.50 18.14 0.61
CA PRO A 48 14.74 18.65 1.20
C PRO A 48 16.01 17.90 0.74
N GLN A 49 17.16 18.58 0.82
CA GLN A 49 18.46 17.98 0.51
C GLN A 49 18.84 16.82 1.46
N TRP A 50 18.54 16.95 2.76
CA TRP A 50 18.77 15.86 3.74
C TRP A 50 17.91 14.62 3.47
N PHE A 51 16.77 14.77 2.77
CA PHE A 51 15.95 13.66 2.31
C PHE A 51 16.45 13.07 0.98
N LEU A 52 17.04 13.88 0.09
CA LEU A 52 17.74 13.40 -1.12
C LEU A 52 19.02 12.60 -0.80
N GLU A 53 19.64 12.88 0.35
CA GLU A 53 20.72 12.07 0.93
C GLU A 53 20.25 10.71 1.50
N ILE A 54 18.94 10.48 1.57
CA ILE A 54 18.30 9.20 1.93
C ILE A 54 17.69 8.53 0.69
N SER A 55 16.99 9.28 -0.16
CA SER A 55 16.37 8.82 -1.41
C SER A 55 17.06 9.45 -2.63
N PRO A 56 17.98 8.74 -3.31
CA PRO A 56 18.66 9.26 -4.50
C PRO A 56 17.74 9.42 -5.71
N GLU A 57 16.57 8.75 -5.71
CA GLU A 57 15.51 8.97 -6.71
C GLU A 57 14.58 10.16 -6.37
N GLY A 58 14.71 10.74 -5.17
CA GLY A 58 13.77 11.72 -4.62
C GLY A 58 12.36 11.18 -4.31
N LYS A 59 12.16 9.86 -4.38
CA LYS A 59 10.88 9.18 -4.15
C LYS A 59 10.64 8.90 -2.67
N VAL A 60 9.37 8.73 -2.32
CA VAL A 60 8.88 8.06 -1.11
C VAL A 60 8.14 6.75 -1.47
N PRO A 61 8.05 5.79 -0.54
CA PRO A 61 8.76 5.73 0.73
C PRO A 61 10.27 5.57 0.54
N VAL A 62 11.01 5.99 1.56
CA VAL A 62 12.38 5.57 1.81
C VAL A 62 12.54 5.39 3.32
N VAL A 63 13.37 4.46 3.76
CA VAL A 63 13.58 4.17 5.19
C VAL A 63 15.06 4.21 5.53
N LYS A 64 15.37 4.30 6.82
CA LYS A 64 16.72 4.15 7.37
C LYS A 64 16.72 3.00 8.39
N ILE A 65 17.03 1.80 7.92
CA ILE A 65 17.05 0.58 8.75
C ILE A 65 18.38 0.51 9.48
N ASP A 66 18.32 0.51 10.82
CA ASP A 66 19.46 0.76 11.69
C ASP A 66 20.21 2.07 11.34
N ASP A 67 19.44 3.11 11.00
CA ASP A 67 19.89 4.41 10.47
C ASP A 67 20.56 4.39 9.07
N LYS A 68 20.47 3.28 8.30
CA LYS A 68 21.08 3.16 6.96
C LYS A 68 20.02 3.10 5.87
N TRP A 69 20.13 3.94 4.84
CA TRP A 69 19.05 4.16 3.88
C TRP A 69 18.73 2.92 3.01
N VAL A 70 17.45 2.74 2.71
CA VAL A 70 16.90 1.74 1.77
C VAL A 70 15.73 2.36 1.02
N ALA A 71 15.75 2.27 -0.32
CA ALA A 71 14.73 2.79 -1.23
C ALA A 71 13.97 1.67 -1.95
N ASP A 72 12.85 2.04 -2.59
CA ASP A 72 11.87 1.18 -3.29
C ASP A 72 11.13 0.19 -2.37
N SER A 73 9.82 0.39 -2.23
CA SER A 73 9.01 -0.25 -1.19
C SER A 73 8.93 -1.78 -1.27
N ASP A 74 9.20 -2.40 -2.42
CA ASP A 74 9.36 -3.86 -2.51
C ASP A 74 10.67 -4.36 -1.89
N VAL A 75 11.77 -3.61 -2.04
CA VAL A 75 13.05 -3.90 -1.36
C VAL A 75 12.95 -3.61 0.14
N ILE A 76 12.27 -2.51 0.50
CA ILE A 76 12.02 -2.13 1.90
C ILE A 76 11.20 -3.19 2.63
N VAL A 77 10.08 -3.66 2.05
CA VAL A 77 9.26 -4.73 2.62
C VAL A 77 10.02 -6.05 2.69
N GLY A 78 10.84 -6.36 1.68
CA GLY A 78 11.71 -7.54 1.68
C GLY A 78 12.71 -7.58 2.84
N ILE A 79 13.30 -6.44 3.20
CA ILE A 79 14.18 -6.34 4.38
C ILE A 79 13.37 -6.30 5.68
N LEU A 80 12.33 -5.46 5.80
CA LEU A 80 11.58 -5.28 7.05
C LEU A 80 10.89 -6.56 7.54
N GLU A 81 10.41 -7.42 6.62
CA GLU A 81 9.68 -8.62 7.00
C GLU A 81 10.53 -9.89 7.15
N GLU A 82 11.83 -9.81 6.89
CA GLU A 82 12.83 -10.84 7.20
C GLU A 82 13.76 -10.43 8.36
N LYS A 83 14.12 -9.13 8.44
CA LYS A 83 15.20 -8.61 9.29
C LYS A 83 14.69 -7.48 10.21
N ASN A 84 13.90 -7.89 11.21
CA ASN A 84 13.47 -7.08 12.37
C ASN A 84 13.55 -7.95 13.64
N PRO A 85 13.45 -7.38 14.87
CA PRO A 85 13.43 -8.18 16.10
C PRO A 85 12.18 -9.05 16.21
N GLU A 86 11.05 -8.56 15.70
CA GLU A 86 9.77 -9.27 15.68
C GLU A 86 9.74 -10.38 14.61
N PRO A 87 8.95 -11.46 14.82
CA PRO A 87 8.91 -12.60 13.91
C PRO A 87 8.69 -12.26 12.42
N PRO A 88 9.31 -13.02 11.50
CA PRO A 88 9.29 -12.71 10.08
C PRO A 88 7.89 -12.93 9.46
N LEU A 89 7.48 -11.98 8.62
CA LEU A 89 6.32 -12.08 7.73
C LEU A 89 6.74 -12.23 6.25
N ALA A 90 8.04 -12.40 6.01
CA ALA A 90 8.65 -12.88 4.77
C ALA A 90 8.37 -14.37 4.50
N THR A 91 7.12 -14.79 4.64
CA THR A 91 6.60 -16.12 4.29
C THR A 91 5.42 -15.98 3.31
N PRO A 92 5.63 -15.51 2.07
CA PRO A 92 4.54 -15.30 1.12
C PRO A 92 3.91 -16.65 0.72
N PRO A 93 2.61 -16.89 0.98
CA PRO A 93 1.92 -18.11 0.58
C PRO A 93 1.60 -18.12 -0.92
N GLU A 94 0.87 -19.14 -1.36
CA GLU A 94 0.38 -19.38 -2.74
C GLU A 94 -0.33 -18.16 -3.36
N PHE A 95 -1.04 -17.39 -2.52
CA PHE A 95 -1.68 -16.11 -2.87
C PHE A 95 -0.74 -15.10 -3.52
N ALA A 96 0.57 -15.13 -3.23
CA ALA A 96 1.56 -14.22 -3.81
C ALA A 96 1.73 -14.39 -5.33
N SER A 97 1.49 -15.60 -5.86
CA SER A 97 1.50 -15.89 -7.31
C SER A 97 0.35 -15.22 -8.08
N VAL A 98 -0.71 -14.82 -7.37
CA VAL A 98 -1.87 -14.08 -7.91
C VAL A 98 -1.77 -12.59 -7.55
N GLY A 99 -1.38 -12.27 -6.31
CA GLY A 99 -1.23 -10.91 -5.81
C GLY A 99 -0.14 -10.09 -6.52
N SER A 100 0.93 -10.74 -6.98
CA SER A 100 1.96 -10.10 -7.83
C SER A 100 1.46 -9.68 -9.22
N LYS A 101 0.33 -10.22 -9.71
CA LYS A 101 -0.39 -9.74 -10.91
C LYS A 101 -1.40 -8.63 -10.60
N ILE A 102 -2.10 -8.76 -9.47
CA ILE A 102 -3.11 -7.79 -9.01
C ILE A 102 -2.43 -6.45 -8.64
N PHE A 103 -1.22 -6.49 -8.09
CA PHE A 103 -0.44 -5.31 -7.70
C PHE A 103 -0.21 -4.30 -8.85
N PRO A 104 0.24 -4.68 -10.07
CA PRO A 104 0.28 -3.79 -11.23
C PRO A 104 -1.08 -3.58 -11.92
N SER A 105 -2.00 -4.55 -11.93
CA SER A 105 -3.30 -4.35 -12.61
C SER A 105 -4.23 -3.37 -11.87
N PHE A 106 -4.09 -3.24 -10.54
CA PHE A 106 -4.59 -2.11 -9.77
C PHE A 106 -4.01 -0.77 -10.27
N VAL A 107 -2.68 -0.67 -10.47
CA VAL A 107 -2.05 0.57 -10.95
C VAL A 107 -2.49 0.93 -12.37
N LYS A 108 -2.74 -0.07 -13.24
CA LYS A 108 -3.36 0.16 -14.55
C LYS A 108 -4.78 0.70 -14.40
N PHE A 109 -5.59 0.14 -13.52
CA PHE A 109 -6.99 0.55 -13.30
C PHE A 109 -7.09 1.99 -12.77
N LEU A 110 -6.17 2.36 -11.86
CA LEU A 110 -5.96 3.73 -11.37
C LEU A 110 -5.37 4.72 -12.39
N LYS A 111 -4.96 4.26 -13.58
CA LYS A 111 -4.33 5.05 -14.65
C LYS A 111 -4.84 4.62 -16.04
N SER A 112 -6.15 4.36 -16.15
CA SER A 112 -6.82 3.70 -17.29
C SER A 112 -6.85 4.52 -18.60
N LYS A 113 -5.70 4.93 -19.11
CA LYS A 113 -5.51 5.46 -20.48
C LYS A 113 -5.68 4.34 -21.53
N ASP A 114 -5.23 3.14 -21.17
CA ASP A 114 -5.75 1.87 -21.72
C ASP A 114 -7.04 1.54 -20.92
N PRO A 115 -8.24 1.52 -21.56
CA PRO A 115 -9.52 1.76 -20.87
C PRO A 115 -9.83 0.87 -19.66
N ASN A 116 -10.66 1.42 -18.76
CA ASN A 116 -10.95 0.78 -17.48
C ASN A 116 -11.77 -0.50 -17.63
N ASP A 117 -12.73 -0.59 -18.55
CA ASP A 117 -13.67 -1.75 -18.60
C ASP A 117 -12.98 -3.08 -19.00
N GLY A 118 -12.02 -3.04 -19.92
CA GLY A 118 -11.19 -4.21 -20.24
C GLY A 118 -10.15 -4.52 -19.16
N THR A 119 -9.66 -3.47 -18.47
CA THR A 119 -8.79 -3.60 -17.30
C THR A 119 -9.52 -4.16 -16.07
N GLU A 120 -10.81 -3.89 -15.94
CA GLU A 120 -11.71 -4.33 -14.88
C GLU A 120 -12.00 -5.82 -14.97
N GLN A 121 -12.22 -6.34 -16.18
CA GLN A 121 -12.31 -7.78 -16.42
C GLN A 121 -10.98 -8.50 -16.10
N ALA A 122 -9.85 -7.97 -16.56
CA ALA A 122 -8.53 -8.53 -16.27
C ALA A 122 -8.16 -8.49 -14.77
N LEU A 123 -8.65 -7.48 -14.04
CA LEU A 123 -8.51 -7.37 -12.59
C LEU A 123 -9.44 -8.35 -11.85
N LEU A 124 -10.71 -8.47 -12.25
CA LEU A 124 -11.71 -9.32 -11.59
C LEU A 124 -11.37 -10.81 -11.68
N GLU A 125 -10.84 -11.32 -12.80
CA GLU A 125 -10.56 -12.76 -12.91
C GLU A 125 -9.38 -13.22 -12.03
N GLU A 126 -8.33 -12.42 -11.88
CA GLU A 126 -7.26 -12.69 -10.91
C GLU A 126 -7.70 -12.41 -9.45
N LEU A 127 -8.60 -11.43 -9.22
CA LEU A 127 -9.25 -11.28 -7.91
C LEU A 127 -10.15 -12.47 -7.53
N LYS A 128 -10.81 -13.15 -8.49
CA LYS A 128 -11.52 -14.42 -8.24
C LYS A 128 -10.55 -15.55 -7.90
N ALA A 129 -9.41 -15.63 -8.59
CA ALA A 129 -8.36 -16.61 -8.29
C ALA A 129 -7.77 -16.43 -6.88
N LEU A 130 -7.70 -15.19 -6.39
CA LEU A 130 -7.37 -14.88 -5.00
C LEU A 130 -8.53 -15.25 -4.04
N ASP A 131 -9.72 -14.68 -4.26
CA ASP A 131 -10.85 -14.73 -3.34
C ASP A 131 -11.47 -16.14 -3.17
N GLY A 132 -11.42 -16.96 -4.23
CA GLY A 132 -11.83 -18.36 -4.18
C GLY A 132 -11.03 -19.19 -3.16
N HIS A 133 -9.76 -18.84 -2.95
CA HIS A 133 -8.92 -19.44 -1.90
C HIS A 133 -8.97 -18.68 -0.57
N LEU A 134 -9.20 -17.36 -0.57
CA LEU A 134 -9.38 -16.58 0.67
C LEU A 134 -10.61 -17.02 1.46
N LYS A 135 -11.69 -17.39 0.78
CA LYS A 135 -12.91 -17.98 1.40
C LYS A 135 -12.70 -19.38 2.01
N VAL A 136 -11.51 -19.97 1.87
CA VAL A 136 -11.07 -21.16 2.62
C VAL A 136 -10.14 -20.81 3.78
N HIS A 137 -9.24 -19.83 3.62
CA HIS A 137 -8.19 -19.50 4.59
C HIS A 137 -8.56 -18.44 5.63
N GLY A 138 -9.53 -17.57 5.35
CA GLY A 138 -9.91 -16.46 6.22
C GLY A 138 -8.87 -15.31 6.25
N PRO A 139 -8.65 -14.73 7.42
CA PRO A 139 -8.95 -13.33 7.75
C PRO A 139 -8.11 -12.23 7.07
N PHE A 140 -7.01 -12.57 6.40
CA PHE A 140 -6.13 -11.63 5.70
C PHE A 140 -5.98 -11.98 4.22
N ILE A 141 -5.39 -11.10 3.41
CA ILE A 141 -5.15 -11.32 1.98
C ILE A 141 -4.03 -12.35 1.71
N ALA A 142 -3.32 -12.78 2.77
CA ALA A 142 -2.49 -13.98 2.81
C ALA A 142 -3.07 -15.11 3.70
N GLY A 143 -4.36 -15.07 4.05
CA GLY A 143 -5.03 -16.09 4.85
C GLY A 143 -4.90 -15.85 6.37
N GLU A 144 -4.13 -16.70 7.06
CA GLU A 144 -3.99 -16.74 8.52
C GLU A 144 -3.57 -15.39 9.14
N LYS A 145 -2.65 -14.69 8.48
CA LYS A 145 -1.92 -13.53 8.98
C LYS A 145 -1.60 -12.55 7.84
N ILE A 146 -1.21 -11.32 8.18
CA ILE A 146 -0.53 -10.42 7.23
C ILE A 146 0.79 -11.04 6.76
N THR A 147 1.04 -10.97 5.45
CA THR A 147 2.37 -11.17 4.85
C THR A 147 2.64 -10.11 3.77
N ALA A 148 3.71 -10.26 3.00
CA ALA A 148 4.02 -9.40 1.86
C ALA A 148 2.88 -9.25 0.81
N VAL A 149 1.90 -10.17 0.76
CA VAL A 149 0.72 -10.03 -0.12
C VAL A 149 -0.22 -8.91 0.36
N ASP A 150 -0.53 -8.85 1.66
CA ASP A 150 -1.28 -7.76 2.31
C ASP A 150 -0.56 -6.42 2.19
N LEU A 151 0.75 -6.44 2.49
CA LEU A 151 1.63 -5.28 2.35
C LEU A 151 1.78 -4.81 0.89
N SER A 152 1.28 -5.57 -0.09
CA SER A 152 1.23 -5.17 -1.50
C SER A 152 -0.16 -4.68 -1.93
N LEU A 153 -1.23 -5.42 -1.58
CA LEU A 153 -2.58 -5.18 -2.08
C LEU A 153 -3.42 -4.24 -1.21
N ALA A 154 -3.27 -4.27 0.12
CA ALA A 154 -4.12 -3.52 1.05
C ALA A 154 -4.18 -2.00 0.79
N PRO A 155 -3.05 -1.29 0.59
CA PRO A 155 -3.12 0.15 0.30
C PRO A 155 -3.59 0.46 -1.13
N LYS A 156 -3.48 -0.50 -2.06
CA LYS A 156 -4.05 -0.35 -3.40
C LYS A 156 -5.57 -0.54 -3.42
N LEU A 157 -6.13 -1.37 -2.53
CA LEU A 157 -7.58 -1.42 -2.26
C LEU A 157 -8.11 -0.12 -1.64
N TYR A 158 -7.37 0.49 -0.71
CA TYR A 158 -7.71 1.81 -0.15
C TYR A 158 -7.75 2.90 -1.23
N HIS A 159 -6.73 2.91 -2.08
CA HIS A 159 -6.59 3.82 -3.22
C HIS A 159 -7.64 3.58 -4.33
N LEU A 160 -8.24 2.39 -4.44
CA LEU A 160 -9.46 2.18 -5.24
C LEU A 160 -10.72 2.79 -4.61
N GLU A 161 -11.08 2.40 -3.39
CA GLU A 161 -12.35 2.83 -2.75
C GLU A 161 -12.40 4.36 -2.56
N VAL A 162 -11.24 4.97 -2.33
CA VAL A 162 -11.08 6.43 -2.17
C VAL A 162 -10.90 7.15 -3.50
N ALA A 163 -9.80 6.88 -4.21
CA ALA A 163 -9.30 7.79 -5.25
C ALA A 163 -10.06 7.61 -6.58
N LEU A 164 -10.06 6.38 -7.10
CA LEU A 164 -10.90 6.01 -8.25
C LEU A 164 -12.40 6.17 -7.94
N GLY A 165 -12.78 5.95 -6.68
CA GLY A 165 -14.14 6.11 -6.17
C GLY A 165 -14.77 7.49 -6.38
N HIS A 166 -13.96 8.55 -6.47
CA HIS A 166 -14.43 9.93 -6.72
C HIS A 166 -15.06 10.14 -8.11
N PHE A 167 -14.71 9.32 -9.10
CA PHE A 167 -15.30 9.38 -10.46
C PHE A 167 -15.89 8.04 -10.94
N LYS A 168 -15.49 6.92 -10.32
CA LYS A 168 -16.00 5.56 -10.57
C LYS A 168 -16.00 4.81 -9.24
N ASN A 169 -17.05 5.01 -8.45
CA ASN A 169 -17.33 4.26 -7.22
C ASN A 169 -17.54 2.77 -7.53
N TRP A 170 -16.43 2.02 -7.51
CA TRP A 170 -16.35 0.69 -8.10
C TRP A 170 -16.67 -0.41 -7.08
N PRO A 171 -17.75 -1.20 -7.28
CA PRO A 171 -18.03 -2.33 -6.42
C PRO A 171 -17.05 -3.48 -6.70
N ILE A 172 -16.26 -3.85 -5.69
CA ILE A 172 -15.77 -5.22 -5.54
C ILE A 172 -17.00 -6.09 -5.19
N PRO A 173 -17.50 -6.96 -6.08
CA PRO A 173 -18.82 -7.56 -5.90
C PRO A 173 -18.90 -8.48 -4.68
N ASP A 174 -20.11 -8.81 -4.25
CA ASP A 174 -20.41 -9.71 -3.13
C ASP A 174 -19.84 -11.14 -3.30
N ASN A 175 -19.64 -11.56 -4.55
CA ASN A 175 -18.99 -12.82 -4.95
C ASN A 175 -17.47 -12.85 -4.70
N LEU A 176 -16.79 -11.70 -4.64
CA LEU A 176 -15.43 -11.52 -4.13
C LEU A 176 -15.45 -11.29 -2.61
N THR A 177 -16.15 -12.17 -1.90
CA THR A 177 -16.74 -11.92 -0.58
C THR A 177 -15.69 -11.56 0.47
N HIS A 178 -14.51 -12.18 0.41
CA HIS A 178 -13.43 -11.94 1.37
C HIS A 178 -12.62 -10.68 1.03
N VAL A 179 -12.36 -10.41 -0.26
CA VAL A 179 -11.74 -9.15 -0.72
C VAL A 179 -12.62 -7.94 -0.40
N LEU A 180 -13.94 -8.04 -0.55
CA LEU A 180 -14.90 -6.98 -0.19
C LEU A 180 -14.90 -6.68 1.32
N ASN A 181 -14.92 -7.71 2.17
CA ASN A 181 -14.80 -7.53 3.62
C ASN A 181 -13.41 -7.01 4.04
N TYR A 182 -12.36 -7.37 3.30
CA TYR A 182 -11.00 -6.88 3.53
C TYR A 182 -10.87 -5.36 3.32
N ILE A 183 -11.69 -4.75 2.45
CA ILE A 183 -11.74 -3.27 2.33
C ILE A 183 -12.11 -2.62 3.67
N LYS A 184 -12.97 -3.26 4.46
CA LYS A 184 -13.41 -2.73 5.77
C LYS A 184 -12.47 -3.07 6.92
N LEU A 185 -11.48 -3.95 6.69
CA LEU A 185 -10.29 -4.05 7.55
C LEU A 185 -9.34 -2.85 7.40
N LEU A 186 -9.38 -2.10 6.29
CA LEU A 186 -8.47 -0.97 6.03
C LEU A 186 -8.65 0.20 7.01
N PHE A 187 -9.79 0.28 7.69
CA PHE A 187 -10.09 1.26 8.73
C PHE A 187 -9.86 0.73 10.16
N SER A 188 -9.31 -0.48 10.30
CA SER A 188 -9.28 -1.31 11.52
C SER A 188 -7.86 -1.59 12.03
N ARG A 189 -7.78 -2.34 13.15
CA ARG A 189 -6.55 -2.57 13.94
C ARG A 189 -5.92 -1.23 14.36
N GLU A 190 -4.66 -1.25 14.75
CA GLU A 190 -3.79 -0.07 14.78
C GLU A 190 -3.21 0.15 13.38
N SER A 191 -2.88 -0.96 12.71
CA SER A 191 -1.98 -1.03 11.56
C SER A 191 -2.54 -0.43 10.28
N PHE A 192 -3.67 -0.95 9.78
CA PHE A 192 -4.35 -0.34 8.63
C PHE A 192 -4.88 1.06 8.93
N LYS A 193 -5.49 1.24 10.11
CA LYS A 193 -6.07 2.53 10.55
C LYS A 193 -5.06 3.67 10.54
N LYS A 194 -3.79 3.42 10.89
CA LYS A 194 -2.71 4.42 10.87
C LYS A 194 -2.16 4.75 9.48
N THR A 195 -2.42 3.95 8.44
CA THR A 195 -2.00 4.30 7.07
C THR A 195 -2.88 5.38 6.43
N ARG A 196 -4.03 5.71 7.03
CA ARG A 196 -5.09 6.54 6.44
C ARG A 196 -4.65 8.00 6.21
N ALA A 197 -4.09 8.26 5.02
CA ALA A 197 -4.07 9.59 4.43
C ALA A 197 -5.51 10.05 4.16
N ALA A 198 -5.86 11.27 4.58
CA ALA A 198 -7.22 11.79 4.50
C ALA A 198 -7.74 11.86 3.05
N GLU A 199 -8.97 11.40 2.85
CA GLU A 199 -9.47 10.94 1.55
C GLU A 199 -9.44 12.00 0.45
N GLU A 200 -9.74 13.26 0.75
CA GLU A 200 -9.61 14.39 -0.19
C GLU A 200 -8.14 14.69 -0.58
N HIS A 201 -7.19 14.57 0.35
CA HIS A 201 -5.75 14.65 0.09
C HIS A 201 -5.14 13.37 -0.53
N VAL A 202 -5.92 12.28 -0.62
CA VAL A 202 -5.61 11.15 -1.52
C VAL A 202 -6.11 11.43 -2.93
N ILE A 203 -7.37 11.87 -3.10
CA ILE A 203 -7.99 12.17 -4.41
C ILE A 203 -7.22 13.27 -5.15
N ALA A 204 -6.91 14.38 -4.47
CA ALA A 204 -6.14 15.51 -5.01
C ALA A 204 -4.64 15.19 -5.24
N GLY A 205 -4.13 14.09 -4.67
CA GLY A 205 -2.80 13.58 -4.98
C GLY A 205 -2.78 12.59 -6.15
N TRP A 206 -3.85 11.81 -6.30
CA TRP A 206 -4.04 10.81 -7.36
C TRP A 206 -4.47 11.40 -8.70
N GLU A 207 -5.25 12.47 -8.73
CA GLU A 207 -5.76 13.09 -9.97
C GLU A 207 -4.66 13.40 -11.03
N PRO A 208 -3.54 14.08 -10.70
CA PRO A 208 -2.43 14.24 -11.64
C PRO A 208 -1.66 12.93 -11.92
N LYS A 209 -1.69 11.96 -10.99
CA LYS A 209 -1.06 10.63 -11.14
C LYS A 209 -1.86 9.65 -12.00
N VAL A 210 -3.11 9.96 -12.36
CA VAL A 210 -3.79 9.35 -13.52
C VAL A 210 -2.99 9.61 -14.81
N ASN A 211 -2.28 10.74 -14.87
CA ASN A 211 -1.44 11.11 -16.00
C ASN A 211 0.06 10.79 -15.85
N ALA A 212 0.57 10.59 -14.63
CA ALA A 212 1.99 10.36 -14.31
C ALA A 212 2.20 9.13 -13.42
N MET A 1 21.34 2.28 14.20
CA MET A 1 20.38 1.78 15.21
C MET A 1 18.99 2.30 14.92
N ALA A 2 17.95 1.49 15.18
CA ALA A 2 16.52 1.84 15.04
C ALA A 2 16.05 2.17 13.60
N LEU A 3 14.74 2.44 13.45
CA LEU A 3 14.07 2.70 12.18
C LEU A 3 13.60 4.15 12.05
N GLU A 4 13.77 4.71 10.85
CA GLU A 4 13.29 6.04 10.46
C GLU A 4 12.73 5.95 9.02
N ILE A 5 11.57 6.54 8.74
CA ILE A 5 10.90 6.41 7.44
C ILE A 5 10.54 7.80 6.89
N CYS A 6 10.67 7.97 5.57
CA CYS A 6 10.29 9.19 4.86
C CYS A 6 9.17 8.87 3.86
N VAL A 7 8.02 9.51 4.02
CA VAL A 7 6.75 9.15 3.38
C VAL A 7 6.03 10.37 2.82
N LYS A 8 5.06 10.17 1.92
CA LYS A 8 4.29 11.27 1.32
C LYS A 8 3.56 12.08 2.39
N ALA A 9 3.92 13.35 2.52
CA ALA A 9 3.01 14.36 3.05
C ALA A 9 2.00 14.80 1.99
N ALA A 10 0.80 15.21 2.42
CA ALA A 10 -0.20 15.77 1.52
C ALA A 10 0.28 17.08 0.86
N VAL A 11 -0.17 17.28 -0.38
CA VAL A 11 -0.02 18.59 -1.05
C VAL A 11 -0.94 19.60 -0.35
N GLY A 12 -0.43 20.80 -0.05
CA GLY A 12 -1.13 21.82 0.73
C GLY A 12 -1.17 21.59 2.24
N ALA A 13 -1.23 20.33 2.71
CA ALA A 13 -1.30 19.95 4.12
C ALA A 13 -0.08 19.08 4.57
N PRO A 14 1.14 19.63 4.63
CA PRO A 14 2.36 18.86 4.89
C PRO A 14 2.40 18.19 6.28
N ASN A 15 1.50 18.55 7.19
CA ASN A 15 1.31 17.96 8.52
C ASN A 15 0.51 16.65 8.54
N ILE A 16 0.05 16.13 7.40
CA ILE A 16 -0.63 14.82 7.27
C ILE A 16 -0.08 14.01 6.09
N LEU A 17 -0.39 12.71 6.07
CA LEU A 17 -0.15 11.84 4.91
C LEU A 17 -1.02 12.25 3.70
N GLY A 18 -0.48 12.07 2.49
CA GLY A 18 -1.21 12.14 1.22
C GLY A 18 -1.07 10.86 0.39
N ASP A 19 -1.40 10.92 -0.91
CA ASP A 19 -1.24 9.74 -1.80
C ASP A 19 0.23 9.26 -1.92
N CYS A 20 0.47 8.10 -1.30
CA CYS A 20 1.31 7.06 -1.87
C CYS A 20 0.96 5.71 -1.22
N PRO A 21 0.30 4.76 -1.91
CA PRO A 21 0.02 3.43 -1.36
C PRO A 21 1.30 2.62 -1.10
N PHE A 22 2.39 2.97 -1.77
CA PHE A 22 3.70 2.37 -1.53
C PHE A 22 4.29 2.77 -0.15
N CYS A 23 3.95 3.96 0.38
CA CYS A 23 4.25 4.32 1.77
C CYS A 23 3.36 3.58 2.77
N GLN A 24 2.08 3.38 2.43
CA GLN A 24 1.13 2.67 3.29
C GLN A 24 1.54 1.21 3.57
N ARG A 25 2.32 0.56 2.69
CA ARG A 25 2.95 -0.76 2.94
C ARG A 25 3.86 -0.75 4.19
N VAL A 26 4.66 0.30 4.33
CA VAL A 26 5.65 0.47 5.41
C VAL A 26 4.99 0.87 6.72
N LEU A 27 3.95 1.71 6.64
CA LEU A 27 3.11 2.06 7.80
C LEU A 27 2.35 0.83 8.34
N LEU A 28 1.76 0.02 7.44
CA LEU A 28 1.01 -1.20 7.78
C LEU A 28 1.90 -2.25 8.45
N SER A 29 3.05 -2.58 7.85
CA SER A 29 3.96 -3.61 8.37
C SER A 29 4.54 -3.28 9.75
N LEU A 30 5.09 -2.08 9.91
CA LEU A 30 5.74 -1.69 11.17
C LEU A 30 4.74 -1.48 12.31
N GLU A 31 3.54 -0.95 12.04
CA GLU A 31 2.48 -0.89 13.05
C GLU A 31 1.77 -2.23 13.30
N GLU A 32 1.79 -3.17 12.36
CA GLU A 32 1.31 -4.54 12.64
C GLU A 32 2.26 -5.26 13.60
N LYS A 33 3.57 -5.17 13.34
CA LYS A 33 4.65 -5.60 14.25
C LYS A 33 4.83 -4.73 15.50
N LYS A 34 4.12 -3.59 15.62
CA LYS A 34 4.21 -2.63 16.75
C LYS A 34 5.59 -1.97 16.92
N ILE A 35 6.48 -2.06 15.93
CA ILE A 35 7.84 -1.52 16.00
C ILE A 35 7.77 0.01 15.91
N PRO A 36 8.42 0.77 16.83
CA PRO A 36 8.47 2.22 16.73
C PRO A 36 9.41 2.67 15.60
N TYR A 37 8.97 3.69 14.86
CA TYR A 37 9.75 4.37 13.83
C TYR A 37 9.48 5.87 13.84
N LYS A 38 10.44 6.69 13.38
CA LYS A 38 10.17 8.11 13.09
C LYS A 38 9.45 8.23 11.74
N SER A 39 8.27 8.85 11.72
CA SER A 39 7.51 9.08 10.47
C SER A 39 7.73 10.50 9.94
N HIS A 40 8.68 10.66 9.03
CA HIS A 40 8.99 11.93 8.37
C HIS A 40 8.03 12.16 7.20
N LEU A 41 7.08 13.07 7.39
CA LEU A 41 6.19 13.54 6.33
C LEU A 41 6.96 14.47 5.37
N ILE A 42 7.14 14.06 4.12
CA ILE A 42 7.83 14.83 3.08
C ILE A 42 6.83 15.34 2.03
N ASN A 43 6.68 16.66 1.92
CA ASN A 43 5.99 17.28 0.79
C ASN A 43 6.87 17.21 -0.46
N LEU A 44 6.91 16.07 -1.13
CA LEU A 44 7.92 15.76 -2.15
C LEU A 44 7.94 16.62 -3.44
N GLY A 45 7.04 17.60 -3.58
CA GLY A 45 7.23 18.68 -4.56
C GLY A 45 8.31 19.69 -4.15
N ASP A 46 8.51 19.83 -2.83
CA ASP A 46 9.52 20.62 -2.14
C ASP A 46 10.39 19.69 -1.26
N LYS A 47 10.95 18.65 -1.89
CA LYS A 47 11.74 17.62 -1.20
C LYS A 47 13.11 18.19 -0.78
N PRO A 48 13.42 18.28 0.53
CA PRO A 48 14.64 18.93 1.01
C PRO A 48 15.89 18.10 0.71
N GLN A 49 17.05 18.76 0.73
CA GLN A 49 18.35 18.13 0.44
C GLN A 49 18.72 16.98 1.41
N TRP A 50 18.35 17.08 2.69
CA TRP A 50 18.54 15.99 3.67
C TRP A 50 17.68 14.74 3.40
N PHE A 51 16.58 14.87 2.64
CA PHE A 51 15.80 13.74 2.14
C PHE A 51 16.39 13.14 0.86
N LEU A 52 16.98 13.98 -0.02
CA LEU A 52 17.70 13.52 -1.21
C LEU A 52 19.01 12.77 -0.86
N GLU A 53 19.58 13.06 0.32
CA GLU A 53 20.64 12.27 0.97
C GLU A 53 20.17 10.93 1.56
N ILE A 54 18.88 10.61 1.46
CA ILE A 54 18.29 9.32 1.85
C ILE A 54 17.71 8.61 0.60
N SER A 55 17.04 9.34 -0.30
CA SER A 55 16.52 8.87 -1.58
C SER A 55 17.23 9.56 -2.77
N PRO A 56 18.21 8.91 -3.42
CA PRO A 56 18.90 9.46 -4.59
C PRO A 56 18.00 9.58 -5.83
N GLU A 57 16.89 8.82 -5.88
CA GLU A 57 15.85 8.94 -6.92
C GLU A 57 14.71 9.91 -6.53
N GLY A 58 14.75 10.52 -5.34
CA GLY A 58 13.80 11.52 -4.86
C GLY A 58 12.37 11.01 -4.60
N LYS A 59 12.20 9.70 -4.34
CA LYS A 59 10.90 9.02 -4.18
C LYS A 59 10.59 8.70 -2.72
N VAL A 60 9.31 8.51 -2.44
CA VAL A 60 8.77 7.88 -1.23
C VAL A 60 8.05 6.56 -1.56
N PRO A 61 8.05 5.59 -0.62
CA PRO A 61 8.83 5.58 0.62
C PRO A 61 10.33 5.43 0.36
N VAL A 62 11.08 5.94 1.32
CA VAL A 62 12.47 5.55 1.60
C VAL A 62 12.59 5.42 3.12
N VAL A 63 13.44 4.50 3.59
CA VAL A 63 13.63 4.24 5.02
C VAL A 63 15.10 4.25 5.38
N LYS A 64 15.42 4.39 6.67
CA LYS A 64 16.75 4.18 7.24
C LYS A 64 16.68 3.01 8.22
N ILE A 65 17.10 1.82 7.77
CA ILE A 65 17.13 0.60 8.57
C ILE A 65 18.46 0.53 9.31
N ASP A 66 18.42 0.61 10.63
CA ASP A 66 19.61 0.78 11.48
C ASP A 66 20.42 2.05 11.10
N ASP A 67 19.70 3.12 10.74
CA ASP A 67 20.18 4.38 10.14
C ASP A 67 20.78 4.29 8.71
N LYS A 68 20.64 3.15 8.02
CA LYS A 68 21.18 2.91 6.66
C LYS A 68 20.06 2.98 5.62
N TRP A 69 20.19 3.85 4.62
CA TRP A 69 19.06 4.12 3.70
C TRP A 69 18.74 2.94 2.78
N VAL A 70 17.44 2.74 2.50
CA VAL A 70 16.87 1.75 1.58
C VAL A 70 15.67 2.37 0.87
N ALA A 71 15.67 2.35 -0.47
CA ALA A 71 14.63 2.88 -1.33
C ALA A 71 13.83 1.77 -2.05
N ASP A 72 12.67 2.16 -2.60
CA ASP A 72 11.73 1.34 -3.39
C ASP A 72 11.02 0.23 -2.57
N SER A 73 9.70 0.37 -2.41
CA SER A 73 8.94 -0.28 -1.34
C SER A 73 8.90 -1.81 -1.40
N ASP A 74 9.12 -2.44 -2.55
CA ASP A 74 9.29 -3.90 -2.66
C ASP A 74 10.63 -4.38 -2.04
N VAL A 75 11.71 -3.60 -2.17
CA VAL A 75 12.99 -3.87 -1.49
C VAL A 75 12.86 -3.60 0.02
N ILE A 76 12.18 -2.52 0.38
CA ILE A 76 11.95 -2.13 1.78
C ILE A 76 11.11 -3.17 2.52
N VAL A 77 10.00 -3.65 1.93
CA VAL A 77 9.17 -4.72 2.47
C VAL A 77 9.94 -6.04 2.57
N GLY A 78 10.76 -6.37 1.57
CA GLY A 78 11.63 -7.54 1.62
C GLY A 78 12.58 -7.55 2.82
N ILE A 79 13.26 -6.42 3.08
CA ILE A 79 14.18 -6.32 4.22
C ILE A 79 13.44 -6.23 5.56
N LEU A 80 12.41 -5.39 5.71
CA LEU A 80 11.71 -5.22 7.00
C LEU A 80 10.98 -6.49 7.45
N GLU A 81 10.49 -7.29 6.50
CA GLU A 81 9.76 -8.51 6.82
C GLU A 81 10.63 -9.77 6.97
N GLU A 82 11.88 -9.71 6.52
CA GLU A 82 12.94 -10.69 6.83
C GLU A 82 13.74 -10.30 8.11
N LYS A 83 13.95 -9.00 8.40
CA LYS A 83 15.00 -8.49 9.31
C LYS A 83 14.46 -7.42 10.26
N ASN A 84 13.89 -7.89 11.37
CA ASN A 84 13.51 -7.11 12.54
C ASN A 84 13.59 -8.01 13.80
N PRO A 85 13.56 -7.44 15.03
CA PRO A 85 13.54 -8.26 16.25
C PRO A 85 12.23 -9.07 16.37
N GLU A 86 11.13 -8.51 15.90
CA GLU A 86 9.82 -9.18 15.84
C GLU A 86 9.78 -10.24 14.73
N PRO A 87 8.99 -11.33 14.89
CA PRO A 87 8.99 -12.47 13.97
C PRO A 87 8.79 -12.11 12.49
N PRO A 88 9.47 -12.82 11.57
CA PRO A 88 9.42 -12.51 10.15
C PRO A 88 8.04 -12.78 9.55
N LEU A 89 7.53 -11.83 8.76
CA LEU A 89 6.34 -11.99 7.89
C LEU A 89 6.74 -12.15 6.41
N ALA A 90 8.04 -12.30 6.14
CA ALA A 90 8.61 -12.81 4.88
C ALA A 90 8.36 -14.32 4.69
N THR A 91 7.11 -14.74 4.86
CA THR A 91 6.61 -16.09 4.54
C THR A 91 5.42 -15.99 3.56
N PRO A 92 5.61 -15.49 2.32
CA PRO A 92 4.50 -15.25 1.41
C PRO A 92 3.87 -16.58 0.97
N PRO A 93 2.56 -16.83 1.25
CA PRO A 93 1.88 -18.03 0.80
C PRO A 93 1.57 -17.98 -0.71
N GLU A 94 0.88 -18.99 -1.20
CA GLU A 94 0.47 -19.21 -2.60
C GLU A 94 -0.29 -18.00 -3.20
N PHE A 95 -1.01 -17.26 -2.36
CA PHE A 95 -1.66 -15.97 -2.69
C PHE A 95 -0.71 -14.94 -3.31
N ALA A 96 0.60 -14.97 -3.02
CA ALA A 96 1.60 -14.07 -3.61
C ALA A 96 1.76 -14.26 -5.14
N SER A 97 1.51 -15.47 -5.65
CA SER A 97 1.52 -15.77 -7.09
C SER A 97 0.36 -15.08 -7.85
N VAL A 98 -0.73 -14.76 -7.15
CA VAL A 98 -1.88 -14.02 -7.69
C VAL A 98 -1.75 -12.52 -7.37
N GLY A 99 -1.32 -12.19 -6.15
CA GLY A 99 -1.12 -10.82 -5.68
C GLY A 99 -0.04 -10.04 -6.43
N SER A 100 1.00 -10.71 -6.93
CA SER A 100 2.01 -10.11 -7.82
C SER A 100 1.46 -9.68 -9.20
N LYS A 101 0.32 -10.24 -9.64
CA LYS A 101 -0.40 -9.83 -10.86
C LYS A 101 -1.48 -8.78 -10.58
N ILE A 102 -2.12 -8.84 -9.41
CA ILE A 102 -3.09 -7.83 -8.95
C ILE A 102 -2.41 -6.49 -8.60
N PHE A 103 -1.20 -6.53 -8.02
CA PHE A 103 -0.43 -5.35 -7.61
C PHE A 103 -0.19 -4.32 -8.73
N PRO A 104 0.22 -4.71 -9.96
CA PRO A 104 0.27 -3.81 -11.11
C PRO A 104 -1.08 -3.58 -11.80
N SER A 105 -2.01 -4.54 -11.84
CA SER A 105 -3.30 -4.33 -12.52
C SER A 105 -4.25 -3.39 -11.76
N PHE A 106 -4.10 -3.28 -10.44
CA PHE A 106 -4.60 -2.17 -9.63
C PHE A 106 -4.02 -0.81 -10.08
N VAL A 107 -2.71 -0.72 -10.31
CA VAL A 107 -2.06 0.53 -10.77
C VAL A 107 -2.45 0.90 -12.21
N LYS A 108 -2.71 -0.10 -13.07
CA LYS A 108 -3.32 0.13 -14.39
C LYS A 108 -4.74 0.67 -14.27
N PHE A 109 -5.56 0.11 -13.37
CA PHE A 109 -6.95 0.53 -13.19
C PHE A 109 -7.07 1.95 -12.60
N LEU A 110 -6.16 2.29 -11.68
CA LEU A 110 -5.92 3.66 -11.16
C LEU A 110 -5.40 4.66 -12.23
N LYS A 111 -4.99 4.20 -13.43
CA LYS A 111 -4.35 4.99 -14.49
C LYS A 111 -4.81 4.57 -15.91
N SER A 112 -6.11 4.29 -16.05
CA SER A 112 -6.72 3.58 -17.19
C SER A 112 -6.72 4.33 -18.54
N LYS A 113 -5.53 4.68 -19.07
CA LYS A 113 -5.35 5.17 -20.45
C LYS A 113 -5.54 4.07 -21.48
N ASP A 114 -5.11 2.86 -21.14
CA ASP A 114 -5.67 1.62 -21.66
C ASP A 114 -6.96 1.32 -20.86
N PRO A 115 -8.17 1.38 -21.47
CA PRO A 115 -9.40 1.78 -20.79
C PRO A 115 -9.82 0.97 -19.56
N ASN A 116 -10.65 1.61 -18.73
CA ASN A 116 -11.08 1.09 -17.43
C ASN A 116 -11.75 -0.27 -17.54
N ASP A 117 -12.74 -0.42 -18.40
CA ASP A 117 -13.65 -1.58 -18.34
C ASP A 117 -13.07 -2.87 -18.93
N GLY A 118 -12.07 -2.75 -19.80
CA GLY A 118 -11.22 -3.88 -20.21
C GLY A 118 -10.15 -4.22 -19.18
N THR A 119 -9.60 -3.21 -18.52
CA THR A 119 -8.70 -3.37 -17.37
C THR A 119 -9.40 -3.96 -16.14
N GLU A 120 -10.69 -3.68 -15.97
CA GLU A 120 -11.55 -4.19 -14.90
C GLU A 120 -11.73 -5.71 -15.00
N GLN A 121 -11.95 -6.25 -16.20
CA GLN A 121 -12.02 -7.70 -16.43
C GLN A 121 -10.67 -8.38 -16.15
N ALA A 122 -9.56 -7.79 -16.62
CA ALA A 122 -8.20 -8.27 -16.33
C ALA A 122 -7.83 -8.21 -14.84
N LEU A 123 -8.44 -7.31 -14.07
CA LEU A 123 -8.31 -7.22 -12.61
C LEU A 123 -9.24 -8.22 -11.88
N LEU A 124 -10.49 -8.36 -12.32
CA LEU A 124 -11.51 -9.19 -11.68
C LEU A 124 -11.20 -10.69 -11.76
N GLU A 125 -10.67 -11.20 -12.86
CA GLU A 125 -10.37 -12.64 -12.97
C GLU A 125 -9.24 -13.09 -12.03
N GLU A 126 -8.24 -12.23 -11.81
CA GLU A 126 -7.21 -12.43 -10.79
C GLU A 126 -7.74 -12.25 -9.35
N LEU A 127 -8.62 -11.27 -9.11
CA LEU A 127 -9.28 -11.11 -7.81
C LEU A 127 -10.21 -12.28 -7.48
N LYS A 128 -10.87 -12.92 -8.46
CA LYS A 128 -11.64 -14.16 -8.26
C LYS A 128 -10.74 -15.34 -7.90
N ALA A 129 -9.58 -15.45 -8.55
CA ALA A 129 -8.58 -16.48 -8.23
C ALA A 129 -8.02 -16.31 -6.80
N LEU A 130 -7.84 -15.07 -6.34
CA LEU A 130 -7.47 -14.76 -4.96
C LEU A 130 -8.62 -15.08 -3.97
N ASP A 131 -9.80 -14.51 -4.19
CA ASP A 131 -10.95 -14.58 -3.28
C ASP A 131 -11.57 -15.99 -3.15
N GLY A 132 -11.51 -16.78 -4.21
CA GLY A 132 -11.91 -18.20 -4.19
C GLY A 132 -11.09 -19.05 -3.22
N HIS A 133 -9.82 -18.70 -3.00
CA HIS A 133 -8.99 -19.30 -1.96
C HIS A 133 -9.13 -18.59 -0.59
N LEU A 134 -9.32 -17.26 -0.56
CA LEU A 134 -9.52 -16.52 0.71
C LEU A 134 -10.77 -16.96 1.49
N LYS A 135 -11.85 -17.32 0.78
CA LYS A 135 -13.07 -17.90 1.37
C LYS A 135 -12.89 -19.32 1.94
N VAL A 136 -11.68 -19.88 1.87
CA VAL A 136 -11.24 -21.09 2.61
C VAL A 136 -10.19 -20.76 3.68
N HIS A 137 -9.27 -19.82 3.42
CA HIS A 137 -8.13 -19.53 4.31
C HIS A 137 -8.38 -18.44 5.38
N GLY A 138 -9.41 -17.62 5.22
CA GLY A 138 -9.79 -16.61 6.21
C GLY A 138 -8.88 -15.38 6.25
N PRO A 139 -8.65 -14.83 7.46
CA PRO A 139 -8.99 -13.45 7.84
C PRO A 139 -8.23 -12.32 7.16
N PHE A 140 -7.06 -12.57 6.56
CA PHE A 140 -6.24 -11.56 5.88
C PHE A 140 -6.08 -11.89 4.39
N ILE A 141 -5.51 -10.99 3.57
CA ILE A 141 -5.32 -11.21 2.14
C ILE A 141 -4.21 -12.25 1.83
N ALA A 142 -3.49 -12.70 2.86
CA ALA A 142 -2.66 -13.90 2.87
C ALA A 142 -3.22 -15.07 3.71
N GLY A 143 -4.51 -15.04 4.10
CA GLY A 143 -5.15 -16.06 4.91
C GLY A 143 -4.93 -15.88 6.42
N GLU A 144 -4.11 -16.75 7.02
CA GLU A 144 -3.88 -16.85 8.48
C GLU A 144 -3.51 -15.51 9.15
N LYS A 145 -2.66 -14.73 8.49
CA LYS A 145 -1.96 -13.56 9.03
C LYS A 145 -1.63 -12.57 7.92
N ILE A 146 -1.28 -11.35 8.30
CA ILE A 146 -0.67 -10.37 7.39
C ILE A 146 0.70 -10.87 6.92
N THR A 147 0.95 -10.80 5.61
CA THR A 147 2.27 -11.00 4.99
C THR A 147 2.50 -9.98 3.86
N ALA A 148 3.58 -10.14 3.07
CA ALA A 148 3.86 -9.31 1.91
C ALA A 148 2.73 -9.22 0.85
N VAL A 149 1.75 -10.14 0.84
CA VAL A 149 0.55 -10.03 -0.02
C VAL A 149 -0.38 -8.91 0.44
N ASP A 150 -0.65 -8.81 1.75
CA ASP A 150 -1.39 -7.70 2.37
C ASP A 150 -0.68 -6.37 2.19
N LEU A 151 0.63 -6.38 2.43
CA LEU A 151 1.50 -5.21 2.21
C LEU A 151 1.53 -4.79 0.73
N SER A 152 1.13 -5.64 -0.21
CA SER A 152 1.01 -5.29 -1.63
C SER A 152 -0.38 -4.80 -2.00
N LEU A 153 -1.44 -5.50 -1.58
CA LEU A 153 -2.80 -5.28 -2.08
C LEU A 153 -3.65 -4.34 -1.21
N ALA A 154 -3.50 -4.39 0.11
CA ALA A 154 -4.33 -3.64 1.06
C ALA A 154 -4.34 -2.11 0.82
N PRO A 155 -3.20 -1.43 0.62
CA PRO A 155 -3.20 0.01 0.36
C PRO A 155 -3.70 0.36 -1.05
N LYS A 156 -3.65 -0.57 -2.00
CA LYS A 156 -4.19 -0.37 -3.35
C LYS A 156 -5.70 -0.57 -3.43
N LEU A 157 -6.28 -1.40 -2.56
CA LEU A 157 -7.73 -1.44 -2.30
C LEU A 157 -8.23 -0.13 -1.67
N TYR A 158 -7.51 0.43 -0.69
CA TYR A 158 -7.82 1.75 -0.13
C TYR A 158 -7.77 2.85 -1.20
N HIS A 159 -6.72 2.83 -2.04
CA HIS A 159 -6.55 3.79 -3.13
C HIS A 159 -7.67 3.71 -4.20
N LEU A 160 -8.25 2.52 -4.45
CA LEU A 160 -9.42 2.36 -5.31
C LEU A 160 -10.73 2.84 -4.66
N GLU A 161 -11.02 2.44 -3.43
CA GLU A 161 -12.26 2.86 -2.73
C GLU A 161 -12.33 4.39 -2.55
N VAL A 162 -11.17 5.03 -2.39
CA VAL A 162 -11.02 6.47 -2.21
C VAL A 162 -10.90 7.24 -3.53
N ALA A 163 -9.79 7.05 -4.27
CA ALA A 163 -9.37 8.01 -5.29
C ALA A 163 -10.02 7.79 -6.65
N LEU A 164 -9.99 6.54 -7.15
CA LEU A 164 -10.82 6.15 -8.28
C LEU A 164 -12.32 6.28 -7.94
N GLY A 165 -12.67 6.03 -6.68
CA GLY A 165 -14.04 6.15 -6.15
C GLY A 165 -14.70 7.52 -6.35
N HIS A 166 -13.93 8.60 -6.41
CA HIS A 166 -14.41 9.96 -6.68
C HIS A 166 -14.99 10.16 -8.10
N PHE A 167 -14.61 9.32 -9.08
CA PHE A 167 -15.10 9.41 -10.47
C PHE A 167 -15.67 8.09 -11.03
N LYS A 168 -15.28 6.94 -10.45
CA LYS A 168 -15.89 5.62 -10.66
C LYS A 168 -15.88 4.87 -9.34
N ASN A 169 -16.92 5.09 -8.53
CA ASN A 169 -17.21 4.36 -7.30
C ASN A 169 -17.46 2.87 -7.59
N TRP A 170 -16.36 2.11 -7.63
CA TRP A 170 -16.32 0.78 -8.23
C TRP A 170 -16.68 -0.31 -7.22
N PRO A 171 -17.73 -1.12 -7.47
CA PRO A 171 -18.00 -2.29 -6.65
C PRO A 171 -16.95 -3.38 -6.93
N ILE A 172 -16.09 -3.61 -5.94
CA ILE A 172 -15.60 -4.96 -5.61
C ILE A 172 -16.85 -5.81 -5.26
N PRO A 173 -17.29 -6.76 -6.11
CA PRO A 173 -18.62 -7.34 -5.96
C PRO A 173 -18.76 -8.20 -4.70
N ASP A 174 -20.01 -8.51 -4.32
CA ASP A 174 -20.35 -9.46 -3.26
C ASP A 174 -19.82 -10.88 -3.51
N ASN A 175 -19.59 -11.23 -4.78
CA ASN A 175 -18.92 -12.47 -5.20
C ASN A 175 -17.44 -12.55 -4.79
N LEU A 176 -16.75 -11.41 -4.63
CA LEU A 176 -15.40 -11.29 -4.05
C LEU A 176 -15.49 -11.16 -2.51
N THR A 177 -16.24 -12.05 -1.88
CA THR A 177 -16.86 -11.83 -0.56
C THR A 177 -15.84 -11.61 0.56
N HIS A 178 -14.67 -12.25 0.50
CA HIS A 178 -13.63 -12.04 1.51
C HIS A 178 -12.81 -10.79 1.25
N VAL A 179 -12.51 -10.46 -0.03
CA VAL A 179 -11.88 -9.18 -0.40
C VAL A 179 -12.77 -7.98 -0.03
N LEU A 180 -14.09 -8.08 -0.21
CA LEU A 180 -15.05 -7.04 0.17
C LEU A 180 -15.12 -6.78 1.68
N ASN A 181 -15.08 -7.85 2.49
CA ASN A 181 -14.96 -7.71 3.95
C ASN A 181 -13.57 -7.18 4.38
N TYR A 182 -12.50 -7.60 3.69
CA TYR A 182 -11.13 -7.15 3.96
C TYR A 182 -10.92 -5.65 3.69
N ILE A 183 -11.68 -5.05 2.77
CA ILE A 183 -11.69 -3.58 2.56
C ILE A 183 -12.13 -2.84 3.84
N LYS A 184 -13.01 -3.44 4.65
CA LYS A 184 -13.44 -2.83 5.93
C LYS A 184 -12.49 -3.12 7.10
N LEU A 185 -11.52 -4.03 6.94
CA LEU A 185 -10.34 -4.11 7.80
C LEU A 185 -9.32 -2.98 7.57
N LEU A 186 -9.39 -2.26 6.44
CA LEU A 186 -8.46 -1.15 6.12
C LEU A 186 -8.64 0.07 7.06
N PHE A 187 -9.74 0.11 7.80
CA PHE A 187 -10.02 1.13 8.83
C PHE A 187 -9.80 0.61 10.28
N SER A 188 -9.29 -0.61 10.44
CA SER A 188 -9.24 -1.41 11.67
C SER A 188 -7.82 -1.60 12.22
N ARG A 189 -7.71 -2.34 13.34
CA ARG A 189 -6.48 -2.53 14.13
C ARG A 189 -5.87 -1.17 14.52
N GLU A 190 -4.59 -1.17 14.85
CA GLU A 190 -3.73 0.01 14.84
C GLU A 190 -3.16 0.20 13.43
N SER A 191 -2.77 -0.91 12.81
CA SER A 191 -1.89 -0.98 11.65
C SER A 191 -2.50 -0.42 10.36
N PHE A 192 -3.61 -0.99 9.88
CA PHE A 192 -4.34 -0.45 8.72
C PHE A 192 -4.86 0.98 8.98
N LYS A 193 -5.47 1.19 10.15
CA LYS A 193 -6.04 2.48 10.56
C LYS A 193 -5.03 3.64 10.53
N LYS A 194 -3.76 3.39 10.88
CA LYS A 194 -2.67 4.38 10.82
C LYS A 194 -2.14 4.67 9.42
N THR A 195 -2.45 3.87 8.40
CA THR A 195 -2.10 4.20 7.01
C THR A 195 -3.03 5.24 6.39
N ARG A 196 -4.17 5.57 7.03
CA ARG A 196 -5.26 6.37 6.47
C ARG A 196 -4.86 7.84 6.24
N ALA A 197 -4.24 8.10 5.09
CA ALA A 197 -4.11 9.43 4.50
C ALA A 197 -5.50 10.00 4.18
N ALA A 198 -5.77 11.24 4.60
CA ALA A 198 -7.11 11.84 4.52
C ALA A 198 -7.62 11.87 3.07
N GLU A 199 -8.85 11.39 2.87
CA GLU A 199 -9.32 10.90 1.58
C GLU A 199 -9.29 11.95 0.44
N GLU A 200 -9.62 13.21 0.74
CA GLU A 200 -9.52 14.35 -0.19
C GLU A 200 -8.08 14.59 -0.67
N HIS A 201 -7.10 14.40 0.22
CA HIS A 201 -5.68 14.56 -0.04
C HIS A 201 -5.03 13.30 -0.66
N VAL A 202 -5.77 12.20 -0.75
CA VAL A 202 -5.44 11.06 -1.62
C VAL A 202 -6.01 11.29 -3.02
N ILE A 203 -7.27 11.75 -3.15
CA ILE A 203 -7.90 12.12 -4.43
C ILE A 203 -7.09 13.21 -5.17
N ALA A 204 -6.77 14.30 -4.48
CA ALA A 204 -5.94 15.39 -5.01
C ALA A 204 -4.46 15.03 -5.19
N GLY A 205 -3.99 13.92 -4.60
CA GLY A 205 -2.67 13.36 -4.87
C GLY A 205 -2.64 12.44 -6.10
N TRP A 206 -3.75 11.74 -6.34
CA TRP A 206 -3.96 10.75 -7.40
C TRP A 206 -4.37 11.34 -8.75
N GLU A 207 -5.17 12.40 -8.78
CA GLU A 207 -5.70 12.98 -10.03
C GLU A 207 -4.62 13.31 -11.09
N PRO A 208 -3.50 13.99 -10.76
CA PRO A 208 -2.40 14.16 -11.72
C PRO A 208 -1.64 12.86 -12.02
N LYS A 209 -1.65 11.87 -11.12
CA LYS A 209 -1.03 10.54 -11.32
C LYS A 209 -1.81 9.62 -12.26
N VAL A 210 -3.05 9.97 -12.61
CA VAL A 210 -3.73 9.39 -13.79
C VAL A 210 -2.94 9.69 -15.07
N ASN A 211 -2.09 10.73 -15.05
CA ASN A 211 -1.15 11.07 -16.11
C ASN A 211 0.34 10.79 -15.83
N ALA A 212 0.75 10.44 -14.59
CA ALA A 212 2.14 10.26 -14.15
C ALA A 212 2.30 9.09 -13.17
N MET A 1 21.30 3.04 14.08
CA MET A 1 20.44 2.26 15.00
C MET A 1 18.98 2.65 14.87
N ALA A 2 18.08 1.69 15.06
CA ALA A 2 16.62 1.87 15.05
C ALA A 2 16.05 2.34 13.68
N LEU A 3 14.74 2.54 13.61
CA LEU A 3 14.02 2.90 12.38
C LEU A 3 13.64 4.38 12.30
N GLU A 4 13.71 4.90 11.08
CA GLU A 4 13.27 6.24 10.67
C GLU A 4 12.88 6.19 9.20
N ILE A 5 11.69 6.66 8.86
CA ILE A 5 11.10 6.51 7.52
C ILE A 5 10.68 7.87 6.98
N CYS A 6 10.89 8.11 5.69
CA CYS A 6 10.38 9.27 4.97
C CYS A 6 9.21 8.85 4.07
N VAL A 7 8.05 9.46 4.28
CA VAL A 7 6.77 9.11 3.66
C VAL A 7 6.08 10.35 3.09
N LYS A 8 5.10 10.15 2.22
CA LYS A 8 4.34 11.23 1.60
C LYS A 8 3.59 12.07 2.65
N ALA A 9 3.92 13.35 2.73
CA ALA A 9 2.99 14.36 3.20
C ALA A 9 2.00 14.79 2.11
N ALA A 10 0.82 15.26 2.50
CA ALA A 10 -0.12 15.87 1.58
C ALA A 10 0.43 17.17 0.97
N VAL A 11 0.11 17.39 -0.31
CA VAL A 11 0.32 18.69 -0.96
C VAL A 11 -0.67 19.70 -0.39
N GLY A 12 -0.22 20.92 -0.10
CA GLY A 12 -1.00 21.94 0.61
C GLY A 12 -1.11 21.74 2.12
N ALA A 13 -1.18 20.49 2.58
CA ALA A 13 -1.28 20.11 4.01
C ALA A 13 -0.06 19.27 4.47
N PRO A 14 1.16 19.84 4.56
CA PRO A 14 2.39 19.10 4.84
C PRO A 14 2.46 18.42 6.22
N ASN A 15 1.54 18.73 7.14
CA ASN A 15 1.47 18.14 8.48
C ASN A 15 0.55 16.90 8.58
N ILE A 16 0.05 16.36 7.45
CA ILE A 16 -0.65 15.08 7.38
C ILE A 16 -0.08 14.19 6.27
N LEU A 17 -0.38 12.88 6.32
CA LEU A 17 -0.14 11.96 5.20
C LEU A 17 -0.98 12.36 3.96
N GLY A 18 -0.43 12.14 2.77
CA GLY A 18 -1.13 12.25 1.47
C GLY A 18 -0.94 11.02 0.59
N ASP A 19 -1.34 11.08 -0.68
CA ASP A 19 -1.22 9.93 -1.60
C ASP A 19 0.21 9.40 -1.80
N CYS A 20 0.46 8.24 -1.22
CA CYS A 20 1.33 7.21 -1.76
C CYS A 20 0.96 5.85 -1.15
N PRO A 21 0.25 4.94 -1.84
CA PRO A 21 -0.05 3.60 -1.31
C PRO A 21 1.21 2.75 -1.10
N PHE A 22 2.33 3.12 -1.74
CA PHE A 22 3.63 2.50 -1.49
C PHE A 22 4.22 2.87 -0.11
N CYS A 23 3.92 4.07 0.43
CA CYS A 23 4.22 4.41 1.82
C CYS A 23 3.33 3.66 2.81
N GLN A 24 2.05 3.48 2.48
CA GLN A 24 1.10 2.76 3.32
C GLN A 24 1.50 1.30 3.59
N ARG A 25 2.27 0.66 2.68
CA ARG A 25 2.86 -0.69 2.90
C ARG A 25 3.76 -0.74 4.14
N VAL A 26 4.62 0.27 4.29
CA VAL A 26 5.62 0.38 5.36
C VAL A 26 4.97 0.83 6.68
N LEU A 27 4.02 1.76 6.61
CA LEU A 27 3.21 2.17 7.75
C LEU A 27 2.42 0.98 8.34
N LEU A 28 1.85 0.13 7.46
CA LEU A 28 1.14 -1.09 7.81
C LEU A 28 2.05 -2.11 8.51
N SER A 29 3.18 -2.50 7.92
CA SER A 29 3.97 -3.62 8.47
C SER A 29 4.66 -3.30 9.79
N LEU A 30 5.16 -2.07 9.95
CA LEU A 30 5.81 -1.64 11.19
C LEU A 30 4.83 -1.45 12.34
N GLU A 31 3.63 -0.91 12.08
CA GLU A 31 2.55 -0.86 13.09
C GLU A 31 1.86 -2.21 13.32
N GLU A 32 1.90 -3.15 12.37
CA GLU A 32 1.43 -4.52 12.61
C GLU A 32 2.37 -5.25 13.59
N LYS A 33 3.68 -5.16 13.33
CA LYS A 33 4.76 -5.59 14.24
C LYS A 33 4.93 -4.72 15.50
N LYS A 34 4.19 -3.61 15.63
CA LYS A 34 4.27 -2.65 16.75
C LYS A 34 5.66 -2.00 16.95
N ILE A 35 6.55 -2.06 15.95
CA ILE A 35 7.90 -1.48 16.02
C ILE A 35 7.77 0.06 15.96
N PRO A 36 8.33 0.82 16.92
CA PRO A 36 8.36 2.28 16.84
C PRO A 36 9.36 2.76 15.79
N TYR A 37 8.95 3.75 15.00
CA TYR A 37 9.77 4.43 14.00
C TYR A 37 9.55 5.95 14.06
N LYS A 38 10.56 6.74 13.69
CA LYS A 38 10.33 8.15 13.32
C LYS A 38 9.66 8.20 11.93
N SER A 39 8.68 9.07 11.75
CA SER A 39 7.90 9.17 10.50
C SER A 39 7.94 10.58 9.92
N HIS A 40 8.89 10.83 9.02
CA HIS A 40 9.02 12.10 8.33
C HIS A 40 7.95 12.25 7.25
N LEU A 41 7.04 13.21 7.46
CA LEU A 41 6.15 13.74 6.44
C LEU A 41 6.94 14.62 5.45
N ILE A 42 7.25 14.08 4.28
CA ILE A 42 7.90 14.84 3.19
C ILE A 42 6.83 15.31 2.18
N ASN A 43 6.58 16.62 2.12
CA ASN A 43 5.78 17.24 1.04
C ASN A 43 6.63 17.38 -0.23
N LEU A 44 6.93 16.23 -0.86
CA LEU A 44 7.93 16.09 -1.93
C LEU A 44 7.71 16.88 -3.25
N GLY A 45 6.75 17.79 -3.32
CA GLY A 45 6.82 18.90 -4.28
C GLY A 45 7.98 19.85 -3.94
N ASP A 46 8.11 20.17 -2.65
CA ASP A 46 9.25 20.83 -2.04
C ASP A 46 10.11 19.80 -1.27
N LYS A 47 10.82 18.95 -2.02
CA LYS A 47 11.63 17.85 -1.46
C LYS A 47 13.00 18.37 -0.98
N PRO A 48 13.27 18.39 0.34
CA PRO A 48 14.50 18.97 0.89
C PRO A 48 15.73 18.09 0.64
N GLN A 49 16.92 18.69 0.68
CA GLN A 49 18.19 18.00 0.41
C GLN A 49 18.48 16.82 1.36
N TRP A 50 18.08 16.89 2.62
CA TRP A 50 18.23 15.77 3.57
C TRP A 50 17.40 14.53 3.20
N PHE A 51 16.23 14.72 2.57
CA PHE A 51 15.47 13.62 1.99
C PHE A 51 16.06 13.13 0.66
N LEU A 52 16.65 14.00 -0.17
CA LEU A 52 17.37 13.61 -1.39
C LEU A 52 18.68 12.85 -1.12
N GLU A 53 19.33 13.12 0.01
CA GLU A 53 20.47 12.38 0.55
C GLU A 53 20.09 10.95 1.02
N ILE A 54 18.84 10.77 1.48
CA ILE A 54 18.26 9.47 1.85
C ILE A 54 17.68 8.74 0.61
N SER A 55 17.14 9.47 -0.37
CA SER A 55 16.50 8.94 -1.58
C SER A 55 17.03 9.66 -2.84
N PRO A 56 18.05 9.12 -3.52
CA PRO A 56 18.64 9.75 -4.70
C PRO A 56 17.70 9.76 -5.93
N GLU A 57 16.64 8.96 -5.93
CA GLU A 57 15.54 9.06 -6.91
C GLU A 57 14.51 10.15 -6.58
N GLY A 58 14.58 10.76 -5.38
CA GLY A 58 13.59 11.70 -4.87
C GLY A 58 12.23 11.09 -4.53
N LYS A 59 12.13 9.75 -4.46
CA LYS A 59 10.90 8.99 -4.20
C LYS A 59 10.67 8.72 -2.72
N VAL A 60 9.41 8.61 -2.33
CA VAL A 60 8.91 7.94 -1.12
C VAL A 60 8.13 6.65 -1.47
N PRO A 61 8.08 5.65 -0.56
CA PRO A 61 8.81 5.57 0.70
C PRO A 61 10.31 5.42 0.52
N VAL A 62 11.03 5.82 1.55
CA VAL A 62 12.42 5.45 1.78
C VAL A 62 12.62 5.31 3.29
N VAL A 63 13.43 4.33 3.71
CA VAL A 63 13.57 3.96 5.12
C VAL A 63 15.04 3.90 5.51
N LYS A 64 15.36 4.25 6.76
CA LYS A 64 16.70 4.21 7.34
C LYS A 64 16.81 3.02 8.30
N ILE A 65 17.00 1.81 7.76
CA ILE A 65 17.04 0.56 8.54
C ILE A 65 18.34 0.50 9.33
N ASP A 66 18.22 0.53 10.65
CA ASP A 66 19.34 0.79 11.57
C ASP A 66 20.10 2.08 11.20
N ASP A 67 19.36 3.11 10.80
CA ASP A 67 19.79 4.41 10.26
C ASP A 67 20.44 4.40 8.84
N LYS A 68 20.42 3.26 8.12
CA LYS A 68 20.99 3.10 6.77
C LYS A 68 19.90 3.11 5.68
N TRP A 69 20.01 3.97 4.66
CA TRP A 69 18.92 4.15 3.70
C TRP A 69 18.67 2.95 2.78
N VAL A 70 17.38 2.69 2.50
CA VAL A 70 16.86 1.70 1.55
C VAL A 70 15.62 2.30 0.86
N ALA A 71 15.57 2.29 -0.47
CA ALA A 71 14.50 2.81 -1.30
C ALA A 71 13.72 1.69 -2.04
N ASP A 72 12.58 2.05 -2.62
CA ASP A 72 11.64 1.20 -3.38
C ASP A 72 10.93 0.12 -2.52
N SER A 73 9.61 0.27 -2.37
CA SER A 73 8.83 -0.39 -1.32
C SER A 73 8.81 -1.92 -1.38
N ASP A 74 9.03 -2.54 -2.55
CA ASP A 74 9.23 -4.00 -2.64
C ASP A 74 10.59 -4.47 -2.12
N VAL A 75 11.66 -3.68 -2.31
CA VAL A 75 12.99 -3.93 -1.71
C VAL A 75 12.95 -3.67 -0.20
N ILE A 76 12.22 -2.63 0.23
CA ILE A 76 12.01 -2.28 1.63
C ILE A 76 11.24 -3.39 2.36
N VAL A 77 10.15 -3.91 1.77
CA VAL A 77 9.40 -5.07 2.30
C VAL A 77 10.28 -6.32 2.34
N GLY A 78 11.10 -6.55 1.31
CA GLY A 78 12.07 -7.65 1.25
C GLY A 78 13.14 -7.63 2.36
N ILE A 79 13.38 -6.47 2.99
CA ILE A 79 14.35 -6.35 4.11
C ILE A 79 13.66 -6.20 5.47
N LEU A 80 12.62 -5.37 5.60
CA LEU A 80 11.89 -5.19 6.88
C LEU A 80 11.15 -6.46 7.33
N GLU A 81 10.66 -7.26 6.38
CA GLU A 81 9.89 -8.47 6.70
C GLU A 81 10.73 -9.73 6.86
N GLU A 82 12.01 -9.69 6.46
CA GLU A 82 13.04 -10.68 6.82
C GLU A 82 13.82 -10.30 8.08
N LYS A 83 14.18 -9.01 8.26
CA LYS A 83 15.21 -8.56 9.23
C LYS A 83 14.65 -7.50 10.18
N ASN A 84 14.11 -7.96 11.30
CA ASN A 84 13.73 -7.17 12.47
C ASN A 84 13.83 -8.04 13.74
N PRO A 85 13.80 -7.46 14.95
CA PRO A 85 13.74 -8.23 16.20
C PRO A 85 12.38 -8.96 16.36
N GLU A 86 11.32 -8.36 15.82
CA GLU A 86 9.99 -8.96 15.72
C GLU A 86 9.92 -10.05 14.63
N PRO A 87 9.02 -11.05 14.76
CA PRO A 87 8.97 -12.21 13.87
C PRO A 87 8.92 -11.88 12.36
N PRO A 88 9.59 -12.68 11.51
CA PRO A 88 9.60 -12.44 10.06
C PRO A 88 8.21 -12.67 9.46
N LEU A 89 7.77 -11.70 8.64
CA LEU A 89 6.56 -11.78 7.81
C LEU A 89 6.89 -12.00 6.32
N ALA A 90 8.18 -12.18 6.00
CA ALA A 90 8.70 -12.76 4.77
C ALA A 90 8.44 -14.27 4.67
N THR A 91 7.18 -14.68 4.86
CA THR A 91 6.68 -16.05 4.62
C THR A 91 5.49 -15.99 3.65
N PRO A 92 5.72 -15.68 2.35
CA PRO A 92 4.63 -15.44 1.41
C PRO A 92 3.90 -16.76 1.10
N PRO A 93 2.58 -16.85 1.33
CA PRO A 93 1.77 -18.00 0.89
C PRO A 93 1.54 -17.96 -0.63
N GLU A 94 0.82 -18.96 -1.14
CA GLU A 94 0.44 -19.13 -2.54
C GLU A 94 -0.32 -17.91 -3.12
N PHE A 95 -1.05 -17.18 -2.27
CA PHE A 95 -1.68 -15.91 -2.60
C PHE A 95 -0.73 -14.86 -3.19
N ALA A 96 0.56 -14.89 -2.85
CA ALA A 96 1.59 -13.99 -3.40
C ALA A 96 1.78 -14.14 -4.92
N SER A 97 1.57 -15.34 -5.47
CA SER A 97 1.62 -15.60 -6.92
C SER A 97 0.47 -14.93 -7.70
N VAL A 98 -0.64 -14.62 -7.02
CA VAL A 98 -1.80 -13.93 -7.59
C VAL A 98 -1.78 -12.43 -7.24
N GLY A 99 -1.42 -12.09 -5.99
CA GLY A 99 -1.26 -10.72 -5.51
C GLY A 99 -0.17 -9.91 -6.21
N SER A 100 0.91 -10.57 -6.66
CA SER A 100 1.95 -9.95 -7.50
C SER A 100 1.48 -9.61 -8.93
N LYS A 101 0.39 -10.23 -9.42
CA LYS A 101 -0.29 -9.85 -10.68
C LYS A 101 -1.40 -8.81 -10.47
N ILE A 102 -2.07 -8.85 -9.32
CA ILE A 102 -3.07 -7.83 -8.92
C ILE A 102 -2.40 -6.48 -8.59
N PHE A 103 -1.21 -6.47 -8.00
CA PHE A 103 -0.48 -5.26 -7.63
C PHE A 103 -0.23 -4.28 -8.79
N PRO A 104 0.23 -4.70 -9.99
CA PRO A 104 0.31 -3.85 -11.17
C PRO A 104 -1.03 -3.64 -11.89
N SER A 105 -1.97 -4.59 -11.90
CA SER A 105 -3.27 -4.39 -12.56
C SER A 105 -4.18 -3.41 -11.81
N PHE A 106 -4.04 -3.30 -10.48
CA PHE A 106 -4.52 -2.17 -9.69
C PHE A 106 -3.91 -0.83 -10.14
N VAL A 107 -2.60 -0.76 -10.41
CA VAL A 107 -1.96 0.48 -10.90
C VAL A 107 -2.46 0.86 -12.30
N LYS A 108 -2.73 -0.12 -13.18
CA LYS A 108 -3.38 0.12 -14.47
C LYS A 108 -4.83 0.62 -14.32
N PHE A 109 -5.57 0.07 -13.36
CA PHE A 109 -6.95 0.46 -13.06
C PHE A 109 -7.05 1.87 -12.43
N LEU A 110 -6.01 2.27 -11.69
CA LEU A 110 -5.78 3.64 -11.20
C LEU A 110 -5.25 4.62 -12.27
N LYS A 111 -4.87 4.15 -13.47
CA LYS A 111 -4.16 4.95 -14.51
C LYS A 111 -4.62 4.60 -15.93
N SER A 112 -5.92 4.36 -16.12
CA SER A 112 -6.47 3.67 -17.30
C SER A 112 -6.54 4.50 -18.60
N LYS A 113 -5.37 4.92 -19.11
CA LYS A 113 -5.17 5.41 -20.48
C LYS A 113 -5.41 4.29 -21.52
N ASP A 114 -5.00 3.08 -21.17
CA ASP A 114 -5.56 1.84 -21.70
C ASP A 114 -6.81 1.50 -20.85
N PRO A 115 -8.02 1.48 -21.46
CA PRO A 115 -9.26 1.92 -20.81
C PRO A 115 -9.71 1.09 -19.61
N ASN A 116 -10.47 1.75 -18.73
CA ASN A 116 -10.75 1.27 -17.39
C ASN A 116 -11.62 0.00 -17.37
N ASP A 117 -12.64 -0.06 -18.22
CA ASP A 117 -13.63 -1.15 -18.24
C ASP A 117 -13.11 -2.43 -18.92
N GLY A 118 -12.08 -2.31 -19.76
CA GLY A 118 -11.29 -3.46 -20.24
C GLY A 118 -10.23 -3.91 -19.23
N THR A 119 -9.65 -2.95 -18.51
CA THR A 119 -8.75 -3.23 -17.37
C THR A 119 -9.48 -3.85 -16.17
N GLU A 120 -10.78 -3.57 -16.02
CA GLU A 120 -11.66 -4.14 -15.00
C GLU A 120 -11.76 -5.66 -15.09
N GLN A 121 -11.92 -6.19 -16.31
CA GLN A 121 -11.95 -7.62 -16.57
C GLN A 121 -10.59 -8.30 -16.29
N ALA A 122 -9.49 -7.65 -16.69
CA ALA A 122 -8.13 -8.10 -16.40
C ALA A 122 -7.76 -8.06 -14.90
N LEU A 123 -8.43 -7.20 -14.12
CA LEU A 123 -8.31 -7.15 -12.66
C LEU A 123 -9.22 -8.19 -11.97
N LEU A 124 -10.46 -8.37 -12.45
CA LEU A 124 -11.47 -9.24 -11.86
C LEU A 124 -11.10 -10.73 -11.90
N GLU A 125 -10.51 -11.23 -12.99
CA GLU A 125 -10.18 -12.67 -13.09
C GLU A 125 -9.07 -13.10 -12.11
N GLU A 126 -8.10 -12.21 -11.84
CA GLU A 126 -7.10 -12.41 -10.78
C GLU A 126 -7.69 -12.23 -9.37
N LEU A 127 -8.58 -11.24 -9.16
CA LEU A 127 -9.29 -11.09 -7.90
C LEU A 127 -10.20 -12.28 -7.57
N LYS A 128 -10.85 -12.91 -8.57
CA LYS A 128 -11.61 -14.15 -8.41
C LYS A 128 -10.71 -15.33 -8.01
N ALA A 129 -9.55 -15.46 -8.66
CA ALA A 129 -8.58 -16.50 -8.34
C ALA A 129 -8.02 -16.36 -6.92
N LEU A 130 -7.84 -15.13 -6.43
CA LEU A 130 -7.47 -14.82 -5.06
C LEU A 130 -8.62 -15.12 -4.07
N ASP A 131 -9.79 -14.53 -4.28
CA ASP A 131 -10.91 -14.57 -3.34
C ASP A 131 -11.56 -15.96 -3.21
N GLY A 132 -11.54 -16.77 -4.27
CA GLY A 132 -11.97 -18.16 -4.24
C GLY A 132 -11.19 -19.01 -3.23
N HIS A 133 -9.91 -18.70 -3.01
CA HIS A 133 -9.09 -19.32 -1.96
C HIS A 133 -9.18 -18.58 -0.61
N LEU A 134 -9.32 -17.23 -0.59
CA LEU A 134 -9.46 -16.47 0.66
C LEU A 134 -10.72 -16.85 1.46
N LYS A 135 -11.83 -17.16 0.79
CA LYS A 135 -13.06 -17.65 1.43
C LYS A 135 -12.93 -19.03 2.09
N VAL A 136 -11.79 -19.72 1.90
CA VAL A 136 -11.41 -20.94 2.64
C VAL A 136 -10.37 -20.66 3.74
N HIS A 137 -9.42 -19.75 3.51
CA HIS A 137 -8.31 -19.46 4.44
C HIS A 137 -8.61 -18.39 5.50
N GLY A 138 -9.61 -17.54 5.29
CA GLY A 138 -9.96 -16.46 6.21
C GLY A 138 -8.90 -15.34 6.28
N PRO A 139 -8.65 -14.82 7.49
CA PRO A 139 -9.05 -13.47 7.92
C PRO A 139 -8.32 -12.27 7.29
N PHE A 140 -7.18 -12.48 6.65
CA PHE A 140 -6.38 -11.44 5.99
C PHE A 140 -6.18 -11.76 4.50
N ILE A 141 -5.65 -10.85 3.69
CA ILE A 141 -5.54 -11.08 2.22
C ILE A 141 -4.37 -12.01 1.84
N ALA A 142 -3.73 -12.59 2.87
CA ALA A 142 -2.83 -13.75 2.83
C ALA A 142 -3.37 -15.00 3.57
N GLY A 143 -4.62 -15.00 4.05
CA GLY A 143 -5.17 -16.05 4.90
C GLY A 143 -4.98 -15.79 6.41
N GLU A 144 -4.32 -16.70 7.12
CA GLU A 144 -4.24 -16.72 8.60
C GLU A 144 -3.74 -15.42 9.25
N LYS A 145 -2.78 -14.75 8.60
CA LYS A 145 -1.97 -13.66 9.16
C LYS A 145 -1.61 -12.63 8.08
N ILE A 146 -1.30 -11.41 8.51
CA ILE A 146 -0.76 -10.36 7.63
C ILE A 146 0.64 -10.73 7.14
N THR A 147 0.89 -10.59 5.84
CA THR A 147 2.20 -10.81 5.18
C THR A 147 2.42 -9.82 4.04
N ALA A 148 3.48 -10.00 3.25
CA ALA A 148 3.77 -9.20 2.04
C ALA A 148 2.61 -9.15 1.00
N VAL A 149 1.63 -10.06 1.04
CA VAL A 149 0.43 -9.96 0.17
C VAL A 149 -0.51 -8.85 0.63
N ASP A 150 -0.74 -8.71 1.94
CA ASP A 150 -1.41 -7.55 2.56
C ASP A 150 -0.67 -6.25 2.32
N LEU A 151 0.66 -6.26 2.50
CA LEU A 151 1.49 -5.10 2.21
C LEU A 151 1.43 -4.71 0.73
N SER A 152 1.10 -5.63 -0.17
CA SER A 152 0.92 -5.34 -1.60
C SER A 152 -0.49 -4.81 -1.91
N LEU A 153 -1.54 -5.50 -1.45
CA LEU A 153 -2.91 -5.30 -1.91
C LEU A 153 -3.73 -4.34 -1.03
N ALA A 154 -3.54 -4.35 0.29
CA ALA A 154 -4.34 -3.56 1.24
C ALA A 154 -4.36 -2.04 0.94
N PRO A 155 -3.22 -1.36 0.72
CA PRO A 155 -3.25 0.06 0.40
C PRO A 155 -3.72 0.37 -1.02
N LYS A 156 -3.63 -0.60 -1.95
CA LYS A 156 -4.16 -0.43 -3.31
C LYS A 156 -5.68 -0.64 -3.38
N LEU A 157 -6.26 -1.45 -2.49
CA LEU A 157 -7.71 -1.51 -2.27
C LEU A 157 -8.27 -0.21 -1.66
N TYR A 158 -7.59 0.37 -0.67
CA TYR A 158 -7.91 1.71 -0.14
C TYR A 158 -7.85 2.77 -1.25
N HIS A 159 -6.85 2.69 -2.12
CA HIS A 159 -6.67 3.61 -3.23
C HIS A 159 -7.76 3.48 -4.32
N LEU A 160 -8.34 2.28 -4.53
CA LEU A 160 -9.53 2.13 -5.38
C LEU A 160 -10.77 2.75 -4.74
N GLU A 161 -11.08 2.38 -3.49
CA GLU A 161 -12.29 2.80 -2.77
C GLU A 161 -12.37 4.32 -2.60
N VAL A 162 -11.21 4.96 -2.38
CA VAL A 162 -11.09 6.41 -2.20
C VAL A 162 -10.87 7.18 -3.50
N ALA A 163 -9.76 6.93 -4.20
CA ALA A 163 -9.28 7.84 -5.24
C ALA A 163 -10.01 7.65 -6.58
N LEU A 164 -9.97 6.41 -7.11
CA LEU A 164 -10.77 6.06 -8.29
C LEU A 164 -12.28 6.15 -7.99
N GLY A 165 -12.67 5.86 -6.75
CA GLY A 165 -14.05 5.96 -6.25
C GLY A 165 -14.69 7.34 -6.36
N HIS A 166 -13.89 8.41 -6.43
CA HIS A 166 -14.37 9.79 -6.65
C HIS A 166 -14.91 10.05 -8.07
N PHE A 167 -14.51 9.25 -9.07
CA PHE A 167 -14.99 9.39 -10.46
C PHE A 167 -15.61 8.11 -11.05
N LYS A 168 -15.23 6.93 -10.54
CA LYS A 168 -15.89 5.64 -10.76
C LYS A 168 -15.91 4.87 -9.44
N ASN A 169 -16.98 5.07 -8.66
CA ASN A 169 -17.28 4.29 -7.46
C ASN A 169 -17.58 2.82 -7.85
N TRP A 170 -16.52 2.05 -7.99
CA TRP A 170 -16.55 0.71 -8.57
C TRP A 170 -16.85 -0.33 -7.49
N PRO A 171 -17.98 -1.07 -7.60
CA PRO A 171 -18.27 -2.15 -6.67
C PRO A 171 -17.33 -3.33 -6.94
N ILE A 172 -16.41 -3.57 -6.00
CA ILE A 172 -15.85 -4.91 -5.73
C ILE A 172 -17.04 -5.84 -5.45
N PRO A 173 -17.40 -6.78 -6.35
CA PRO A 173 -18.68 -7.49 -6.24
C PRO A 173 -18.78 -8.33 -4.97
N ASP A 174 -20.01 -8.64 -4.55
CA ASP A 174 -20.29 -9.53 -3.41
C ASP A 174 -19.82 -10.99 -3.60
N ASN A 175 -19.58 -11.39 -4.85
CA ASN A 175 -18.90 -12.63 -5.21
C ASN A 175 -17.41 -12.67 -4.79
N LEU A 176 -16.75 -11.52 -4.65
CA LEU A 176 -15.40 -11.35 -4.08
C LEU A 176 -15.45 -11.19 -2.55
N THR A 177 -16.21 -12.07 -1.89
CA THR A 177 -16.81 -11.83 -0.57
C THR A 177 -15.79 -11.62 0.55
N HIS A 178 -14.61 -12.25 0.48
CA HIS A 178 -13.58 -12.04 1.49
C HIS A 178 -12.78 -10.74 1.23
N VAL A 179 -12.50 -10.42 -0.03
CA VAL A 179 -11.92 -9.12 -0.43
C VAL A 179 -12.84 -7.95 -0.05
N LEU A 180 -14.15 -8.08 -0.28
CA LEU A 180 -15.16 -7.06 0.06
C LEU A 180 -15.30 -6.82 1.58
N ASN A 181 -15.05 -7.84 2.40
CA ASN A 181 -14.97 -7.69 3.86
C ASN A 181 -13.59 -7.17 4.31
N TYR A 182 -12.51 -7.59 3.67
CA TYR A 182 -11.14 -7.15 3.98
C TYR A 182 -10.91 -5.65 3.74
N ILE A 183 -11.61 -5.05 2.76
CA ILE A 183 -11.65 -3.58 2.58
C ILE A 183 -12.14 -2.85 3.84
N LYS A 184 -13.10 -3.43 4.56
CA LYS A 184 -13.65 -2.86 5.80
C LYS A 184 -12.72 -3.07 7.01
N LEU A 185 -11.75 -3.98 6.91
CA LEU A 185 -10.62 -4.11 7.85
C LEU A 185 -9.54 -3.05 7.64
N LEU A 186 -9.52 -2.31 6.53
CA LEU A 186 -8.53 -1.24 6.30
C LEU A 186 -8.67 -0.06 7.27
N PHE A 187 -9.84 0.07 7.91
CA PHE A 187 -10.10 1.05 8.97
C PHE A 187 -9.86 0.53 10.40
N SER A 188 -9.41 -0.73 10.54
CA SER A 188 -9.29 -1.49 11.78
C SER A 188 -7.84 -1.65 12.29
N ARG A 189 -7.68 -2.36 13.42
CA ARG A 189 -6.42 -2.50 14.16
C ARG A 189 -5.83 -1.11 14.51
N GLU A 190 -4.54 -1.08 14.84
CA GLU A 190 -3.69 0.10 14.75
C GLU A 190 -3.12 0.21 13.34
N SER A 191 -2.73 -0.94 12.78
CA SER A 191 -1.82 -1.06 11.65
C SER A 191 -2.38 -0.59 10.31
N PHE A 192 -3.55 -1.09 9.89
CA PHE A 192 -4.24 -0.55 8.70
C PHE A 192 -4.74 0.89 8.95
N LYS A 193 -5.38 1.12 10.10
CA LYS A 193 -5.96 2.41 10.48
C LYS A 193 -4.98 3.58 10.43
N LYS A 194 -3.72 3.37 10.85
CA LYS A 194 -2.66 4.39 10.83
C LYS A 194 -2.09 4.71 9.44
N THR A 195 -2.38 3.92 8.41
CA THR A 195 -1.98 4.28 7.03
C THR A 195 -2.90 5.34 6.41
N ARG A 196 -4.07 5.64 7.01
CA ARG A 196 -5.15 6.46 6.45
C ARG A 196 -4.75 7.93 6.27
N ALA A 197 -4.14 8.24 5.13
CA ALA A 197 -4.07 9.59 4.57
C ALA A 197 -5.48 10.11 4.28
N ALA A 198 -5.77 11.37 4.64
CA ALA A 198 -7.12 11.94 4.54
C ALA A 198 -7.62 11.95 3.09
N GLU A 199 -8.85 11.49 2.88
CA GLU A 199 -9.35 11.01 1.59
C GLU A 199 -9.32 12.06 0.46
N GLU A 200 -9.61 13.33 0.77
CA GLU A 200 -9.49 14.46 -0.18
C GLU A 200 -8.06 14.65 -0.69
N HIS A 201 -7.07 14.45 0.19
CA HIS A 201 -5.64 14.56 -0.08
C HIS A 201 -5.03 13.24 -0.63
N VAL A 202 -5.83 12.17 -0.69
CA VAL A 202 -5.57 10.98 -1.49
C VAL A 202 -6.07 11.18 -2.93
N ILE A 203 -7.31 11.65 -3.09
CA ILE A 203 -7.93 11.96 -4.39
C ILE A 203 -7.13 13.03 -5.16
N ALA A 204 -6.86 14.18 -4.53
CA ALA A 204 -6.07 15.26 -5.12
C ALA A 204 -4.56 14.95 -5.23
N GLY A 205 -4.07 13.92 -4.54
CA GLY A 205 -2.72 13.40 -4.72
C GLY A 205 -2.60 12.44 -5.92
N TRP A 206 -3.66 11.68 -6.18
CA TRP A 206 -3.78 10.70 -7.25
C TRP A 206 -4.17 11.29 -8.62
N GLU A 207 -4.98 12.35 -8.66
CA GLU A 207 -5.48 12.94 -9.92
C GLU A 207 -4.38 13.22 -10.98
N PRO A 208 -3.23 13.87 -10.66
CA PRO A 208 -2.14 14.02 -11.63
C PRO A 208 -1.41 12.69 -11.94
N LYS A 209 -1.46 11.70 -11.04
CA LYS A 209 -0.86 10.36 -11.24
C LYS A 209 -1.66 9.47 -12.18
N VAL A 210 -2.87 9.84 -12.57
CA VAL A 210 -3.54 9.27 -13.76
C VAL A 210 -2.69 9.53 -15.02
N ASN A 211 -1.89 10.61 -15.03
CA ASN A 211 -0.91 10.88 -16.07
C ASN A 211 0.52 10.49 -15.73
N ALA A 212 0.93 10.63 -14.46
CA ALA A 212 2.29 10.36 -13.96
C ALA A 212 2.40 9.06 -13.15
N MET A 1 21.34 3.49 13.64
CA MET A 1 20.56 2.48 14.38
C MET A 1 19.07 2.79 14.33
N ALA A 2 18.22 1.78 14.60
CA ALA A 2 16.75 1.90 14.64
C ALA A 2 16.13 2.35 13.30
N LEU A 3 14.83 2.70 13.29
CA LEU A 3 14.08 3.05 12.08
C LEU A 3 13.74 4.55 12.02
N GLU A 4 14.01 5.13 10.85
CA GLU A 4 13.32 6.32 10.34
C GLU A 4 12.70 5.97 8.98
N ILE A 5 11.54 6.53 8.64
CA ILE A 5 10.88 6.36 7.35
C ILE A 5 10.49 7.73 6.79
N CYS A 6 10.67 7.94 5.49
CA CYS A 6 10.24 9.13 4.78
C CYS A 6 9.04 8.79 3.90
N VAL A 7 7.92 9.46 4.16
CA VAL A 7 6.59 9.16 3.59
C VAL A 7 5.93 10.41 3.03
N LYS A 8 4.90 10.23 2.21
CA LYS A 8 4.16 11.35 1.61
C LYS A 8 3.52 12.23 2.69
N ALA A 9 3.92 13.50 2.72
CA ALA A 9 3.05 14.57 3.20
C ALA A 9 2.05 15.00 2.12
N ALA A 10 0.85 15.41 2.51
CA ALA A 10 -0.11 16.00 1.60
C ALA A 10 0.39 17.31 0.99
N VAL A 11 0.14 17.52 -0.31
CA VAL A 11 0.35 18.82 -0.96
C VAL A 11 -0.73 19.79 -0.47
N GLY A 12 -0.34 21.01 -0.11
CA GLY A 12 -1.21 21.97 0.58
C GLY A 12 -1.35 21.76 2.09
N ALA A 13 -1.20 20.53 2.58
CA ALA A 13 -1.32 20.17 4.00
C ALA A 13 -0.12 19.35 4.50
N PRO A 14 1.11 19.91 4.55
CA PRO A 14 2.34 19.16 4.83
C PRO A 14 2.43 18.53 6.23
N ASN A 15 1.54 18.90 7.15
CA ASN A 15 1.48 18.34 8.52
C ASN A 15 0.63 17.05 8.63
N ILE A 16 0.14 16.48 7.52
CA ILE A 16 -0.56 15.19 7.48
C ILE A 16 -0.02 14.29 6.35
N LEU A 17 -0.33 12.99 6.43
CA LEU A 17 -0.18 12.05 5.31
C LEU A 17 -1.02 12.48 4.11
N GLY A 18 -0.51 12.24 2.90
CA GLY A 18 -1.25 12.29 1.64
C GLY A 18 -1.05 11.04 0.80
N ASP A 19 -1.39 11.12 -0.49
CA ASP A 19 -1.23 10.01 -1.45
C ASP A 19 0.21 9.48 -1.59
N CYS A 20 0.42 8.30 -1.01
CA CYS A 20 1.23 7.26 -1.61
C CYS A 20 0.84 5.88 -1.04
N PRO A 21 0.15 4.98 -1.78
CA PRO A 21 -0.16 3.62 -1.31
C PRO A 21 1.08 2.73 -1.15
N PHE A 22 2.23 3.14 -1.70
CA PHE A 22 3.52 2.48 -1.48
C PHE A 22 4.14 2.85 -0.11
N CYS A 23 3.86 4.05 0.44
CA CYS A 23 4.19 4.38 1.84
C CYS A 23 3.29 3.65 2.84
N GLN A 24 2.01 3.49 2.50
CA GLN A 24 1.04 2.78 3.35
C GLN A 24 1.45 1.33 3.64
N ARG A 25 2.22 0.67 2.74
CA ARG A 25 2.82 -0.66 2.98
C ARG A 25 3.72 -0.70 4.22
N VAL A 26 4.55 0.34 4.37
CA VAL A 26 5.57 0.46 5.43
C VAL A 26 4.94 0.85 6.76
N LEU A 27 3.95 1.76 6.73
CA LEU A 27 3.12 2.09 7.89
C LEU A 27 2.38 0.85 8.43
N LEU A 28 1.80 0.05 7.52
CA LEU A 28 1.06 -1.17 7.84
C LEU A 28 1.92 -2.23 8.55
N SER A 29 3.09 -2.61 8.00
CA SER A 29 3.86 -3.72 8.60
C SER A 29 4.53 -3.36 9.92
N LEU A 30 5.01 -2.12 10.06
CA LEU A 30 5.66 -1.65 11.29
C LEU A 30 4.66 -1.45 12.43
N GLU A 31 3.46 -0.92 12.14
CA GLU A 31 2.37 -0.84 13.13
C GLU A 31 1.63 -2.16 13.36
N GLU A 32 1.74 -3.15 12.48
CA GLU A 32 1.27 -4.51 12.76
C GLU A 32 2.17 -5.18 13.80
N LYS A 33 3.49 -5.18 13.52
CA LYS A 33 4.57 -5.67 14.40
C LYS A 33 4.87 -4.76 15.61
N LYS A 34 4.18 -3.61 15.74
CA LYS A 34 4.35 -2.61 16.81
C LYS A 34 5.77 -2.01 16.94
N ILE A 35 6.60 -2.12 15.91
CA ILE A 35 7.97 -1.61 15.89
C ILE A 35 7.92 -0.08 15.80
N PRO A 36 8.56 0.68 16.71
CA PRO A 36 8.58 2.14 16.64
C PRO A 36 9.50 2.66 15.53
N TYR A 37 9.11 3.76 14.90
CA TYR A 37 9.85 4.46 13.85
C TYR A 37 9.58 5.97 13.90
N LYS A 38 10.53 6.78 13.41
CA LYS A 38 10.23 8.20 13.07
C LYS A 38 9.51 8.26 11.72
N SER A 39 8.30 8.82 11.68
CA SER A 39 7.54 9.03 10.44
C SER A 39 7.75 10.45 9.90
N HIS A 40 8.71 10.62 9.00
CA HIS A 40 9.00 11.90 8.36
C HIS A 40 8.01 12.18 7.23
N LEU A 41 7.07 13.09 7.47
CA LEU A 41 6.19 13.66 6.45
C LEU A 41 7.00 14.54 5.49
N ILE A 42 7.22 14.08 4.26
CA ILE A 42 7.92 14.82 3.21
C ILE A 42 6.91 15.33 2.18
N ASN A 43 6.78 16.67 2.07
CA ASN A 43 6.10 17.29 0.93
C ASN A 43 7.03 17.24 -0.31
N LEU A 44 7.06 16.11 -0.98
CA LEU A 44 8.02 15.82 -2.06
C LEU A 44 7.94 16.74 -3.30
N GLY A 45 6.97 17.66 -3.39
CA GLY A 45 7.00 18.75 -4.37
C GLY A 45 8.05 19.81 -4.05
N ASP A 46 8.34 19.97 -2.75
CA ASP A 46 9.36 20.83 -2.14
C ASP A 46 10.41 19.96 -1.42
N LYS A 47 10.97 19.00 -2.17
CA LYS A 47 11.80 17.93 -1.58
C LYS A 47 13.18 18.49 -1.12
N PRO A 48 13.50 18.48 0.19
CA PRO A 48 14.73 19.09 0.70
C PRO A 48 15.97 18.23 0.38
N GLN A 49 17.16 18.85 0.44
CA GLN A 49 18.42 18.13 0.20
C GLN A 49 18.70 17.00 1.20
N TRP A 50 18.24 17.11 2.45
CA TRP A 50 18.31 16.02 3.44
C TRP A 50 17.52 14.78 3.02
N PHE A 51 16.40 14.97 2.32
CA PHE A 51 15.65 13.87 1.73
C PHE A 51 16.27 13.34 0.42
N LEU A 52 16.87 14.21 -0.40
CA LEU A 52 17.62 13.80 -1.61
C LEU A 52 18.94 13.06 -1.29
N GLU A 53 19.51 13.28 -0.11
CA GLU A 53 20.63 12.49 0.43
C GLU A 53 20.20 11.05 0.75
N ILE A 54 19.00 10.87 1.34
CA ILE A 54 18.40 9.56 1.63
C ILE A 54 17.85 8.88 0.36
N SER A 55 17.35 9.66 -0.61
CA SER A 55 16.70 9.21 -1.85
C SER A 55 17.16 10.04 -3.06
N PRO A 56 18.20 9.60 -3.80
CA PRO A 56 18.66 10.29 -5.00
C PRO A 56 17.66 10.23 -6.18
N GLU A 57 16.75 9.25 -6.20
CA GLU A 57 15.59 9.24 -7.11
C GLU A 57 14.42 10.15 -6.64
N GLY A 58 14.50 10.65 -5.40
CA GLY A 58 13.56 11.60 -4.81
C GLY A 58 12.16 11.03 -4.53
N LYS A 59 12.01 9.71 -4.34
CA LYS A 59 10.72 9.03 -4.22
C LYS A 59 10.41 8.64 -2.78
N VAL A 60 9.12 8.62 -2.43
CA VAL A 60 8.60 7.97 -1.22
C VAL A 60 7.86 6.67 -1.59
N PRO A 61 7.90 5.63 -0.73
CA PRO A 61 8.72 5.52 0.47
C PRO A 61 10.22 5.42 0.18
N VAL A 62 10.98 5.92 1.15
CA VAL A 62 12.38 5.55 1.39
C VAL A 62 12.55 5.44 2.90
N VAL A 63 13.39 4.52 3.36
CA VAL A 63 13.54 4.19 4.79
C VAL A 63 15.02 4.13 5.18
N LYS A 64 15.27 4.24 6.48
CA LYS A 64 16.61 4.25 7.07
C LYS A 64 16.73 3.07 8.04
N ILE A 65 16.83 1.86 7.48
CA ILE A 65 16.84 0.59 8.24
C ILE A 65 18.16 0.46 9.00
N ASP A 66 18.09 0.41 10.34
CA ASP A 66 19.26 0.59 11.20
C ASP A 66 19.98 1.93 10.92
N ASP A 67 19.23 2.96 10.51
CA ASP A 67 19.65 4.28 9.97
C ASP A 67 20.23 4.29 8.54
N LYS A 68 20.23 3.15 7.84
CA LYS A 68 20.85 2.96 6.51
C LYS A 68 19.80 2.98 5.39
N TRP A 69 20.05 3.75 4.33
CA TRP A 69 19.05 4.07 3.31
C TRP A 69 18.62 2.85 2.47
N VAL A 70 17.32 2.70 2.23
CA VAL A 70 16.71 1.72 1.30
C VAL A 70 15.50 2.36 0.61
N ALA A 71 15.47 2.32 -0.72
CA ALA A 71 14.35 2.75 -1.57
C ALA A 71 13.61 1.56 -2.20
N ASP A 72 12.48 1.84 -2.85
CA ASP A 72 11.57 0.92 -3.56
C ASP A 72 10.85 -0.09 -2.65
N SER A 73 9.54 0.07 -2.51
CA SER A 73 8.75 -0.52 -1.43
C SER A 73 8.70 -2.05 -1.40
N ASP A 74 8.96 -2.75 -2.51
CA ASP A 74 9.13 -4.22 -2.50
C ASP A 74 10.50 -4.68 -1.95
N VAL A 75 11.57 -3.90 -2.13
CA VAL A 75 12.87 -4.14 -1.48
C VAL A 75 12.81 -3.78 0.01
N ILE A 76 12.10 -2.70 0.33
CA ILE A 76 11.84 -2.28 1.71
C ILE A 76 11.02 -3.34 2.46
N VAL A 77 9.97 -3.90 1.84
CA VAL A 77 9.20 -5.02 2.37
C VAL A 77 10.06 -6.27 2.51
N GLY A 78 10.86 -6.62 1.51
CA GLY A 78 11.76 -7.77 1.57
C GLY A 78 12.70 -7.73 2.78
N ILE A 79 13.32 -6.57 3.05
CA ILE A 79 14.21 -6.40 4.20
C ILE A 79 13.45 -6.29 5.52
N LEU A 80 12.38 -5.50 5.64
CA LEU A 80 11.67 -5.30 6.90
C LEU A 80 10.89 -6.53 7.37
N GLU A 81 10.40 -7.36 6.45
CA GLU A 81 9.63 -8.57 6.76
C GLU A 81 10.51 -9.82 6.94
N GLU A 82 11.79 -9.76 6.54
CA GLU A 82 12.84 -10.75 6.86
C GLU A 82 13.63 -10.39 8.15
N LYS A 83 14.07 -9.13 8.28
CA LYS A 83 15.14 -8.71 9.23
C LYS A 83 14.63 -7.73 10.27
N ASN A 84 14.03 -8.26 11.33
CA ASN A 84 13.64 -7.54 12.54
C ASN A 84 13.70 -8.48 13.78
N PRO A 85 13.67 -7.94 15.01
CA PRO A 85 13.56 -8.77 16.22
C PRO A 85 12.18 -9.44 16.35
N GLU A 86 11.15 -8.84 15.75
CA GLU A 86 9.80 -9.39 15.63
C GLU A 86 9.73 -10.53 14.60
N PRO A 87 8.74 -11.45 14.69
CA PRO A 87 8.65 -12.63 13.83
C PRO A 87 8.61 -12.30 12.33
N PRO A 88 9.25 -13.13 11.47
CA PRO A 88 9.28 -12.91 10.03
C PRO A 88 7.89 -13.04 9.39
N LEU A 89 7.54 -12.03 8.59
CA LEU A 89 6.35 -12.00 7.73
C LEU A 89 6.70 -12.09 6.23
N ALA A 90 7.99 -12.22 5.91
CA ALA A 90 8.53 -12.71 4.64
C ALA A 90 8.31 -14.23 4.47
N THR A 91 7.08 -14.69 4.67
CA THR A 91 6.65 -16.09 4.52
C THR A 91 5.45 -16.14 3.56
N PRO A 92 5.66 -15.90 2.24
CA PRO A 92 4.56 -15.62 1.33
C PRO A 92 3.71 -16.89 1.09
N PRO A 93 2.37 -16.83 1.24
CA PRO A 93 1.47 -17.90 0.85
C PRO A 93 1.34 -18.01 -0.68
N GLU A 94 0.59 -18.99 -1.17
CA GLU A 94 0.27 -19.15 -2.61
C GLU A 94 -0.38 -17.91 -3.24
N PHE A 95 -1.15 -17.15 -2.45
CA PHE A 95 -1.73 -15.85 -2.81
C PHE A 95 -0.71 -14.84 -3.33
N ALA A 96 0.56 -14.93 -2.97
CA ALA A 96 1.61 -14.04 -3.45
C ALA A 96 1.81 -14.11 -4.98
N SER A 97 1.61 -15.27 -5.59
CA SER A 97 1.69 -15.47 -7.05
C SER A 97 0.55 -14.80 -7.84
N VAL A 98 -0.59 -14.58 -7.16
CA VAL A 98 -1.76 -13.87 -7.71
C VAL A 98 -1.69 -12.38 -7.36
N GLY A 99 -1.26 -12.07 -6.13
CA GLY A 99 -1.03 -10.72 -5.63
C GLY A 99 0.07 -9.95 -6.36
N SER A 100 1.10 -10.63 -6.89
CA SER A 100 2.12 -10.03 -7.76
C SER A 100 1.59 -9.62 -9.15
N LYS A 101 0.42 -10.15 -9.57
CA LYS A 101 -0.30 -9.72 -10.79
C LYS A 101 -1.39 -8.69 -10.49
N ILE A 102 -2.03 -8.78 -9.32
CA ILE A 102 -3.00 -7.78 -8.84
C ILE A 102 -2.33 -6.45 -8.48
N PHE A 103 -1.12 -6.46 -7.89
CA PHE A 103 -0.37 -5.25 -7.52
C PHE A 103 -0.13 -4.27 -8.70
N PRO A 104 0.32 -4.72 -9.89
CA PRO A 104 0.39 -3.86 -11.08
C PRO A 104 -0.96 -3.67 -11.79
N SER A 105 -1.90 -4.63 -11.76
CA SER A 105 -3.21 -4.43 -12.42
C SER A 105 -4.12 -3.45 -11.66
N PHE A 106 -3.96 -3.32 -10.34
CA PHE A 106 -4.44 -2.18 -9.56
C PHE A 106 -3.83 -0.85 -10.05
N VAL A 107 -2.51 -0.79 -10.28
CA VAL A 107 -1.86 0.44 -10.80
C VAL A 107 -2.32 0.79 -12.21
N LYS A 108 -2.65 -0.20 -13.06
CA LYS A 108 -3.33 0.03 -14.34
C LYS A 108 -4.77 0.52 -14.16
N PHE A 109 -5.51 -0.02 -13.19
CA PHE A 109 -6.89 0.37 -12.89
C PHE A 109 -6.99 1.78 -12.27
N LEU A 110 -5.95 2.21 -11.57
CA LEU A 110 -5.72 3.58 -11.10
C LEU A 110 -5.23 4.54 -12.21
N LYS A 111 -4.76 4.05 -13.36
CA LYS A 111 -4.08 4.85 -14.40
C LYS A 111 -4.53 4.48 -15.82
N SER A 112 -5.83 4.22 -15.98
CA SER A 112 -6.40 3.51 -17.14
C SER A 112 -6.45 4.32 -18.45
N LYS A 113 -5.29 4.65 -19.01
CA LYS A 113 -5.13 5.14 -20.40
C LYS A 113 -5.44 4.03 -21.42
N ASP A 114 -5.01 2.81 -21.10
CA ASP A 114 -5.63 1.58 -21.58
C ASP A 114 -6.89 1.32 -20.71
N PRO A 115 -8.09 1.44 -21.29
CA PRO A 115 -9.28 1.98 -20.61
C PRO A 115 -9.80 1.16 -19.43
N ASN A 116 -10.49 1.86 -18.53
CA ASN A 116 -10.82 1.34 -17.19
C ASN A 116 -11.75 0.12 -17.22
N ASP A 117 -12.78 0.11 -18.06
CA ASP A 117 -13.76 -0.99 -18.13
C ASP A 117 -13.20 -2.27 -18.78
N GLY A 118 -12.14 -2.16 -19.58
CA GLY A 118 -11.35 -3.32 -20.04
C GLY A 118 -10.33 -3.79 -19.01
N THR A 119 -9.73 -2.84 -18.29
CA THR A 119 -8.83 -3.11 -17.16
C THR A 119 -9.56 -3.72 -15.96
N GLU A 120 -10.85 -3.43 -15.79
CA GLU A 120 -11.74 -4.01 -14.77
C GLU A 120 -11.82 -5.53 -14.88
N GLN A 121 -11.99 -6.04 -16.11
CA GLN A 121 -12.05 -7.46 -16.41
C GLN A 121 -10.68 -8.14 -16.19
N ALA A 122 -9.59 -7.47 -16.60
CA ALA A 122 -8.23 -7.92 -16.35
C ALA A 122 -7.83 -7.92 -14.85
N LEU A 123 -8.47 -7.09 -14.03
CA LEU A 123 -8.33 -7.10 -12.57
C LEU A 123 -9.22 -8.17 -11.90
N LEU A 124 -10.45 -8.33 -12.38
CA LEU A 124 -11.45 -9.24 -11.81
C LEU A 124 -11.04 -10.71 -11.88
N GLU A 125 -10.45 -11.19 -12.97
CA GLU A 125 -10.12 -12.62 -13.09
C GLU A 125 -9.03 -13.06 -12.09
N GLU A 126 -8.05 -12.18 -11.82
CA GLU A 126 -7.06 -12.40 -10.76
C GLU A 126 -7.66 -12.25 -9.35
N LEU A 127 -8.56 -11.27 -9.13
CA LEU A 127 -9.28 -11.14 -7.86
C LEU A 127 -10.21 -12.34 -7.57
N LYS A 128 -10.82 -12.97 -8.59
CA LYS A 128 -11.61 -14.21 -8.43
C LYS A 128 -10.73 -15.39 -8.02
N ALA A 129 -9.57 -15.55 -8.66
CA ALA A 129 -8.60 -16.59 -8.33
C ALA A 129 -8.04 -16.44 -6.91
N LEU A 130 -7.86 -15.19 -6.44
CA LEU A 130 -7.50 -14.87 -5.07
C LEU A 130 -8.65 -15.19 -4.09
N ASP A 131 -9.82 -14.61 -4.31
CA ASP A 131 -10.97 -14.64 -3.39
C ASP A 131 -11.59 -16.04 -3.23
N GLY A 132 -11.59 -16.84 -4.30
CA GLY A 132 -12.03 -18.24 -4.26
C GLY A 132 -11.26 -19.09 -3.25
N HIS A 133 -9.97 -18.81 -3.05
CA HIS A 133 -9.15 -19.47 -2.04
C HIS A 133 -9.11 -18.73 -0.69
N LEU A 134 -9.26 -17.40 -0.66
CA LEU A 134 -9.36 -16.63 0.61
C LEU A 134 -10.61 -16.97 1.43
N LYS A 135 -11.73 -17.30 0.77
CA LYS A 135 -12.94 -17.80 1.42
C LYS A 135 -12.78 -19.18 2.07
N VAL A 136 -11.64 -19.85 1.87
CA VAL A 136 -11.24 -21.07 2.59
C VAL A 136 -10.14 -20.79 3.64
N HIS A 137 -9.19 -19.91 3.35
CA HIS A 137 -8.00 -19.67 4.20
C HIS A 137 -8.20 -18.73 5.40
N GLY A 138 -9.26 -17.92 5.43
CA GLY A 138 -9.49 -17.00 6.56
C GLY A 138 -8.72 -15.67 6.47
N PRO A 139 -8.65 -14.94 7.60
CA PRO A 139 -9.17 -13.57 7.77
C PRO A 139 -8.39 -12.41 7.12
N PHE A 140 -7.18 -12.65 6.63
CA PHE A 140 -6.35 -11.64 5.95
C PHE A 140 -6.23 -11.93 4.45
N ILE A 141 -5.74 -10.99 3.65
CA ILE A 141 -5.55 -11.21 2.20
C ILE A 141 -4.31 -12.10 1.88
N ALA A 142 -3.69 -12.65 2.93
CA ALA A 142 -2.72 -13.73 2.93
C ALA A 142 -3.19 -15.02 3.67
N GLY A 143 -4.42 -15.07 4.18
CA GLY A 143 -4.95 -16.16 5.01
C GLY A 143 -4.81 -15.90 6.52
N GLU A 144 -4.05 -16.72 7.24
CA GLU A 144 -4.01 -16.76 8.71
C GLU A 144 -3.50 -15.46 9.37
N LYS A 145 -2.54 -14.79 8.74
CA LYS A 145 -1.81 -13.62 9.28
C LYS A 145 -1.54 -12.60 8.18
N ILE A 146 -1.21 -11.37 8.57
CA ILE A 146 -0.62 -10.38 7.66
C ILE A 146 0.74 -10.86 7.14
N THR A 147 0.98 -10.70 5.85
CA THR A 147 2.28 -10.92 5.18
C THR A 147 2.54 -9.83 4.14
N ALA A 148 3.63 -9.96 3.37
CA ALA A 148 3.91 -9.14 2.19
C ALA A 148 2.77 -9.07 1.14
N VAL A 149 1.80 -10.00 1.14
CA VAL A 149 0.61 -9.93 0.26
C VAL A 149 -0.39 -8.88 0.72
N ASP A 150 -0.64 -8.74 2.02
CA ASP A 150 -1.37 -7.60 2.61
C ASP A 150 -0.66 -6.28 2.36
N LEU A 151 0.66 -6.26 2.55
CA LEU A 151 1.47 -5.08 2.26
C LEU A 151 1.42 -4.71 0.77
N SER A 152 1.17 -5.67 -0.12
CA SER A 152 1.01 -5.41 -1.56
C SER A 152 -0.39 -4.88 -1.91
N LEU A 153 -1.43 -5.51 -1.39
CA LEU A 153 -2.81 -5.33 -1.89
C LEU A 153 -3.67 -4.39 -1.03
N ALA A 154 -3.52 -4.41 0.30
CA ALA A 154 -4.36 -3.67 1.23
C ALA A 154 -4.42 -2.14 0.99
N PRO A 155 -3.29 -1.43 0.84
CA PRO A 155 -3.34 0.01 0.58
C PRO A 155 -3.84 0.35 -0.83
N LYS A 156 -3.62 -0.54 -1.81
CA LYS A 156 -4.12 -0.35 -3.17
C LYS A 156 -5.63 -0.56 -3.28
N LEU A 157 -6.23 -1.43 -2.44
CA LEU A 157 -7.69 -1.56 -2.31
C LEU A 157 -8.34 -0.30 -1.70
N TYR A 158 -7.78 0.26 -0.61
CA TYR A 158 -8.20 1.56 -0.07
C TYR A 158 -8.07 2.70 -1.10
N HIS A 159 -7.02 2.64 -1.93
CA HIS A 159 -6.79 3.62 -2.99
C HIS A 159 -7.74 3.47 -4.19
N LEU A 160 -8.34 2.29 -4.42
CA LEU A 160 -9.52 2.15 -5.30
C LEU A 160 -10.76 2.79 -4.65
N GLU A 161 -11.05 2.43 -3.40
CA GLU A 161 -12.22 2.86 -2.63
C GLU A 161 -12.31 4.39 -2.51
N VAL A 162 -11.16 5.07 -2.36
CA VAL A 162 -11.06 6.53 -2.24
C VAL A 162 -10.74 7.23 -3.55
N ALA A 163 -9.58 6.97 -4.15
CA ALA A 163 -9.04 7.83 -5.22
C ALA A 163 -9.73 7.61 -6.56
N LEU A 164 -9.77 6.36 -7.02
CA LEU A 164 -10.55 5.98 -8.20
C LEU A 164 -12.06 6.14 -7.94
N GLY A 165 -12.50 5.87 -6.70
CA GLY A 165 -13.89 5.97 -6.27
C GLY A 165 -14.55 7.34 -6.46
N HIS A 166 -13.76 8.42 -6.42
CA HIS A 166 -14.24 9.79 -6.69
C HIS A 166 -14.68 10.03 -8.16
N PHE A 167 -14.21 9.22 -9.11
CA PHE A 167 -14.56 9.33 -10.54
C PHE A 167 -15.20 8.05 -11.13
N LYS A 168 -14.99 6.90 -10.50
CA LYS A 168 -15.72 5.65 -10.71
C LYS A 168 -15.78 4.88 -9.38
N ASN A 169 -16.87 5.06 -8.63
CA ASN A 169 -17.18 4.32 -7.41
C ASN A 169 -17.48 2.85 -7.72
N TRP A 170 -16.43 2.06 -7.93
CA TRP A 170 -16.51 0.70 -8.47
C TRP A 170 -16.97 -0.31 -7.41
N PRO A 171 -18.11 -0.99 -7.59
CA PRO A 171 -18.58 -1.99 -6.64
C PRO A 171 -17.73 -3.26 -6.73
N ILE A 172 -16.92 -3.52 -5.70
CA ILE A 172 -16.36 -4.85 -5.42
C ILE A 172 -17.54 -5.83 -5.25
N PRO A 173 -17.72 -6.85 -6.11
CA PRO A 173 -18.90 -7.69 -6.07
C PRO A 173 -19.02 -8.48 -4.75
N ASP A 174 -20.25 -8.83 -4.37
CA ASP A 174 -20.53 -9.78 -3.27
C ASP A 174 -19.97 -11.19 -3.51
N ASN A 175 -19.72 -11.55 -4.78
CA ASN A 175 -19.01 -12.78 -5.16
C ASN A 175 -17.52 -12.77 -4.79
N LEU A 176 -16.88 -11.60 -4.66
CA LEU A 176 -15.55 -11.42 -4.07
C LEU A 176 -15.65 -11.26 -2.54
N THR A 177 -16.35 -12.19 -1.90
CA THR A 177 -16.90 -12.02 -0.54
C THR A 177 -15.83 -11.87 0.54
N HIS A 178 -14.63 -12.41 0.33
CA HIS A 178 -13.53 -12.15 1.25
C HIS A 178 -12.94 -10.75 1.03
N VAL A 179 -12.62 -10.37 -0.21
CA VAL A 179 -12.04 -9.05 -0.55
C VAL A 179 -12.96 -7.90 -0.14
N LEU A 180 -14.28 -8.07 -0.32
CA LEU A 180 -15.32 -7.14 0.11
C LEU A 180 -15.35 -6.93 1.64
N ASN A 181 -15.09 -7.98 2.43
CA ASN A 181 -14.98 -7.88 3.88
C ASN A 181 -13.61 -7.37 4.36
N TYR A 182 -12.53 -7.77 3.68
CA TYR A 182 -11.16 -7.35 3.99
C TYR A 182 -10.95 -5.84 3.83
N ILE A 183 -11.64 -5.20 2.87
CA ILE A 183 -11.66 -3.73 2.72
C ILE A 183 -12.23 -3.03 3.97
N LYS A 184 -13.22 -3.63 4.64
CA LYS A 184 -13.79 -3.11 5.88
C LYS A 184 -12.87 -3.31 7.10
N LEU A 185 -11.88 -4.20 7.02
CA LEU A 185 -10.79 -4.31 7.99
C LEU A 185 -9.75 -3.18 7.86
N LEU A 186 -9.70 -2.44 6.75
CA LEU A 186 -8.69 -1.40 6.53
C LEU A 186 -8.82 -0.18 7.46
N PHE A 187 -9.98 -0.01 8.09
CA PHE A 187 -10.23 0.99 9.14
C PHE A 187 -10.06 0.43 10.57
N SER A 188 -9.60 -0.83 10.70
CA SER A 188 -9.43 -1.57 11.97
C SER A 188 -7.96 -1.73 12.39
N ARG A 189 -7.73 -2.41 13.52
CA ARG A 189 -6.43 -2.55 14.20
C ARG A 189 -5.81 -1.18 14.53
N GLU A 190 -4.52 -1.16 14.83
CA GLU A 190 -3.66 0.01 14.72
C GLU A 190 -3.13 0.11 13.28
N SER A 191 -2.77 -1.03 12.71
CA SER A 191 -1.88 -1.18 11.56
C SER A 191 -2.46 -0.70 10.24
N PHE A 192 -3.64 -1.19 9.83
CA PHE A 192 -4.35 -0.64 8.67
C PHE A 192 -4.84 0.79 8.93
N LYS A 193 -5.46 1.02 10.08
CA LYS A 193 -6.06 2.32 10.45
C LYS A 193 -5.07 3.49 10.39
N LYS A 194 -3.82 3.29 10.82
CA LYS A 194 -2.75 4.30 10.79
C LYS A 194 -2.18 4.58 9.39
N THR A 195 -2.54 3.81 8.35
CA THR A 195 -2.17 4.18 6.97
C THR A 195 -3.08 5.27 6.38
N ARG A 196 -4.23 5.57 7.00
CA ARG A 196 -5.22 6.51 6.46
C ARG A 196 -4.67 7.95 6.41
N ALA A 197 -4.28 8.37 5.21
CA ALA A 197 -4.19 9.78 4.83
C ALA A 197 -5.60 10.39 4.74
N ALA A 198 -5.71 11.72 4.81
CA ALA A 198 -6.99 12.40 4.58
C ALA A 198 -7.42 12.25 3.11
N GLU A 199 -8.64 11.77 2.89
CA GLU A 199 -9.09 11.20 1.61
C GLU A 199 -9.09 12.19 0.43
N GLU A 200 -9.35 13.47 0.68
CA GLU A 200 -9.21 14.54 -0.31
C GLU A 200 -7.76 14.69 -0.83
N HIS A 201 -6.77 14.57 0.06
CA HIS A 201 -5.34 14.53 -0.29
C HIS A 201 -4.84 13.15 -0.76
N VAL A 202 -5.70 12.12 -0.76
CA VAL A 202 -5.49 10.86 -1.49
C VAL A 202 -5.96 11.00 -2.94
N ILE A 203 -7.15 11.59 -3.16
CA ILE A 203 -7.71 11.88 -4.50
C ILE A 203 -6.84 12.90 -5.26
N ALA A 204 -6.61 14.08 -4.68
CA ALA A 204 -5.85 15.18 -5.28
C ALA A 204 -4.34 14.87 -5.44
N GLY A 205 -3.84 13.82 -4.79
CA GLY A 205 -2.50 13.31 -5.02
C GLY A 205 -2.42 12.30 -6.17
N TRP A 206 -3.44 11.46 -6.32
CA TRP A 206 -3.58 10.43 -7.37
C TRP A 206 -3.99 11.01 -8.73
N GLU A 207 -4.77 12.08 -8.76
CA GLU A 207 -5.32 12.67 -9.98
C GLU A 207 -4.25 13.01 -11.06
N PRO A 208 -3.12 13.67 -10.74
CA PRO A 208 -2.03 13.83 -11.70
C PRO A 208 -1.27 12.53 -12.01
N LYS A 209 -1.29 11.53 -11.12
CA LYS A 209 -0.69 10.19 -11.34
C LYS A 209 -1.48 9.31 -12.29
N VAL A 210 -2.69 9.70 -12.69
CA VAL A 210 -3.33 9.15 -13.90
C VAL A 210 -2.49 9.44 -15.16
N ASN A 211 -1.61 10.44 -15.12
CA ASN A 211 -0.61 10.71 -16.15
C ASN A 211 0.84 10.35 -15.81
N ALA A 212 1.16 10.05 -14.54
CA ALA A 212 2.53 9.87 -14.02
C ALA A 212 2.65 8.67 -13.07
N MET A 1 21.35 2.70 13.33
CA MET A 1 20.52 2.13 14.43
C MET A 1 19.07 2.58 14.32
N ALA A 2 18.14 1.77 14.81
CA ALA A 2 16.69 2.02 14.79
C ALA A 2 16.09 2.20 13.37
N LEU A 3 14.81 2.56 13.28
CA LEU A 3 14.08 2.82 12.04
C LEU A 3 13.64 4.29 11.96
N GLU A 4 13.80 4.87 10.77
CA GLU A 4 13.10 6.09 10.33
C GLU A 4 12.50 5.84 8.95
N ILE A 5 11.32 6.40 8.66
CA ILE A 5 10.63 6.26 7.38
C ILE A 5 10.25 7.64 6.84
N CYS A 6 10.47 7.88 5.56
CA CYS A 6 10.14 9.12 4.88
C CYS A 6 8.99 8.86 3.90
N VAL A 7 7.86 9.52 4.14
CA VAL A 7 6.55 9.19 3.53
C VAL A 7 5.88 10.45 2.99
N LYS A 8 4.94 10.30 2.06
CA LYS A 8 4.21 11.45 1.47
C LYS A 8 3.46 12.21 2.56
N ALA A 9 3.87 13.46 2.79
CA ALA A 9 2.98 14.48 3.32
C ALA A 9 2.08 15.07 2.23
N ALA A 10 0.89 15.50 2.59
CA ALA A 10 -0.08 16.05 1.65
C ALA A 10 0.42 17.34 0.97
N VAL A 11 0.08 17.49 -0.32
CA VAL A 11 0.17 18.79 -1.01
C VAL A 11 -0.87 19.73 -0.41
N GLY A 12 -0.46 20.94 -0.01
CA GLY A 12 -1.30 21.89 0.71
C GLY A 12 -1.39 21.68 2.23
N ALA A 13 -1.06 20.48 2.73
CA ALA A 13 -1.15 20.15 4.16
C ALA A 13 0.05 19.28 4.64
N PRO A 14 1.30 19.80 4.63
CA PRO A 14 2.51 19.02 4.90
C PRO A 14 2.62 18.45 6.33
N ASN A 15 1.70 18.77 7.23
CA ASN A 15 1.61 18.21 8.58
C ASN A 15 0.74 16.93 8.69
N ILE A 16 0.21 16.40 7.57
CA ILE A 16 -0.53 15.13 7.50
C ILE A 16 -0.07 14.28 6.31
N LEU A 17 -0.41 12.98 6.32
CA LEU A 17 -0.24 12.08 5.17
C LEU A 17 -1.06 12.55 3.95
N GLY A 18 -0.57 12.24 2.75
CA GLY A 18 -1.30 12.30 1.48
C GLY A 18 -0.99 11.10 0.58
N ASP A 19 -1.33 11.16 -0.71
CA ASP A 19 -1.13 10.04 -1.66
C ASP A 19 0.34 9.57 -1.78
N CYS A 20 0.59 8.42 -1.14
CA CYS A 20 1.40 7.35 -1.71
C CYS A 20 0.97 5.98 -1.10
N PRO A 21 0.26 5.09 -1.82
CA PRO A 21 -0.09 3.75 -1.32
C PRO A 21 1.13 2.84 -1.16
N PHE A 22 2.27 3.21 -1.76
CA PHE A 22 3.55 2.53 -1.54
C PHE A 22 4.17 2.86 -0.17
N CYS A 23 3.91 4.06 0.38
CA CYS A 23 4.23 4.39 1.80
C CYS A 23 3.33 3.64 2.79
N GLN A 24 2.05 3.47 2.45
CA GLN A 24 1.08 2.77 3.29
C GLN A 24 1.47 1.31 3.59
N ARG A 25 2.21 0.65 2.67
CA ARG A 25 2.80 -0.69 2.88
C ARG A 25 3.72 -0.75 4.12
N VAL A 26 4.50 0.31 4.33
CA VAL A 26 5.52 0.41 5.39
C VAL A 26 4.90 0.74 6.73
N LEU A 27 3.90 1.64 6.75
CA LEU A 27 3.10 1.92 7.95
C LEU A 27 2.38 0.65 8.45
N LEU A 28 1.80 -0.11 7.50
CA LEU A 28 1.01 -1.31 7.79
C LEU A 28 1.80 -2.39 8.54
N SER A 29 3.03 -2.71 8.13
CA SER A 29 3.80 -3.79 8.77
C SER A 29 4.44 -3.39 10.09
N LEU A 30 4.94 -2.16 10.21
CA LEU A 30 5.56 -1.67 11.45
C LEU A 30 4.53 -1.48 12.56
N GLU A 31 3.32 -1.02 12.21
CA GLU A 31 2.19 -0.96 13.15
C GLU A 31 1.49 -2.30 13.39
N GLU A 32 1.67 -3.32 12.54
CA GLU A 32 1.26 -4.69 12.86
C GLU A 32 2.24 -5.34 13.86
N LYS A 33 3.55 -5.21 13.61
CA LYS A 33 4.63 -5.69 14.49
C LYS A 33 4.87 -4.81 15.74
N LYS A 34 4.18 -3.67 15.86
CA LYS A 34 4.31 -2.67 16.96
C LYS A 34 5.72 -2.09 17.12
N ILE A 35 6.56 -2.17 16.08
CA ILE A 35 7.93 -1.64 16.09
C ILE A 35 7.87 -0.10 16.07
N PRO A 36 8.58 0.62 16.97
CA PRO A 36 8.65 2.08 16.90
C PRO A 36 9.52 2.57 15.73
N TYR A 37 9.07 3.63 15.07
CA TYR A 37 9.75 4.29 13.95
C TYR A 37 9.49 5.81 14.00
N LYS A 38 10.39 6.62 13.44
CA LYS A 38 10.06 8.03 13.11
C LYS A 38 9.31 8.10 11.78
N SER A 39 8.13 8.71 11.76
CA SER A 39 7.41 9.04 10.51
C SER A 39 7.74 10.45 10.04
N HIS A 40 8.71 10.57 9.12
CA HIS A 40 9.05 11.83 8.47
C HIS A 40 8.05 12.12 7.35
N LEU A 41 7.08 12.97 7.65
CA LEU A 41 6.16 13.55 6.66
C LEU A 41 6.95 14.48 5.71
N ILE A 42 7.12 14.07 4.45
CA ILE A 42 7.79 14.85 3.41
C ILE A 42 6.81 15.09 2.26
N ASN A 43 6.38 16.34 2.04
CA ASN A 43 5.70 16.70 0.80
C ASN A 43 6.74 16.85 -0.31
N LEU A 44 7.04 15.75 -1.01
CA LEU A 44 8.09 15.69 -2.04
C LEU A 44 7.91 16.61 -3.28
N GLY A 45 6.86 17.44 -3.36
CA GLY A 45 6.85 18.59 -4.27
C GLY A 45 7.83 19.70 -3.86
N ASP A 46 8.16 19.74 -2.57
CA ASP A 46 9.19 20.57 -1.93
C ASP A 46 10.09 19.66 -1.08
N LYS A 47 10.84 18.79 -1.78
CA LYS A 47 11.74 17.81 -1.14
C LYS A 47 13.07 18.48 -0.73
N PRO A 48 13.40 18.55 0.57
CA PRO A 48 14.65 19.14 1.03
C PRO A 48 15.86 18.30 0.64
N GLN A 49 17.07 18.89 0.65
CA GLN A 49 18.30 18.17 0.31
C GLN A 49 18.61 16.99 1.24
N TRP A 50 18.21 17.05 2.52
CA TRP A 50 18.27 15.93 3.46
C TRP A 50 17.45 14.71 3.03
N PHE A 51 16.32 14.93 2.33
CA PHE A 51 15.53 13.86 1.76
C PHE A 51 16.12 13.34 0.43
N LEU A 52 16.68 14.22 -0.40
CA LEU A 52 17.38 13.85 -1.65
C LEU A 52 18.70 13.09 -1.40
N GLU A 53 19.32 13.29 -0.25
CA GLU A 53 20.45 12.50 0.27
C GLU A 53 20.03 11.05 0.54
N ILE A 54 18.90 10.84 1.22
CA ILE A 54 18.34 9.50 1.50
C ILE A 54 17.75 8.85 0.24
N SER A 55 17.11 9.64 -0.65
CA SER A 55 16.43 9.20 -1.87
C SER A 55 16.94 9.98 -3.09
N PRO A 56 17.96 9.48 -3.81
CA PRO A 56 18.52 10.17 -4.98
C PRO A 56 17.58 10.18 -6.20
N GLU A 57 16.56 9.31 -6.24
CA GLU A 57 15.44 9.43 -7.19
C GLU A 57 14.42 10.52 -6.80
N GLY A 58 14.50 11.07 -5.58
CA GLY A 58 13.55 12.03 -5.03
C GLY A 58 12.17 11.45 -4.70
N LYS A 59 12.07 10.12 -4.51
CA LYS A 59 10.82 9.37 -4.34
C LYS A 59 10.55 8.94 -2.90
N VAL A 60 9.27 8.83 -2.55
CA VAL A 60 8.74 8.12 -1.37
C VAL A 60 8.05 6.80 -1.79
N PRO A 61 7.99 5.79 -0.92
CA PRO A 61 8.73 5.67 0.34
C PRO A 61 10.24 5.60 0.12
N VAL A 62 10.96 6.12 1.11
CA VAL A 62 12.34 5.75 1.39
C VAL A 62 12.47 5.59 2.90
N VAL A 63 13.33 4.67 3.35
CA VAL A 63 13.46 4.32 4.77
C VAL A 63 14.93 4.24 5.17
N LYS A 64 15.15 4.23 6.48
CA LYS A 64 16.47 4.24 7.12
C LYS A 64 16.59 3.04 8.06
N ILE A 65 16.71 1.85 7.46
CA ILE A 65 16.73 0.56 8.18
C ILE A 65 18.09 0.39 8.86
N ASP A 66 18.11 0.31 10.19
CA ASP A 66 19.35 0.49 10.96
C ASP A 66 20.04 1.82 10.60
N ASP A 67 19.25 2.89 10.43
CA ASP A 67 19.64 4.24 9.93
C ASP A 67 20.08 4.29 8.44
N LYS A 68 20.19 3.15 7.75
CA LYS A 68 20.74 3.03 6.38
C LYS A 68 19.66 3.11 5.32
N TRP A 69 19.93 3.88 4.27
CA TRP A 69 18.96 4.26 3.24
C TRP A 69 18.51 3.06 2.38
N VAL A 70 17.21 2.88 2.19
CA VAL A 70 16.60 1.91 1.26
C VAL A 70 15.38 2.53 0.57
N ALA A 71 15.33 2.44 -0.76
CA ALA A 71 14.22 2.86 -1.61
C ALA A 71 13.50 1.66 -2.25
N ASP A 72 12.36 1.94 -2.90
CA ASP A 72 11.47 0.99 -3.59
C ASP A 72 10.77 -0.03 -2.65
N SER A 73 9.46 0.12 -2.51
CA SER A 73 8.69 -0.48 -1.42
C SER A 73 8.66 -2.00 -1.41
N ASP A 74 8.91 -2.69 -2.52
CA ASP A 74 9.12 -4.15 -2.53
C ASP A 74 10.49 -4.58 -1.96
N VAL A 75 11.55 -3.78 -2.16
CA VAL A 75 12.86 -4.00 -1.52
C VAL A 75 12.80 -3.65 -0.03
N ILE A 76 12.07 -2.58 0.32
CA ILE A 76 11.82 -2.17 1.69
C ILE A 76 11.04 -3.25 2.46
N VAL A 77 9.99 -3.82 1.86
CA VAL A 77 9.24 -4.97 2.40
C VAL A 77 10.13 -6.21 2.51
N GLY A 78 10.94 -6.51 1.49
CA GLY A 78 11.87 -7.65 1.52
C GLY A 78 12.87 -7.60 2.68
N ILE A 79 13.33 -6.41 3.08
CA ILE A 79 14.22 -6.23 4.24
C ILE A 79 13.45 -6.15 5.56
N LEU A 80 12.43 -5.30 5.67
CA LEU A 80 11.69 -5.08 6.94
C LEU A 80 10.93 -6.32 7.42
N GLU A 81 10.43 -7.14 6.49
CA GLU A 81 9.62 -8.32 6.81
C GLU A 81 10.44 -9.60 6.98
N GLU A 82 11.76 -9.53 6.82
CA GLU A 82 12.72 -10.58 7.21
C GLU A 82 13.60 -10.15 8.39
N LYS A 83 14.27 -8.99 8.30
CA LYS A 83 15.43 -8.63 9.13
C LYS A 83 15.04 -7.75 10.33
N ASN A 84 14.15 -8.25 11.19
CA ASN A 84 13.75 -7.61 12.45
C ASN A 84 13.77 -8.62 13.61
N PRO A 85 13.77 -8.16 14.89
CA PRO A 85 13.63 -9.05 16.05
C PRO A 85 12.21 -9.62 16.17
N GLU A 86 11.21 -8.90 15.65
CA GLU A 86 9.83 -9.37 15.52
C GLU A 86 9.67 -10.42 14.40
N PRO A 87 8.72 -11.37 14.50
CA PRO A 87 8.61 -12.49 13.57
C PRO A 87 8.46 -12.09 12.08
N PRO A 88 9.06 -12.86 11.14
CA PRO A 88 9.09 -12.50 9.73
C PRO A 88 7.74 -12.66 9.02
N LEU A 89 7.22 -11.54 8.51
CA LEU A 89 6.05 -11.50 7.62
C LEU A 89 6.42 -11.63 6.13
N ALA A 90 7.72 -11.81 5.84
CA ALA A 90 8.26 -12.37 4.60
C ALA A 90 8.04 -13.90 4.54
N THR A 91 6.79 -14.33 4.77
CA THR A 91 6.34 -15.72 4.77
C THR A 91 5.17 -15.91 3.78
N PRO A 92 5.39 -15.68 2.47
CA PRO A 92 4.32 -15.48 1.51
C PRO A 92 3.63 -16.81 1.16
N PRO A 93 2.29 -16.90 1.26
CA PRO A 93 1.53 -18.06 0.79
C PRO A 93 1.39 -18.08 -0.75
N GLU A 94 0.65 -19.06 -1.28
CA GLU A 94 0.32 -19.19 -2.71
C GLU A 94 -0.34 -17.93 -3.31
N PHE A 95 -1.07 -17.15 -2.50
CA PHE A 95 -1.63 -15.85 -2.87
C PHE A 95 -0.60 -14.83 -3.37
N ALA A 96 0.68 -14.97 -3.06
CA ALA A 96 1.76 -14.12 -3.61
C ALA A 96 1.93 -14.26 -5.13
N SER A 97 1.64 -15.45 -5.69
CA SER A 97 1.63 -15.68 -7.14
C SER A 97 0.49 -14.94 -7.86
N VAL A 98 -0.59 -14.61 -7.14
CA VAL A 98 -1.74 -13.86 -7.65
C VAL A 98 -1.60 -12.36 -7.34
N GLY A 99 -1.13 -12.04 -6.14
CA GLY A 99 -0.88 -10.67 -5.67
C GLY A 99 0.21 -9.93 -6.43
N SER A 100 1.21 -10.63 -6.97
CA SER A 100 2.21 -10.03 -7.89
C SER A 100 1.62 -9.61 -9.26
N LYS A 101 0.45 -10.13 -9.65
CA LYS A 101 -0.32 -9.70 -10.84
C LYS A 101 -1.41 -8.67 -10.51
N ILE A 102 -2.01 -8.76 -9.32
CA ILE A 102 -2.98 -7.77 -8.82
C ILE A 102 -2.31 -6.42 -8.49
N PHE A 103 -1.10 -6.44 -7.93
CA PHE A 103 -0.33 -5.22 -7.57
C PHE A 103 -0.12 -4.24 -8.73
N PRO A 104 0.33 -4.68 -9.94
CA PRO A 104 0.38 -3.82 -11.12
C PRO A 104 -0.99 -3.63 -11.79
N SER A 105 -1.93 -4.58 -11.75
CA SER A 105 -3.25 -4.37 -12.38
C SER A 105 -4.15 -3.38 -11.63
N PHE A 106 -3.99 -3.25 -10.30
CA PHE A 106 -4.46 -2.09 -9.52
C PHE A 106 -3.84 -0.78 -10.00
N VAL A 107 -2.53 -0.73 -10.24
CA VAL A 107 -1.86 0.50 -10.71
C VAL A 107 -2.27 0.85 -12.15
N LYS A 108 -2.56 -0.13 -13.01
CA LYS A 108 -3.17 0.08 -14.33
C LYS A 108 -4.61 0.60 -14.21
N PHE A 109 -5.41 0.05 -13.29
CA PHE A 109 -6.79 0.50 -13.03
C PHE A 109 -6.84 1.94 -12.52
N LEU A 110 -5.89 2.31 -11.66
CA LEU A 110 -5.62 3.70 -11.23
C LEU A 110 -4.99 4.62 -12.30
N LYS A 111 -4.62 4.11 -13.48
CA LYS A 111 -3.95 4.85 -14.58
C LYS A 111 -4.47 4.41 -15.96
N SER A 112 -5.79 4.23 -16.08
CA SER A 112 -6.48 3.55 -17.18
C SER A 112 -6.48 4.30 -18.53
N LYS A 113 -5.29 4.54 -19.10
CA LYS A 113 -5.10 5.00 -20.49
C LYS A 113 -5.43 3.89 -21.51
N ASP A 114 -5.07 2.66 -21.15
CA ASP A 114 -5.74 1.44 -21.61
C ASP A 114 -7.00 1.25 -20.74
N PRO A 115 -8.21 1.32 -21.35
CA PRO A 115 -9.41 1.83 -20.69
C PRO A 115 -9.90 1.02 -19.49
N ASN A 116 -10.59 1.71 -18.58
CA ASN A 116 -10.87 1.22 -17.24
C ASN A 116 -11.77 -0.03 -17.23
N ASP A 117 -12.81 -0.07 -18.04
CA ASP A 117 -13.81 -1.16 -18.07
C ASP A 117 -13.28 -2.45 -18.75
N GLY A 118 -12.19 -2.36 -19.52
CA GLY A 118 -11.41 -3.50 -20.00
C GLY A 118 -10.34 -3.95 -19.00
N THR A 119 -9.68 -2.98 -18.35
CA THR A 119 -8.75 -3.24 -17.23
C THR A 119 -9.45 -3.82 -16.00
N GLU A 120 -10.74 -3.53 -15.82
CA GLU A 120 -11.60 -4.09 -14.78
C GLU A 120 -11.65 -5.62 -14.85
N GLN A 121 -11.81 -6.17 -16.06
CA GLN A 121 -11.90 -7.61 -16.27
C GLN A 121 -10.53 -8.29 -16.07
N ALA A 122 -9.44 -7.65 -16.51
CA ALA A 122 -8.07 -8.08 -16.23
C ALA A 122 -7.67 -8.00 -14.74
N LEU A 123 -8.33 -7.15 -13.95
CA LEU A 123 -8.21 -7.09 -12.49
C LEU A 123 -9.11 -8.14 -11.79
N LEU A 124 -10.34 -8.33 -12.28
CA LEU A 124 -11.33 -9.24 -11.71
C LEU A 124 -10.92 -10.71 -11.78
N GLU A 125 -10.34 -11.19 -12.87
CA GLU A 125 -10.00 -12.63 -12.98
C GLU A 125 -8.93 -13.07 -11.96
N GLU A 126 -7.95 -12.19 -11.67
CA GLU A 126 -6.97 -12.40 -10.61
C GLU A 126 -7.57 -12.22 -9.20
N LEU A 127 -8.47 -11.24 -9.01
CA LEU A 127 -9.21 -11.11 -7.74
C LEU A 127 -10.14 -12.30 -7.45
N LYS A 128 -10.74 -12.93 -8.46
CA LYS A 128 -11.53 -14.17 -8.31
C LYS A 128 -10.64 -15.35 -7.90
N ALA A 129 -9.48 -15.50 -8.55
CA ALA A 129 -8.52 -16.57 -8.25
C ALA A 129 -7.96 -16.45 -6.82
N LEU A 130 -7.73 -15.22 -6.35
CA LEU A 130 -7.38 -14.89 -4.97
C LEU A 130 -8.54 -15.19 -3.99
N ASP A 131 -9.70 -14.58 -4.23
CA ASP A 131 -10.84 -14.59 -3.30
C ASP A 131 -11.47 -15.98 -3.11
N GLY A 132 -11.54 -16.77 -4.18
CA GLY A 132 -12.07 -18.14 -4.16
C GLY A 132 -11.36 -19.06 -3.16
N HIS A 133 -10.04 -18.90 -3.01
CA HIS A 133 -9.25 -19.64 -2.03
C HIS A 133 -9.08 -18.91 -0.68
N LEU A 134 -9.15 -17.57 -0.64
CA LEU A 134 -9.16 -16.81 0.62
C LEU A 134 -10.39 -17.09 1.49
N LYS A 135 -11.54 -17.38 0.88
CA LYS A 135 -12.75 -17.85 1.59
C LYS A 135 -12.60 -19.21 2.29
N VAL A 136 -11.43 -19.87 2.15
CA VAL A 136 -11.04 -21.07 2.92
C VAL A 136 -9.91 -20.79 3.92
N HIS A 137 -8.94 -19.92 3.59
CA HIS A 137 -7.65 -19.87 4.28
C HIS A 137 -7.58 -19.04 5.59
N GLY A 138 -8.41 -18.00 5.77
CA GLY A 138 -8.35 -17.14 6.96
C GLY A 138 -8.67 -15.66 6.67
N PRO A 139 -8.74 -14.80 7.71
CA PRO A 139 -9.34 -13.46 7.65
C PRO A 139 -8.48 -12.36 6.99
N PHE A 140 -7.23 -12.64 6.61
CA PHE A 140 -6.34 -11.69 5.94
C PHE A 140 -6.19 -12.02 4.44
N ILE A 141 -5.63 -11.12 3.63
CA ILE A 141 -5.43 -11.36 2.18
C ILE A 141 -4.27 -12.33 1.88
N ALA A 142 -3.68 -12.89 2.93
CA ALA A 142 -2.75 -14.01 2.95
C ALA A 142 -3.23 -15.20 3.81
N GLY A 143 -4.52 -15.26 4.18
CA GLY A 143 -5.09 -16.30 5.04
C GLY A 143 -4.96 -15.97 6.53
N GLU A 144 -4.12 -16.72 7.25
CA GLU A 144 -4.04 -16.71 8.73
C GLU A 144 -3.74 -15.32 9.33
N LYS A 145 -2.92 -14.53 8.63
CA LYS A 145 -2.11 -13.43 9.17
C LYS A 145 -1.78 -12.42 8.08
N ILE A 146 -1.38 -11.21 8.50
CA ILE A 146 -0.73 -10.24 7.60
C ILE A 146 0.62 -10.80 7.11
N THR A 147 0.88 -10.72 5.81
CA THR A 147 2.18 -11.01 5.18
C THR A 147 2.55 -9.90 4.20
N ALA A 148 3.68 -10.04 3.50
CA ALA A 148 4.04 -9.22 2.34
C ALA A 148 2.96 -9.13 1.23
N VAL A 149 2.00 -10.08 1.15
CA VAL A 149 0.86 -10.01 0.21
C VAL A 149 -0.18 -8.97 0.64
N ASP A 150 -0.50 -8.88 1.93
CA ASP A 150 -1.29 -7.78 2.52
C ASP A 150 -0.62 -6.42 2.35
N LEU A 151 0.70 -6.38 2.57
CA LEU A 151 1.50 -5.16 2.33
C LEU A 151 1.48 -4.76 0.85
N SER A 152 1.22 -5.67 -0.08
CA SER A 152 1.09 -5.37 -1.51
C SER A 152 -0.31 -4.87 -1.88
N LEU A 153 -1.37 -5.52 -1.38
CA LEU A 153 -2.74 -5.34 -1.89
C LEU A 153 -3.61 -4.41 -1.04
N ALA A 154 -3.46 -4.44 0.30
CA ALA A 154 -4.31 -3.70 1.24
C ALA A 154 -4.38 -2.17 1.00
N PRO A 155 -3.25 -1.45 0.84
CA PRO A 155 -3.33 0.00 0.59
C PRO A 155 -3.87 0.33 -0.81
N LYS A 156 -3.69 -0.56 -1.79
CA LYS A 156 -4.22 -0.37 -3.14
C LYS A 156 -5.73 -0.59 -3.22
N LEU A 157 -6.31 -1.43 -2.36
CA LEU A 157 -7.77 -1.54 -2.17
C LEU A 157 -8.38 -0.28 -1.55
N TYR A 158 -7.77 0.28 -0.50
CA TYR A 158 -8.15 1.61 0.04
C TYR A 158 -8.05 2.72 -1.02
N HIS A 159 -7.02 2.66 -1.85
CA HIS A 159 -6.81 3.61 -2.95
C HIS A 159 -7.84 3.46 -4.11
N LEU A 160 -8.51 2.30 -4.26
CA LEU A 160 -9.67 2.18 -5.15
C LEU A 160 -10.92 2.82 -4.52
N GLU A 161 -11.23 2.43 -3.27
CA GLU A 161 -12.42 2.86 -2.54
C GLU A 161 -12.45 4.39 -2.33
N VAL A 162 -11.28 5.01 -2.14
CA VAL A 162 -11.11 6.46 -2.05
C VAL A 162 -10.92 7.12 -3.42
N ALA A 163 -9.72 6.99 -4.01
CA ALA A 163 -9.24 7.98 -4.99
C ALA A 163 -9.99 7.89 -6.33
N LEU A 164 -10.05 6.67 -6.89
CA LEU A 164 -10.81 6.38 -8.09
C LEU A 164 -12.33 6.46 -7.85
N GLY A 165 -12.79 6.26 -6.61
CA GLY A 165 -14.19 6.35 -6.21
C GLY A 165 -14.88 7.68 -6.52
N HIS A 166 -14.12 8.79 -6.61
CA HIS A 166 -14.62 10.10 -7.02
C HIS A 166 -15.05 10.19 -8.50
N PHE A 167 -14.56 9.28 -9.36
CA PHE A 167 -14.83 9.26 -10.81
C PHE A 167 -15.50 7.96 -11.27
N LYS A 168 -15.20 6.84 -10.58
CA LYS A 168 -15.87 5.55 -10.72
C LYS A 168 -15.85 4.84 -9.36
N ASN A 169 -16.93 5.01 -8.58
CA ASN A 169 -17.20 4.24 -7.37
C ASN A 169 -17.51 2.77 -7.72
N TRP A 170 -16.45 2.01 -7.99
CA TRP A 170 -16.52 0.67 -8.56
C TRP A 170 -17.01 -0.35 -7.50
N PRO A 171 -18.15 -1.03 -7.73
CA PRO A 171 -18.65 -2.03 -6.79
C PRO A 171 -17.78 -3.30 -6.83
N ILE A 172 -16.98 -3.50 -5.78
CA ILE A 172 -16.36 -4.79 -5.46
C ILE A 172 -17.49 -5.82 -5.24
N PRO A 173 -17.65 -6.85 -6.09
CA PRO A 173 -18.83 -7.72 -6.04
C PRO A 173 -18.93 -8.50 -4.72
N ASP A 174 -20.15 -8.88 -4.35
CA ASP A 174 -20.45 -9.78 -3.23
C ASP A 174 -19.87 -11.20 -3.42
N ASN A 175 -19.65 -11.59 -4.68
CA ASN A 175 -18.93 -12.81 -5.06
C ASN A 175 -17.44 -12.79 -4.66
N LEU A 176 -16.82 -11.61 -4.59
CA LEU A 176 -15.50 -11.39 -3.98
C LEU A 176 -15.63 -11.18 -2.46
N THR A 177 -16.31 -12.12 -1.81
CA THR A 177 -16.80 -11.98 -0.43
C THR A 177 -15.67 -11.82 0.58
N HIS A 178 -14.47 -12.32 0.29
CA HIS A 178 -13.30 -12.04 1.13
C HIS A 178 -12.77 -10.63 0.92
N VAL A 179 -12.54 -10.21 -0.33
CA VAL A 179 -12.02 -8.86 -0.66
C VAL A 179 -12.95 -7.76 -0.14
N LEU A 180 -14.26 -7.95 -0.23
CA LEU A 180 -15.27 -7.03 0.27
C LEU A 180 -15.27 -6.90 1.81
N ASN A 181 -15.10 -8.00 2.55
CA ASN A 181 -14.90 -7.98 4.00
C ASN A 181 -13.55 -7.38 4.40
N TYR A 182 -12.49 -7.73 3.68
CA TYR A 182 -11.12 -7.28 3.94
C TYR A 182 -10.94 -5.77 3.75
N ILE A 183 -11.68 -5.15 2.82
CA ILE A 183 -11.80 -3.69 2.72
C ILE A 183 -12.33 -3.06 4.02
N LYS A 184 -13.24 -3.73 4.74
CA LYS A 184 -13.74 -3.24 6.03
C LYS A 184 -12.84 -3.56 7.22
N LEU A 185 -11.85 -4.45 7.05
CA LEU A 185 -10.67 -4.53 7.93
C LEU A 185 -9.67 -3.39 7.73
N LEU A 186 -9.69 -2.65 6.62
CA LEU A 186 -8.72 -1.56 6.38
C LEU A 186 -8.88 -0.37 7.34
N PHE A 187 -10.03 -0.23 8.00
CA PHE A 187 -10.29 0.78 9.03
C PHE A 187 -10.07 0.24 10.46
N SER A 188 -9.50 -0.96 10.60
CA SER A 188 -9.38 -1.73 11.85
C SER A 188 -7.92 -2.00 12.25
N ARG A 189 -7.75 -2.69 13.39
CA ARG A 189 -6.47 -2.88 14.10
C ARG A 189 -5.84 -1.52 14.43
N GLU A 190 -4.58 -1.51 14.84
CA GLU A 190 -3.73 -0.32 14.71
C GLU A 190 -3.16 -0.21 13.28
N SER A 191 -2.85 -1.35 12.67
CA SER A 191 -1.99 -1.48 11.49
C SER A 191 -2.60 -0.92 10.21
N PHE A 192 -3.76 -1.42 9.76
CA PHE A 192 -4.45 -0.83 8.61
C PHE A 192 -4.97 0.58 8.90
N LYS A 193 -5.57 0.77 10.08
CA LYS A 193 -6.16 2.03 10.55
C LYS A 193 -5.18 3.22 10.48
N LYS A 194 -3.89 3.01 10.74
CA LYS A 194 -2.83 4.04 10.70
C LYS A 194 -2.24 4.30 9.31
N THR A 195 -2.56 3.52 8.28
CA THR A 195 -2.15 3.88 6.91
C THR A 195 -2.96 5.05 6.34
N ARG A 196 -4.16 5.31 6.87
CA ARG A 196 -5.14 6.26 6.33
C ARG A 196 -4.58 7.68 6.27
N ALA A 197 -4.68 8.29 5.08
CA ALA A 197 -4.48 9.73 4.88
C ALA A 197 -5.84 10.47 4.94
N ALA A 198 -5.84 11.80 4.90
CA ALA A 198 -7.08 12.54 4.63
C ALA A 198 -7.48 12.35 3.15
N GLU A 199 -8.70 11.86 2.92
CA GLU A 199 -9.13 11.33 1.61
C GLU A 199 -9.04 12.33 0.45
N GLU A 200 -9.28 13.61 0.70
CA GLU A 200 -9.14 14.71 -0.28
C GLU A 200 -7.69 14.85 -0.78
N HIS A 201 -6.70 14.68 0.11
CA HIS A 201 -5.28 14.66 -0.22
C HIS A 201 -4.78 13.29 -0.74
N VAL A 202 -5.66 12.29 -0.85
CA VAL A 202 -5.42 11.10 -1.67
C VAL A 202 -5.83 11.36 -3.11
N ILE A 203 -7.08 11.79 -3.36
CA ILE A 203 -7.57 12.07 -4.73
C ILE A 203 -6.80 13.22 -5.41
N ALA A 204 -6.58 14.33 -4.71
CA ALA A 204 -5.77 15.46 -5.21
C ALA A 204 -4.27 15.17 -5.28
N GLY A 205 -3.81 14.06 -4.71
CA GLY A 205 -2.45 13.55 -4.90
C GLY A 205 -2.33 12.59 -6.08
N TRP A 206 -3.38 11.82 -6.37
CA TRP A 206 -3.45 10.78 -7.39
C TRP A 206 -3.83 11.29 -8.79
N GLU A 207 -4.64 12.34 -8.89
CA GLU A 207 -5.08 12.91 -10.17
C GLU A 207 -3.95 13.15 -11.20
N PRO A 208 -2.82 13.81 -10.86
CA PRO A 208 -1.69 13.93 -11.78
C PRO A 208 -0.96 12.60 -12.06
N LYS A 209 -1.03 11.63 -11.14
CA LYS A 209 -0.48 10.27 -11.33
C LYS A 209 -1.30 9.39 -12.27
N VAL A 210 -2.47 9.82 -12.72
CA VAL A 210 -3.10 9.26 -13.94
C VAL A 210 -2.23 9.49 -15.19
N ASN A 211 -1.33 10.48 -15.16
CA ASN A 211 -0.31 10.71 -16.18
C ASN A 211 1.12 10.34 -15.79
N ALA A 212 1.40 10.09 -14.51
CA ALA A 212 2.76 9.87 -13.98
C ALA A 212 2.87 8.60 -13.10
N MET A 1 21.37 2.38 13.31
CA MET A 1 20.48 1.73 14.32
C MET A 1 19.06 2.29 14.25
N ALA A 2 18.08 1.52 14.75
CA ALA A 2 16.64 1.84 14.71
C ALA A 2 16.07 1.99 13.28
N LEU A 3 14.80 2.37 13.19
CA LEU A 3 14.09 2.66 11.94
C LEU A 3 13.67 4.14 11.88
N GLU A 4 13.74 4.71 10.67
CA GLU A 4 13.01 5.91 10.29
C GLU A 4 12.46 5.73 8.87
N ILE A 5 11.33 6.34 8.56
CA ILE A 5 10.66 6.25 7.25
C ILE A 5 10.32 7.65 6.75
N CYS A 6 10.51 7.90 5.46
CA CYS A 6 10.09 9.13 4.80
C CYS A 6 8.94 8.82 3.83
N VAL A 7 7.83 9.55 4.00
CA VAL A 7 6.54 9.23 3.37
C VAL A 7 5.90 10.51 2.82
N LYS A 8 4.97 10.36 1.85
CA LYS A 8 4.27 11.50 1.27
C LYS A 8 3.49 12.26 2.34
N ALA A 9 3.88 13.50 2.59
CA ALA A 9 2.97 14.50 3.15
C ALA A 9 2.08 15.11 2.06
N ALA A 10 0.90 15.58 2.43
CA ALA A 10 -0.02 16.21 1.49
C ALA A 10 0.56 17.47 0.84
N VAL A 11 0.17 17.72 -0.41
CA VAL A 11 0.40 19.02 -1.07
C VAL A 11 -0.46 20.08 -0.37
N GLY A 12 0.12 21.24 -0.06
CA GLY A 12 -0.54 22.30 0.72
C GLY A 12 -0.62 22.05 2.23
N ALA A 13 -0.61 20.79 2.67
CA ALA A 13 -0.73 20.41 4.09
C ALA A 13 0.40 19.44 4.53
N PRO A 14 1.65 19.91 4.68
CA PRO A 14 2.81 19.07 5.02
C PRO A 14 2.74 18.40 6.40
N ASN A 15 1.82 18.83 7.28
CA ASN A 15 1.62 18.25 8.61
C ASN A 15 0.74 16.98 8.63
N ILE A 16 0.29 16.48 7.47
CA ILE A 16 -0.50 15.24 7.33
C ILE A 16 0.01 14.37 6.17
N LEU A 17 -0.35 13.08 6.18
CA LEU A 17 -0.17 12.19 5.03
C LEU A 17 -0.99 12.66 3.81
N GLY A 18 -0.48 12.36 2.60
CA GLY A 18 -1.19 12.46 1.32
C GLY A 18 -0.89 11.26 0.41
N ASP A 19 -1.28 11.32 -0.86
CA ASP A 19 -1.12 10.17 -1.78
C ASP A 19 0.34 9.69 -1.95
N CYS A 20 0.61 8.56 -1.31
CA CYS A 20 1.38 7.45 -1.88
C CYS A 20 0.94 6.10 -1.24
N PRO A 21 0.21 5.20 -1.93
CA PRO A 21 -0.15 3.89 -1.40
C PRO A 21 1.06 2.96 -1.23
N PHE A 22 2.19 3.28 -1.86
CA PHE A 22 3.45 2.57 -1.64
C PHE A 22 4.08 2.91 -0.26
N CYS A 23 3.83 4.11 0.30
CA CYS A 23 4.15 4.43 1.70
C CYS A 23 3.26 3.68 2.70
N GLN A 24 1.98 3.51 2.38
CA GLN A 24 1.02 2.81 3.24
C GLN A 24 1.41 1.34 3.51
N ARG A 25 2.16 0.69 2.58
CA ARG A 25 2.73 -0.66 2.77
C ARG A 25 3.65 -0.74 3.99
N VAL A 26 4.46 0.30 4.20
CA VAL A 26 5.47 0.41 5.27
C VAL A 26 4.83 0.75 6.62
N LEU A 27 3.84 1.67 6.62
CA LEU A 27 3.04 1.97 7.81
C LEU A 27 2.30 0.71 8.32
N LEU A 28 1.72 -0.07 7.41
CA LEU A 28 0.95 -1.27 7.73
C LEU A 28 1.75 -2.32 8.50
N SER A 29 2.97 -2.66 8.05
CA SER A 29 3.74 -3.74 8.68
C SER A 29 4.39 -3.32 10.01
N LEU A 30 4.88 -2.08 10.10
CA LEU A 30 5.50 -1.58 11.34
C LEU A 30 4.48 -1.37 12.45
N GLU A 31 3.26 -0.91 12.11
CA GLU A 31 2.14 -0.82 13.05
C GLU A 31 1.45 -2.17 13.32
N GLU A 32 1.59 -3.18 12.47
CA GLU A 32 1.18 -4.55 12.82
C GLU A 32 2.16 -5.20 13.80
N LYS A 33 3.46 -5.10 13.52
CA LYS A 33 4.55 -5.60 14.39
C LYS A 33 4.84 -4.71 15.61
N LYS A 34 4.17 -3.55 15.74
CA LYS A 34 4.33 -2.56 16.82
C LYS A 34 5.76 -1.98 16.95
N ILE A 35 6.57 -2.09 15.89
CA ILE A 35 7.96 -1.61 15.89
C ILE A 35 7.94 -0.08 15.82
N PRO A 36 8.63 0.66 16.71
CA PRO A 36 8.68 2.12 16.64
C PRO A 36 9.56 2.63 15.49
N TYR A 37 9.13 3.72 14.87
CA TYR A 37 9.82 4.43 13.77
C TYR A 37 9.55 5.93 13.87
N LYS A 38 10.44 6.78 13.33
CA LYS A 38 10.05 8.16 12.97
C LYS A 38 9.31 8.15 11.62
N SER A 39 8.17 8.83 11.54
CA SER A 39 7.45 9.08 10.28
C SER A 39 7.74 10.50 9.78
N HIS A 40 8.74 10.64 8.91
CA HIS A 40 9.07 11.91 8.27
C HIS A 40 8.07 12.20 7.16
N LEU A 41 7.12 13.07 7.47
CA LEU A 41 6.18 13.65 6.51
C LEU A 41 6.94 14.56 5.53
N ILE A 42 7.12 14.12 4.29
CA ILE A 42 7.79 14.87 3.22
C ILE A 42 6.81 15.11 2.07
N ASN A 43 6.37 16.36 1.90
CA ASN A 43 5.68 16.74 0.67
C ASN A 43 6.73 16.89 -0.44
N LEU A 44 7.02 15.80 -1.16
CA LEU A 44 8.12 15.73 -2.13
C LEU A 44 8.06 16.67 -3.36
N GLY A 45 7.05 17.53 -3.50
CA GLY A 45 7.15 18.70 -4.39
C GLY A 45 8.06 19.81 -3.84
N ASP A 46 8.27 19.77 -2.52
CA ASP A 46 9.07 20.66 -1.68
C ASP A 46 10.10 19.83 -0.88
N LYS A 47 10.83 18.97 -1.59
CA LYS A 47 11.77 18.00 -0.98
C LYS A 47 13.08 18.68 -0.57
N PRO A 48 13.45 18.69 0.73
CA PRO A 48 14.70 19.28 1.18
C PRO A 48 15.92 18.44 0.76
N GLN A 49 17.10 19.05 0.74
CA GLN A 49 18.34 18.34 0.40
C GLN A 49 18.69 17.18 1.38
N TRP A 50 18.28 17.28 2.65
CA TRP A 50 18.37 16.20 3.64
C TRP A 50 17.56 14.95 3.24
N PHE A 51 16.43 15.13 2.55
CA PHE A 51 15.66 14.02 1.99
C PHE A 51 16.26 13.50 0.68
N LEU A 52 16.85 14.36 -0.16
CA LEU A 52 17.57 13.96 -1.38
C LEU A 52 18.87 13.19 -1.09
N GLU A 53 19.46 13.39 0.08
CA GLU A 53 20.55 12.55 0.61
C GLU A 53 20.09 11.11 0.92
N ILE A 54 18.89 10.97 1.49
CA ILE A 54 18.26 9.67 1.77
C ILE A 54 17.71 9.02 0.47
N SER A 55 17.19 9.81 -0.47
CA SER A 55 16.56 9.39 -1.72
C SER A 55 17.09 10.19 -2.91
N PRO A 56 18.12 9.71 -3.62
CA PRO A 56 18.67 10.39 -4.79
C PRO A 56 17.73 10.36 -6.02
N GLU A 57 16.70 9.50 -6.04
CA GLU A 57 15.59 9.61 -6.99
C GLU A 57 14.58 10.74 -6.62
N GLY A 58 14.65 11.28 -5.41
CA GLY A 58 13.67 12.22 -4.87
C GLY A 58 12.30 11.60 -4.55
N LYS A 59 12.22 10.28 -4.45
CA LYS A 59 10.98 9.51 -4.29
C LYS A 59 10.70 9.06 -2.86
N VAL A 60 9.40 8.84 -2.57
CA VAL A 60 8.87 8.10 -1.41
C VAL A 60 8.13 6.82 -1.87
N PRO A 61 8.00 5.81 -0.99
CA PRO A 61 8.71 5.65 0.28
C PRO A 61 10.22 5.51 0.10
N VAL A 62 10.93 5.98 1.11
CA VAL A 62 12.34 5.68 1.36
C VAL A 62 12.51 5.55 2.88
N VAL A 63 13.40 4.67 3.32
CA VAL A 63 13.53 4.29 4.72
C VAL A 63 14.99 4.21 5.16
N LYS A 64 15.19 4.19 6.47
CA LYS A 64 16.49 4.21 7.15
C LYS A 64 16.61 2.97 8.03
N ILE A 65 16.73 1.80 7.40
CA ILE A 65 16.75 0.49 8.08
C ILE A 65 18.12 0.31 8.75
N ASP A 66 18.15 0.16 10.06
CA ASP A 66 19.40 0.31 10.83
C ASP A 66 20.07 1.67 10.54
N ASP A 67 19.27 2.73 10.43
CA ASP A 67 19.65 4.10 9.98
C ASP A 67 20.05 4.23 8.48
N LYS A 68 20.16 3.11 7.74
CA LYS A 68 20.71 3.07 6.36
C LYS A 68 19.64 3.21 5.29
N TRP A 69 19.93 4.01 4.27
CA TRP A 69 19.02 4.37 3.19
C TRP A 69 18.60 3.15 2.32
N VAL A 70 17.30 2.96 2.13
CA VAL A 70 16.72 1.99 1.18
C VAL A 70 15.47 2.59 0.52
N ALA A 71 15.38 2.49 -0.80
CA ALA A 71 14.23 2.91 -1.61
C ALA A 71 13.49 1.70 -2.24
N ASP A 72 12.36 1.99 -2.89
CA ASP A 72 11.46 1.05 -3.58
C ASP A 72 10.74 0.04 -2.66
N SER A 73 9.42 0.21 -2.52
CA SER A 73 8.63 -0.41 -1.47
C SER A 73 8.59 -1.94 -1.50
N ASP A 74 8.80 -2.60 -2.64
CA ASP A 74 8.97 -4.06 -2.70
C ASP A 74 10.33 -4.53 -2.14
N VAL A 75 11.41 -3.77 -2.35
CA VAL A 75 12.73 -4.01 -1.75
C VAL A 75 12.72 -3.71 -0.25
N ILE A 76 12.01 -2.63 0.14
CA ILE A 76 11.81 -2.25 1.54
C ILE A 76 11.02 -3.32 2.30
N VAL A 77 9.95 -3.87 1.71
CA VAL A 77 9.18 -5.00 2.25
C VAL A 77 10.05 -6.27 2.34
N GLY A 78 10.87 -6.55 1.32
CA GLY A 78 11.80 -7.67 1.33
C GLY A 78 12.83 -7.63 2.46
N ILE A 79 13.19 -6.44 2.97
CA ILE A 79 14.07 -6.29 4.15
C ILE A 79 13.27 -6.21 5.46
N LEU A 80 12.26 -5.35 5.56
CA LEU A 80 11.52 -5.11 6.82
C LEU A 80 10.73 -6.32 7.31
N GLU A 81 10.27 -7.17 6.40
CA GLU A 81 9.48 -8.36 6.73
C GLU A 81 10.33 -9.62 7.00
N GLU A 82 11.66 -9.52 6.87
CA GLU A 82 12.64 -10.56 7.22
C GLU A 82 13.57 -10.13 8.38
N LYS A 83 14.13 -8.91 8.32
CA LYS A 83 15.26 -8.46 9.16
C LYS A 83 14.81 -7.51 10.27
N ASN A 84 14.00 -8.01 11.18
CA ASN A 84 13.53 -7.31 12.39
C ASN A 84 13.53 -8.27 13.61
N PRO A 85 13.46 -7.76 14.86
CA PRO A 85 13.40 -8.61 16.05
C PRO A 85 12.05 -9.34 16.18
N GLU A 86 10.99 -8.76 15.61
CA GLU A 86 9.66 -9.35 15.54
C GLU A 86 9.57 -10.48 14.50
N PRO A 87 8.64 -11.46 14.62
CA PRO A 87 8.57 -12.61 13.74
C PRO A 87 8.43 -12.24 12.25
N PRO A 88 9.10 -12.97 11.33
CA PRO A 88 9.09 -12.63 9.91
C PRO A 88 7.70 -12.80 9.29
N LEU A 89 7.32 -11.79 8.52
CA LEU A 89 6.12 -11.77 7.67
C LEU A 89 6.47 -11.88 6.17
N ALA A 90 7.76 -12.00 5.85
CA ALA A 90 8.31 -12.54 4.61
C ALA A 90 8.14 -14.08 4.52
N THR A 91 6.92 -14.56 4.78
CA THR A 91 6.54 -15.98 4.64
C THR A 91 5.34 -16.08 3.69
N PRO A 92 5.51 -15.77 2.39
CA PRO A 92 4.40 -15.55 1.48
C PRO A 92 3.73 -16.89 1.13
N PRO A 93 2.42 -17.06 1.34
CA PRO A 93 1.68 -18.22 0.85
C PRO A 93 1.50 -18.17 -0.68
N GLU A 94 0.79 -19.15 -1.22
CA GLU A 94 0.47 -19.33 -2.65
C GLU A 94 -0.23 -18.11 -3.27
N PHE A 95 -0.99 -17.37 -2.46
CA PHE A 95 -1.61 -16.08 -2.79
C PHE A 95 -0.63 -15.02 -3.28
N ALA A 96 0.67 -15.11 -2.95
CA ALA A 96 1.71 -14.23 -3.48
C ALA A 96 1.87 -14.33 -5.01
N SER A 97 1.64 -15.52 -5.59
CA SER A 97 1.67 -15.74 -7.04
C SER A 97 0.49 -15.10 -7.78
N VAL A 98 -0.60 -14.80 -7.05
CA VAL A 98 -1.79 -14.08 -7.56
C VAL A 98 -1.64 -12.57 -7.28
N GLY A 99 -1.16 -12.21 -6.08
CA GLY A 99 -0.92 -10.85 -5.66
C GLY A 99 0.14 -10.10 -6.46
N SER A 100 1.14 -10.80 -6.99
CA SER A 100 2.13 -10.22 -7.94
C SER A 100 1.53 -9.84 -9.30
N LYS A 101 0.36 -10.37 -9.67
CA LYS A 101 -0.41 -10.00 -10.86
C LYS A 101 -1.51 -8.97 -10.55
N ILE A 102 -2.11 -9.03 -9.35
CA ILE A 102 -3.08 -8.03 -8.87
C ILE A 102 -2.39 -6.66 -8.61
N PHE A 103 -1.17 -6.65 -8.08
CA PHE A 103 -0.44 -5.41 -7.77
C PHE A 103 -0.23 -4.47 -8.97
N PRO A 104 0.22 -4.94 -10.16
CA PRO A 104 0.27 -4.11 -11.37
C PRO A 104 -1.09 -3.89 -12.03
N SER A 105 -2.06 -4.82 -11.95
CA SER A 105 -3.40 -4.57 -12.53
C SER A 105 -4.21 -3.54 -11.72
N PHE A 106 -3.98 -3.42 -10.41
CA PHE A 106 -4.38 -2.25 -9.61
C PHE A 106 -3.70 -0.95 -10.09
N VAL A 107 -2.40 -0.94 -10.42
CA VAL A 107 -1.73 0.26 -10.96
C VAL A 107 -2.31 0.64 -12.33
N LYS A 108 -2.65 -0.33 -13.17
CA LYS A 108 -3.37 -0.08 -14.44
C LYS A 108 -4.79 0.44 -14.21
N PHE A 109 -5.50 -0.05 -13.20
CA PHE A 109 -6.85 0.40 -12.85
C PHE A 109 -6.87 1.80 -12.22
N LEU A 110 -5.78 2.20 -11.57
CA LEU A 110 -5.50 3.57 -11.11
C LEU A 110 -4.90 4.49 -12.19
N LYS A 111 -4.61 4.01 -13.40
CA LYS A 111 -3.94 4.75 -14.49
C LYS A 111 -4.47 4.38 -15.88
N SER A 112 -5.78 4.18 -16.00
CA SER A 112 -6.43 3.47 -17.13
C SER A 112 -6.48 4.23 -18.46
N LYS A 113 -5.31 4.48 -19.05
CA LYS A 113 -5.15 4.94 -20.45
C LYS A 113 -5.48 3.84 -21.46
N ASP A 114 -5.14 2.60 -21.10
CA ASP A 114 -5.83 1.40 -21.56
C ASP A 114 -7.13 1.25 -20.72
N PRO A 115 -8.34 1.29 -21.33
CA PRO A 115 -9.57 1.71 -20.65
C PRO A 115 -9.92 0.98 -19.36
N ASN A 116 -10.59 1.70 -18.45
CA ASN A 116 -10.84 1.23 -17.09
C ASN A 116 -11.76 0.00 -17.04
N ASP A 117 -12.83 -0.04 -17.83
CA ASP A 117 -13.82 -1.14 -17.84
C ASP A 117 -13.31 -2.41 -18.54
N GLY A 118 -12.27 -2.30 -19.39
CA GLY A 118 -11.51 -3.45 -19.89
C GLY A 118 -10.43 -3.91 -18.90
N THR A 119 -9.79 -2.96 -18.22
CA THR A 119 -8.85 -3.22 -17.11
C THR A 119 -9.53 -3.84 -15.89
N GLU A 120 -10.82 -3.56 -15.67
CA GLU A 120 -11.65 -4.14 -14.61
C GLU A 120 -11.72 -5.66 -14.72
N GLN A 121 -11.88 -6.18 -15.94
CA GLN A 121 -11.94 -7.61 -16.21
C GLN A 121 -10.58 -8.29 -16.02
N ALA A 122 -9.50 -7.62 -16.46
CA ALA A 122 -8.12 -8.07 -16.21
C ALA A 122 -7.69 -8.02 -14.73
N LEU A 123 -8.35 -7.19 -13.91
CA LEU A 123 -8.20 -7.15 -12.45
C LEU A 123 -9.09 -8.21 -11.76
N LEU A 124 -10.32 -8.40 -12.23
CA LEU A 124 -11.31 -9.31 -11.65
C LEU A 124 -10.90 -10.78 -11.72
N GLU A 125 -10.33 -11.27 -12.81
CA GLU A 125 -10.01 -12.71 -12.90
C GLU A 125 -8.95 -13.16 -11.89
N GLU A 126 -7.96 -12.30 -11.60
CA GLU A 126 -6.99 -12.53 -10.52
C GLU A 126 -7.58 -12.31 -9.12
N LEU A 127 -8.47 -11.32 -8.93
CA LEU A 127 -9.19 -11.16 -7.66
C LEU A 127 -10.14 -12.34 -7.36
N LYS A 128 -10.80 -12.93 -8.37
CA LYS A 128 -11.61 -14.15 -8.24
C LYS A 128 -10.75 -15.35 -7.84
N ALA A 129 -9.58 -15.50 -8.45
CA ALA A 129 -8.62 -16.55 -8.13
C ALA A 129 -8.08 -16.42 -6.69
N LEU A 130 -7.85 -15.20 -6.21
CA LEU A 130 -7.50 -14.90 -4.82
C LEU A 130 -8.66 -15.21 -3.86
N ASP A 131 -9.83 -14.64 -4.11
CA ASP A 131 -11.00 -14.66 -3.20
C ASP A 131 -11.61 -16.06 -3.02
N GLY A 132 -11.66 -16.84 -4.11
CA GLY A 132 -12.16 -18.22 -4.08
C GLY A 132 -11.37 -19.15 -3.16
N HIS A 133 -10.06 -18.93 -3.04
CA HIS A 133 -9.20 -19.67 -2.10
C HIS A 133 -9.08 -18.99 -0.72
N LEU A 134 -9.14 -17.66 -0.63
CA LEU A 134 -9.09 -16.95 0.66
C LEU A 134 -10.25 -17.29 1.59
N LYS A 135 -11.43 -17.59 1.04
CA LYS A 135 -12.60 -18.11 1.79
C LYS A 135 -12.40 -19.49 2.43
N VAL A 136 -11.22 -20.11 2.26
CA VAL A 136 -10.78 -21.33 2.96
C VAL A 136 -9.68 -21.07 4.00
N HIS A 137 -8.86 -20.02 3.84
CA HIS A 137 -7.55 -19.91 4.52
C HIS A 137 -7.45 -18.92 5.70
N GLY A 138 -8.46 -18.09 5.94
CA GLY A 138 -8.47 -17.10 7.04
C GLY A 138 -8.65 -15.65 6.57
N PRO A 139 -8.85 -14.69 7.50
CA PRO A 139 -9.46 -13.38 7.22
C PRO A 139 -8.53 -12.34 6.56
N PHE A 140 -7.25 -12.64 6.36
CA PHE A 140 -6.28 -11.73 5.73
C PHE A 140 -6.08 -12.06 4.24
N ILE A 141 -5.43 -11.17 3.47
CA ILE A 141 -5.06 -11.43 2.07
C ILE A 141 -3.95 -12.49 1.92
N ALA A 142 -3.41 -12.97 3.04
CA ALA A 142 -2.57 -14.16 3.15
C ALA A 142 -3.14 -15.22 4.13
N GLY A 143 -4.46 -15.27 4.31
CA GLY A 143 -5.15 -16.27 5.13
C GLY A 143 -5.06 -15.99 6.63
N GLU A 144 -4.28 -16.79 7.36
CA GLU A 144 -4.20 -16.75 8.84
C GLU A 144 -3.73 -15.41 9.41
N LYS A 145 -2.85 -14.71 8.69
CA LYS A 145 -2.10 -13.55 9.17
C LYS A 145 -1.81 -12.55 8.05
N ILE A 146 -1.45 -11.32 8.43
CA ILE A 146 -0.83 -10.34 7.53
C ILE A 146 0.54 -10.85 7.07
N THR A 147 0.84 -10.73 5.77
CA THR A 147 2.17 -10.96 5.18
C THR A 147 2.54 -9.86 4.18
N ALA A 148 3.69 -9.99 3.52
CA ALA A 148 4.06 -9.18 2.36
C ALA A 148 3.01 -9.14 1.22
N VAL A 149 2.09 -10.12 1.13
CA VAL A 149 0.98 -10.11 0.16
C VAL A 149 -0.10 -9.08 0.53
N ASP A 150 -0.46 -8.98 1.82
CA ASP A 150 -1.30 -7.90 2.37
C ASP A 150 -0.65 -6.52 2.20
N LEU A 151 0.65 -6.42 2.48
CA LEU A 151 1.40 -5.18 2.26
C LEU A 151 1.42 -4.76 0.80
N SER A 152 1.19 -5.68 -0.14
CA SER A 152 1.08 -5.37 -1.57
C SER A 152 -0.31 -4.86 -1.95
N LEU A 153 -1.37 -5.55 -1.51
CA LEU A 153 -2.73 -5.33 -2.01
C LEU A 153 -3.61 -4.41 -1.14
N ALA A 154 -3.44 -4.42 0.18
CA ALA A 154 -4.28 -3.70 1.13
C ALA A 154 -4.35 -2.16 0.90
N PRO A 155 -3.22 -1.44 0.72
CA PRO A 155 -3.31 0.00 0.47
C PRO A 155 -3.83 0.34 -0.93
N LYS A 156 -3.60 -0.53 -1.91
CA LYS A 156 -4.17 -0.38 -3.26
C LYS A 156 -5.69 -0.56 -3.29
N LEU A 157 -6.26 -1.39 -2.40
CA LEU A 157 -7.72 -1.50 -2.20
C LEU A 157 -8.33 -0.25 -1.56
N TYR A 158 -7.72 0.31 -0.51
CA TYR A 158 -8.10 1.63 0.05
C TYR A 158 -8.02 2.74 -1.01
N HIS A 159 -7.00 2.68 -1.86
CA HIS A 159 -6.80 3.61 -2.96
C HIS A 159 -7.82 3.47 -4.11
N LEU A 160 -8.52 2.33 -4.25
CA LEU A 160 -9.69 2.22 -5.12
C LEU A 160 -10.93 2.88 -4.49
N GLU A 161 -11.25 2.51 -3.25
CA GLU A 161 -12.45 2.97 -2.53
C GLU A 161 -12.43 4.50 -2.29
N VAL A 162 -11.23 5.08 -2.15
CA VAL A 162 -11.00 6.52 -1.99
C VAL A 162 -10.82 7.25 -3.33
N ALA A 163 -9.69 7.03 -4.01
CA ALA A 163 -9.19 7.96 -5.03
C ALA A 163 -9.90 7.80 -6.38
N LEU A 164 -9.92 6.56 -6.87
CA LEU A 164 -10.72 6.21 -8.05
C LEU A 164 -12.23 6.34 -7.76
N GLY A 165 -12.65 6.10 -6.50
CA GLY A 165 -14.04 6.20 -6.05
C GLY A 165 -14.73 7.55 -6.30
N HIS A 166 -13.98 8.65 -6.35
CA HIS A 166 -14.51 9.98 -6.72
C HIS A 166 -14.90 10.16 -8.19
N PHE A 167 -14.45 9.27 -9.08
CA PHE A 167 -14.69 9.35 -10.54
C PHE A 167 -15.32 8.06 -11.10
N LYS A 168 -15.04 6.92 -10.47
CA LYS A 168 -15.75 5.64 -10.60
C LYS A 168 -15.75 4.93 -9.25
N ASN A 169 -16.83 5.08 -8.49
CA ASN A 169 -17.14 4.27 -7.31
C ASN A 169 -17.46 2.83 -7.73
N TRP A 170 -16.41 2.05 -7.99
CA TRP A 170 -16.50 0.70 -8.52
C TRP A 170 -17.09 -0.26 -7.48
N PRO A 171 -18.26 -0.89 -7.73
CA PRO A 171 -18.83 -1.86 -6.81
C PRO A 171 -18.00 -3.16 -6.81
N ILE A 172 -17.15 -3.32 -5.80
CA ILE A 172 -16.45 -4.58 -5.49
C ILE A 172 -17.52 -5.68 -5.31
N PRO A 173 -17.62 -6.68 -6.20
CA PRO A 173 -18.77 -7.58 -6.20
C PRO A 173 -18.87 -8.40 -4.91
N ASP A 174 -20.09 -8.77 -4.51
CA ASP A 174 -20.36 -9.69 -3.40
C ASP A 174 -19.85 -11.11 -3.63
N ASN A 175 -19.60 -11.46 -4.91
CA ASN A 175 -18.87 -12.66 -5.33
C ASN A 175 -17.42 -12.68 -4.83
N LEU A 176 -16.75 -11.52 -4.77
CA LEU A 176 -15.49 -11.28 -4.08
C LEU A 176 -15.72 -11.05 -2.58
N THR A 177 -16.43 -11.98 -1.95
CA THR A 177 -16.93 -11.86 -0.58
C THR A 177 -15.81 -11.70 0.44
N HIS A 178 -14.60 -12.21 0.16
CA HIS A 178 -13.44 -12.01 1.00
C HIS A 178 -12.83 -10.61 0.82
N VAL A 179 -12.61 -10.18 -0.42
CA VAL A 179 -12.03 -8.85 -0.72
C VAL A 179 -12.95 -7.73 -0.23
N LEU A 180 -14.27 -7.89 -0.38
CA LEU A 180 -15.27 -6.95 0.12
C LEU A 180 -15.26 -6.82 1.66
N ASN A 181 -15.11 -7.92 2.39
CA ASN A 181 -14.91 -7.92 3.85
C ASN A 181 -13.54 -7.34 4.25
N TYR A 182 -12.47 -7.72 3.53
CA TYR A 182 -11.10 -7.30 3.81
C TYR A 182 -10.91 -5.78 3.64
N ILE A 183 -11.64 -5.15 2.71
CA ILE A 183 -11.73 -3.69 2.59
C ILE A 183 -12.24 -3.05 3.89
N LYS A 184 -13.16 -3.70 4.61
CA LYS A 184 -13.68 -3.19 5.90
C LYS A 184 -12.73 -3.47 7.07
N LEU A 185 -11.78 -4.41 6.92
CA LEU A 185 -10.61 -4.50 7.80
C LEU A 185 -9.61 -3.34 7.61
N LEU A 186 -9.63 -2.61 6.49
CA LEU A 186 -8.68 -1.50 6.25
C LEU A 186 -8.85 -0.32 7.23
N PHE A 187 -9.99 -0.20 7.89
CA PHE A 187 -10.27 0.79 8.93
C PHE A 187 -10.08 0.21 10.36
N SER A 188 -9.52 -0.99 10.47
CA SER A 188 -9.44 -1.78 11.70
C SER A 188 -7.99 -2.04 12.19
N ARG A 189 -7.87 -2.74 13.33
CA ARG A 189 -6.62 -2.92 14.09
C ARG A 189 -6.03 -1.56 14.47
N GLU A 190 -4.76 -1.53 14.86
CA GLU A 190 -3.96 -0.31 14.76
C GLU A 190 -3.35 -0.14 13.36
N SER A 191 -3.06 -1.25 12.69
CA SER A 191 -2.13 -1.33 11.56
C SER A 191 -2.69 -0.77 10.26
N PHE A 192 -3.80 -1.31 9.74
CA PHE A 192 -4.48 -0.73 8.57
C PHE A 192 -5.04 0.66 8.87
N LYS A 193 -5.64 0.81 10.05
CA LYS A 193 -6.23 2.07 10.54
C LYS A 193 -5.25 3.26 10.52
N LYS A 194 -3.95 3.04 10.75
CA LYS A 194 -2.90 4.08 10.70
C LYS A 194 -2.29 4.33 9.32
N THR A 195 -2.60 3.54 8.29
CA THR A 195 -2.22 3.91 6.91
C THR A 195 -3.06 5.04 6.35
N ARG A 196 -4.25 5.31 6.94
CA ARG A 196 -5.22 6.29 6.45
C ARG A 196 -4.61 7.71 6.38
N ALA A 197 -4.83 8.38 5.25
CA ALA A 197 -4.55 9.80 5.05
C ALA A 197 -5.87 10.61 5.01
N ALA A 198 -5.80 11.94 4.90
CA ALA A 198 -7.00 12.72 4.59
C ALA A 198 -7.43 12.45 3.14
N GLU A 199 -8.61 11.87 2.93
CA GLU A 199 -9.04 11.31 1.64
C GLU A 199 -9.00 12.31 0.48
N GLU A 200 -9.31 13.59 0.74
CA GLU A 200 -9.21 14.70 -0.24
C GLU A 200 -7.79 14.83 -0.82
N HIS A 201 -6.79 14.68 0.06
CA HIS A 201 -5.37 14.77 -0.23
C HIS A 201 -4.76 13.45 -0.72
N VAL A 202 -5.56 12.37 -0.76
CA VAL A 202 -5.31 11.18 -1.56
C VAL A 202 -5.84 11.39 -2.99
N ILE A 203 -7.09 11.83 -3.15
CA ILE A 203 -7.73 12.07 -4.45
C ILE A 203 -6.98 13.11 -5.29
N ALA A 204 -6.76 14.31 -4.73
CA ALA A 204 -6.00 15.40 -5.36
C ALA A 204 -4.49 15.10 -5.47
N GLY A 205 -3.99 14.10 -4.73
CA GLY A 205 -2.62 13.61 -4.86
C GLY A 205 -2.46 12.60 -6.01
N TRP A 206 -3.51 11.88 -6.35
CA TRP A 206 -3.56 10.81 -7.36
C TRP A 206 -3.90 11.29 -8.77
N GLU A 207 -4.77 12.29 -8.91
CA GLU A 207 -5.19 12.82 -10.22
C GLU A 207 -4.02 13.10 -11.20
N PRO A 208 -2.93 13.81 -10.81
CA PRO A 208 -1.77 13.98 -11.68
C PRO A 208 -0.95 12.69 -11.91
N LYS A 209 -1.00 11.72 -10.98
CA LYS A 209 -0.34 10.41 -11.12
C LYS A 209 -1.04 9.44 -12.08
N VAL A 210 -2.22 9.79 -12.60
CA VAL A 210 -2.75 9.19 -13.84
C VAL A 210 -1.81 9.47 -15.03
N ASN A 211 -0.93 10.47 -14.91
CA ASN A 211 0.11 10.82 -15.88
C ASN A 211 1.56 10.72 -15.35
N ALA A 212 1.80 10.02 -14.24
CA ALA A 212 3.14 9.68 -13.71
C ALA A 212 3.18 8.23 -13.24
#